data_2BYS
#
_entry.id   2BYS
#
_cell.length_a   75.764
_cell.length_b   85.731
_cell.length_c   117.318
_cell.angle_alpha   89.95
_cell.angle_beta   97.33
_cell.angle_gamma   106.64
#
_symmetry.space_group_name_H-M   'P 1'
#
loop_
_entity.id
_entity.type
_entity.pdbx_description
1 polymer 'ACETYLCHOLINE-BINDING PROTEIN'
2 non-polymer LOBELINE
3 water water
#
_entity_poly.entity_id   1
_entity_poly.type   'polypeptide(L)'
_entity_poly.pdbx_seq_one_letter_code
;YKDDDDKLHSQANLMRLKSDLFNRSPMYPGPTKDDPLTVTLGFTLQDIVKADSSTNEVDLVYYEQQRWKLNSLMWDPNEY
GNITDFRTSAADIWTPDITAYSSTRPVQVLSPQIAVVTHDGSVMFIPAQRLSFMCDPTGVDSEEGATCAVKFGSWVYSGF
EIDLKTDTDQVDLSSYYASSKYEILSATQTRQVQHYSCCPEPYIDVNLVVKFRERRAGNGFFRNLFD
;
_entity_poly.pdbx_strand_id   A,B,C,D,E,F,G,H,I,J
#
loop_
_chem_comp.id
_chem_comp.type
_chem_comp.name
_chem_comp.formula
LOB non-polymer LOBELINE 'C22 H27 N O2'
#
# COMPACT_ATOMS: atom_id res chain seq x y z
N SER A 10 -55.03 15.52 -31.69
CA SER A 10 -54.88 14.18 -31.02
C SER A 10 -53.39 13.76 -31.00
N GLN A 11 -52.72 13.97 -32.13
CA GLN A 11 -51.27 13.99 -32.21
C GLN A 11 -50.69 15.12 -31.34
N ALA A 12 -51.25 16.33 -31.48
CA ALA A 12 -50.79 17.50 -30.73
C ALA A 12 -50.81 17.25 -29.22
N ASN A 13 -51.95 16.77 -28.72
CA ASN A 13 -52.13 16.46 -27.31
C ASN A 13 -51.09 15.51 -26.76
N LEU A 14 -50.77 14.49 -27.54
CA LEU A 14 -49.82 13.46 -27.15
C LEU A 14 -48.41 14.02 -27.04
N MET A 15 -47.96 14.68 -28.10
CA MET A 15 -46.65 15.34 -28.12
C MET A 15 -46.55 16.48 -27.08
N ARG A 16 -47.70 17.04 -26.70
CA ARG A 16 -47.77 18.00 -25.60
C ARG A 16 -47.58 17.30 -24.24
N LEU A 17 -48.19 16.14 -24.08
CA LEU A 17 -48.09 15.35 -22.85
C LEU A 17 -46.66 14.85 -22.60
N LYS A 18 -46.12 14.11 -23.56
CA LYS A 18 -44.78 13.52 -23.42
C LYS A 18 -43.76 14.60 -23.10
N SER A 19 -43.84 15.70 -23.85
CA SER A 19 -43.09 16.92 -23.56
C SER A 19 -43.26 17.35 -22.10
N ASP A 20 -44.51 17.56 -21.69
CA ASP A 20 -44.85 17.98 -20.32
C ASP A 20 -44.29 17.05 -19.24
N LEU A 21 -44.34 15.74 -19.49
CA LEU A 21 -43.91 14.74 -18.51
C LEU A 21 -42.39 14.63 -18.37
N PHE A 22 -41.67 14.86 -19.47
CA PHE A 22 -40.23 14.57 -19.51
C PHE A 22 -39.33 15.80 -19.29
N ASN A 23 -39.54 16.86 -20.07
CA ASN A 23 -38.67 18.04 -19.96
C ASN A 23 -39.08 18.97 -18.80
N ARG A 24 -39.91 18.47 -17.88
CA ARG A 24 -40.33 19.26 -16.70
C ARG A 24 -40.59 18.40 -15.46
N SER A 25 -39.50 17.82 -14.95
CA SER A 25 -39.48 17.15 -13.65
C SER A 25 -38.14 17.45 -12.98
N TYR A 28 -37.03 11.26 -13.00
CA TYR A 28 -37.24 10.70 -11.66
C TYR A 28 -36.00 9.91 -11.25
N PRO A 29 -35.43 10.23 -10.07
CA PRO A 29 -34.09 9.78 -9.63
C PRO A 29 -33.95 8.32 -9.17
N GLY A 30 -34.93 7.47 -9.45
CA GLY A 30 -34.96 6.11 -8.93
C GLY A 30 -35.51 6.10 -7.51
N PRO A 31 -35.76 4.90 -6.96
CA PRO A 31 -36.35 4.80 -5.63
C PRO A 31 -35.34 5.09 -4.51
N THR A 32 -35.84 5.59 -3.38
CA THR A 32 -35.05 5.80 -2.17
C THR A 32 -35.73 5.11 -1.01
N LYS A 33 -35.11 5.14 0.17
CA LYS A 33 -35.76 4.58 1.38
C LYS A 33 -37.01 5.36 1.73
N ASP A 34 -36.96 6.68 1.50
CA ASP A 34 -38.10 7.55 1.76
C ASP A 34 -39.21 7.39 0.72
N ASP A 35 -38.84 6.93 -0.47
CA ASP A 35 -39.77 6.81 -1.59
C ASP A 35 -39.51 5.47 -2.29
N PRO A 36 -39.88 4.36 -1.63
CA PRO A 36 -39.63 3.04 -2.19
C PRO A 36 -40.60 2.68 -3.30
N LEU A 37 -40.27 1.62 -4.03
CA LEU A 37 -41.03 1.21 -5.19
C LEU A 37 -41.25 -0.29 -5.14
N THR A 38 -42.45 -0.73 -5.53
CA THR A 38 -42.72 -2.16 -5.66
C THR A 38 -42.86 -2.49 -7.15
N VAL A 39 -42.06 -3.47 -7.59
CA VAL A 39 -42.09 -3.96 -8.97
C VAL A 39 -42.71 -5.36 -9.00
N THR A 40 -43.73 -5.53 -9.83
CA THR A 40 -44.32 -6.84 -10.02
C THR A 40 -43.61 -7.52 -11.17
N LEU A 41 -43.23 -8.79 -10.98
CA LEU A 41 -42.53 -9.59 -11.98
C LEU A 41 -43.33 -10.83 -12.34
N GLY A 42 -43.32 -11.17 -13.62
CA GLY A 42 -43.85 -12.43 -14.09
C GLY A 42 -43.05 -12.91 -15.28
N PHE A 43 -42.81 -14.21 -15.36
CA PHE A 43 -42.06 -14.79 -16.46
C PHE A 43 -42.95 -15.65 -17.36
N THR A 44 -42.67 -15.56 -18.66
CA THR A 44 -43.28 -16.39 -19.68
C THR A 44 -42.15 -17.17 -20.33
N LEU A 45 -42.08 -18.47 -20.06
CA LEU A 45 -41.00 -19.27 -20.64
C LEU A 45 -41.37 -19.69 -22.07
N GLN A 46 -40.55 -19.27 -23.04
CA GLN A 46 -40.78 -19.53 -24.47
CA GLN A 46 -40.80 -19.56 -24.46
C GLN A 46 -40.06 -20.79 -24.96
N ASP A 47 -38.86 -21.02 -24.46
CA ASP A 47 -38.05 -22.14 -24.93
C ASP A 47 -36.86 -22.40 -24.03
N ILE A 48 -36.55 -23.66 -23.79
CA ILE A 48 -35.21 -24.03 -23.33
C ILE A 48 -34.48 -24.43 -24.61
N VAL A 49 -33.51 -23.60 -25.00
CA VAL A 49 -32.85 -23.77 -26.30
C VAL A 49 -31.76 -24.83 -26.21
N LYS A 50 -30.94 -24.77 -25.16
CA LYS A 50 -29.72 -25.56 -25.07
C LYS A 50 -29.41 -25.92 -23.63
N ALA A 51 -28.95 -27.16 -23.42
CA ALA A 51 -28.45 -27.57 -22.11
C ALA A 51 -27.06 -28.16 -22.29
N ASP A 52 -26.05 -27.50 -21.72
CA ASP A 52 -24.65 -27.87 -21.90
C ASP A 52 -24.11 -28.55 -20.63
N SER A 53 -23.91 -29.85 -20.73
CA SER A 53 -23.42 -30.63 -19.60
C SER A 53 -21.89 -30.69 -19.52
N SER A 54 -21.20 -30.07 -20.49
CA SER A 54 -19.75 -29.92 -20.41
C SER A 54 -19.37 -28.67 -19.59
N THR A 55 -20.27 -27.70 -19.53
CA THR A 55 -20.06 -26.46 -18.77
C THR A 55 -21.13 -26.18 -17.70
N ASN A 56 -22.18 -27.00 -17.67
CA ASN A 56 -23.36 -26.81 -16.81
C ASN A 56 -23.92 -25.39 -16.97
N GLU A 57 -24.30 -25.07 -18.21
CA GLU A 57 -25.05 -23.86 -18.54
C GLU A 57 -26.30 -24.26 -19.30
N VAL A 58 -27.38 -23.55 -19.06
CA VAL A 58 -28.62 -23.73 -19.81
C VAL A 58 -29.07 -22.38 -20.34
N ASP A 59 -29.58 -22.38 -21.58
CA ASP A 59 -30.03 -21.17 -22.25
C ASP A 59 -31.54 -21.17 -22.33
N LEU A 60 -32.15 -20.07 -21.89
CA LEU A 60 -33.60 -19.89 -21.92
C LEU A 60 -33.97 -18.70 -22.78
N VAL A 61 -35.08 -18.81 -23.50
CA VAL A 61 -35.75 -17.64 -24.06
C VAL A 61 -37.05 -17.44 -23.29
N TYR A 62 -37.32 -16.19 -22.88
CA TYR A 62 -38.43 -15.90 -21.99
C TYR A 62 -38.80 -14.41 -22.08
N TYR A 63 -40.00 -14.03 -21.64
CA TYR A 63 -40.33 -12.64 -21.30
C TYR A 63 -40.24 -12.41 -19.81
N GLU A 64 -40.01 -11.15 -19.47
CA GLU A 64 -39.97 -10.70 -18.11
C GLU A 64 -40.95 -9.54 -18.06
N GLN A 65 -42.19 -9.83 -17.69
CA GLN A 65 -43.19 -8.79 -17.52
C GLN A 65 -42.84 -8.01 -16.25
N GLN A 66 -42.76 -6.69 -16.39
CA GLN A 66 -42.42 -5.79 -15.29
C GLN A 66 -43.47 -4.72 -15.19
N ARG A 67 -43.94 -4.48 -13.96
CA ARG A 67 -44.91 -3.41 -13.68
CA ARG A 67 -44.93 -3.44 -13.66
C ARG A 67 -44.47 -2.62 -12.46
N TRP A 68 -44.64 -1.31 -12.54
CA TRP A 68 -44.40 -0.44 -11.41
C TRP A 68 -45.22 0.83 -11.63
N LYS A 69 -45.23 1.72 -10.64
CA LYS A 69 -46.07 2.91 -10.69
C LYS A 69 -45.37 4.11 -10.06
N LEU A 70 -45.45 5.27 -10.74
CA LEU A 70 -44.80 6.51 -10.29
C LEU A 70 -45.79 7.66 -10.29
N ASN A 71 -45.81 8.43 -9.20
CA ASN A 71 -46.62 9.64 -9.15
C ASN A 71 -46.15 10.69 -10.16
N SER A 72 -44.86 10.72 -10.44
CA SER A 72 -44.29 11.67 -11.42
C SER A 72 -44.76 11.40 -12.86
N LEU A 73 -45.27 10.20 -13.13
CA LEU A 73 -45.80 9.83 -14.45
C LEU A 73 -47.33 9.95 -14.55
N MET A 74 -47.97 10.56 -13.55
CA MET A 74 -49.43 10.73 -13.55
C MET A 74 -49.88 11.94 -14.38
N TRP A 75 -51.07 11.83 -14.97
CA TRP A 75 -51.72 13.00 -15.56
C TRP A 75 -53.25 12.86 -15.60
N ASP A 76 -53.91 13.98 -15.92
CA ASP A 76 -55.36 14.02 -16.10
C ASP A 76 -55.67 13.93 -17.60
N PRO A 77 -56.32 12.83 -18.05
CA PRO A 77 -56.71 12.69 -19.46
C PRO A 77 -57.51 13.87 -20.02
N ASN A 78 -58.34 14.48 -19.19
CA ASN A 78 -59.13 15.63 -19.63
C ASN A 78 -58.29 16.84 -20.06
N GLU A 79 -57.06 16.94 -19.57
CA GLU A 79 -56.15 18.01 -19.98
C GLU A 79 -55.25 17.62 -21.16
N TYR A 80 -55.45 16.43 -21.74
CA TYR A 80 -54.67 16.01 -22.92
C TYR A 80 -55.52 15.22 -23.91
N GLY A 81 -56.72 15.74 -24.19
CA GLY A 81 -57.62 15.17 -25.17
C GLY A 81 -58.07 13.75 -24.86
N ASN A 82 -58.36 13.48 -23.58
CA ASN A 82 -58.78 12.16 -23.11
C ASN A 82 -57.81 11.05 -23.56
N ILE A 83 -56.51 11.35 -23.55
CA ILE A 83 -55.47 10.34 -23.72
C ILE A 83 -55.28 9.67 -22.36
N THR A 84 -55.17 8.34 -22.37
CA THR A 84 -55.13 7.54 -21.14
C THR A 84 -53.82 6.75 -20.97
N ASP A 85 -53.12 6.55 -22.08
CA ASP A 85 -51.80 5.92 -22.07
C ASP A 85 -51.07 6.29 -23.35
N PHE A 86 -49.82 5.87 -23.43
CA PHE A 86 -48.99 6.06 -24.62
C PHE A 86 -47.78 5.12 -24.57
N ARG A 87 -47.27 4.76 -25.75
CA ARG A 87 -46.03 3.99 -25.88
C ARG A 87 -44.83 4.91 -25.83
N THR A 88 -43.73 4.46 -25.23
CA THR A 88 -42.49 5.23 -25.24
C THR A 88 -41.28 4.31 -25.11
N SER A 89 -40.15 4.73 -25.66
CA SER A 89 -38.89 4.00 -25.50
C SER A 89 -38.53 3.83 -24.04
N ALA A 90 -38.01 2.64 -23.69
CA ALA A 90 -37.58 2.36 -22.32
C ALA A 90 -36.52 3.36 -21.81
N ALA A 91 -35.78 3.96 -22.74
CA ALA A 91 -34.72 4.92 -22.38
C ALA A 91 -35.30 6.28 -21.95
N ASP A 92 -36.52 6.59 -22.37
CA ASP A 92 -37.17 7.86 -22.01
C ASP A 92 -37.61 7.95 -20.55
N ILE A 93 -37.64 6.81 -19.87
CA ILE A 93 -38.07 6.74 -18.48
C ILE A 93 -37.12 5.89 -17.64
N TRP A 94 -37.33 5.94 -16.33
CA TRP A 94 -36.61 5.09 -15.40
C TRP A 94 -37.16 3.67 -15.53
N THR A 95 -36.26 2.70 -15.55
CA THR A 95 -36.64 1.30 -15.51
C THR A 95 -35.81 0.59 -14.44
N PRO A 96 -36.39 -0.45 -13.81
CA PRO A 96 -35.69 -1.16 -12.76
C PRO A 96 -34.55 -2.04 -13.26
N ASP A 97 -33.52 -2.16 -12.44
CA ASP A 97 -32.30 -2.87 -12.83
C ASP A 97 -32.40 -4.35 -12.48
N ILE A 98 -33.47 -4.99 -12.96
CA ILE A 98 -33.73 -6.38 -12.64
C ILE A 98 -32.73 -7.25 -13.37
N THR A 99 -32.05 -8.09 -12.59
CA THR A 99 -30.88 -8.84 -13.06
C THR A 99 -30.96 -10.28 -12.56
N ALA A 100 -30.51 -11.22 -13.40
CA ALA A 100 -30.35 -12.62 -13.01
C ALA A 100 -29.07 -12.78 -12.18
N TYR A 101 -29.18 -13.49 -11.05
CA TYR A 101 -28.07 -13.61 -10.11
C TYR A 101 -26.95 -14.47 -10.66
N SER A 102 -27.33 -15.50 -11.43
CA SER A 102 -26.41 -16.56 -11.84
C SER A 102 -26.25 -16.69 -13.36
N SER A 103 -26.43 -15.58 -14.10
CA SER A 103 -26.12 -15.56 -15.54
C SER A 103 -24.65 -15.80 -15.77
N THR A 104 -24.32 -16.48 -16.87
CA THR A 104 -22.93 -16.77 -17.23
C THR A 104 -22.45 -15.96 -18.44
N ARG A 105 -23.38 -15.27 -19.11
CA ARG A 105 -23.07 -14.39 -20.24
CA ARG A 105 -23.04 -14.36 -20.22
C ARG A 105 -24.04 -13.21 -20.20
N PRO A 106 -23.68 -12.08 -20.85
CA PRO A 106 -24.64 -10.97 -20.88
C PRO A 106 -25.95 -11.37 -21.57
N VAL A 107 -27.05 -10.91 -21.00
CA VAL A 107 -28.36 -11.13 -21.57
C VAL A 107 -28.47 -10.52 -22.96
N GLN A 108 -29.16 -11.23 -23.85
CA GLN A 108 -29.40 -10.76 -25.20
C GLN A 108 -30.86 -10.40 -25.34
N VAL A 109 -31.09 -9.17 -25.77
CA VAL A 109 -32.43 -8.63 -25.89
C VAL A 109 -33.02 -9.01 -27.26
N LEU A 110 -34.20 -9.62 -27.24
CA LEU A 110 -34.82 -10.15 -28.44
C LEU A 110 -36.01 -9.31 -28.91
N SER A 111 -36.35 -8.26 -28.17
CA SER A 111 -37.51 -7.42 -28.53
C SER A 111 -37.22 -5.93 -28.42
N PRO A 112 -38.04 -5.08 -29.10
CA PRO A 112 -37.93 -3.64 -28.93
C PRO A 112 -37.97 -3.27 -27.44
N GLN A 113 -37.23 -2.25 -27.04
CA GLN A 113 -37.26 -1.77 -25.67
CA GLN A 113 -37.27 -1.77 -25.66
C GLN A 113 -38.19 -0.56 -25.59
N ILE A 114 -39.50 -0.86 -25.56
CA ILE A 114 -40.56 0.13 -25.56
C ILE A 114 -41.54 -0.26 -24.45
N ALA A 115 -41.95 0.73 -23.65
CA ALA A 115 -42.86 0.51 -22.52
C ALA A 115 -44.16 1.26 -22.77
N VAL A 116 -45.17 0.98 -21.95
CA VAL A 116 -46.45 1.67 -22.01
C VAL A 116 -46.73 2.34 -20.66
N VAL A 117 -46.95 3.64 -20.68
CA VAL A 117 -47.27 4.42 -19.49
C VAL A 117 -48.75 4.76 -19.50
N THR A 118 -49.43 4.53 -18.37
CA THR A 118 -50.84 4.83 -18.23
C THR A 118 -51.02 6.07 -17.34
N HIS A 119 -52.18 6.73 -17.44
CA HIS A 119 -52.40 8.03 -16.78
C HIS A 119 -52.34 8.01 -15.25
N ASP A 120 -52.54 6.85 -14.64
CA ASP A 120 -52.40 6.70 -13.18
C ASP A 120 -50.93 6.56 -12.76
N GLY A 121 -50.00 6.72 -13.70
CA GLY A 121 -48.58 6.65 -13.42
C GLY A 121 -47.98 5.26 -13.50
N SER A 122 -48.80 4.27 -13.85
CA SER A 122 -48.33 2.89 -13.93
C SER A 122 -47.63 2.63 -15.27
N VAL A 123 -46.60 1.79 -15.23
CA VAL A 123 -45.81 1.46 -16.40
C VAL A 123 -45.79 -0.05 -16.56
N MET A 124 -45.88 -0.54 -17.80
CA MET A 124 -45.64 -1.93 -18.10
C MET A 124 -44.58 -2.09 -19.19
N PHE A 125 -43.70 -3.06 -19.00
CA PHE A 125 -42.57 -3.29 -19.88
C PHE A 125 -42.33 -4.80 -19.95
N ILE A 126 -42.30 -5.35 -21.16
CA ILE A 126 -42.23 -6.80 -21.34
C ILE A 126 -41.13 -7.19 -22.33
N PRO A 127 -39.86 -7.08 -21.90
CA PRO A 127 -38.75 -7.47 -22.77
C PRO A 127 -38.60 -8.98 -22.94
N ALA A 128 -38.34 -9.42 -24.18
CA ALA A 128 -37.92 -10.78 -24.45
C ALA A 128 -36.40 -10.82 -24.41
N GLN A 129 -35.86 -11.91 -23.86
CA GLN A 129 -34.44 -12.03 -23.61
C GLN A 129 -34.01 -13.48 -23.80
N ARG A 130 -32.77 -13.70 -24.24
CA ARG A 130 -32.10 -15.01 -24.10
C ARG A 130 -31.03 -14.92 -23.02
N LEU A 131 -31.07 -15.86 -22.08
CA LEU A 131 -30.19 -15.91 -20.91
C LEU A 131 -29.45 -17.26 -20.82
N SER A 132 -28.13 -17.23 -20.66
CA SER A 132 -27.38 -18.41 -20.22
C SER A 132 -27.16 -18.28 -18.72
N PHE A 133 -27.49 -19.33 -17.96
CA PHE A 133 -27.33 -19.34 -16.51
C PHE A 133 -26.80 -20.67 -16.02
N MET A 134 -26.35 -20.67 -14.77
CA MET A 134 -25.73 -21.83 -14.15
C MET A 134 -26.77 -22.93 -13.84
N CYS A 135 -26.55 -24.12 -14.42
CA CYS A 135 -27.52 -25.20 -14.38
C CYS A 135 -26.86 -26.54 -14.71
N ASP A 136 -26.88 -27.47 -13.76
CA ASP A 136 -26.45 -28.85 -14.00
C ASP A 136 -27.61 -29.67 -14.54
N PRO A 137 -27.59 -29.98 -15.85
CA PRO A 137 -28.72 -30.69 -16.44
C PRO A 137 -28.71 -32.20 -16.22
N THR A 138 -27.92 -32.70 -15.27
CA THR A 138 -27.93 -34.12 -14.95
C THR A 138 -29.36 -34.59 -14.69
N GLY A 139 -29.76 -35.66 -15.38
CA GLY A 139 -31.09 -36.24 -15.25
C GLY A 139 -32.06 -35.85 -16.36
N VAL A 140 -31.63 -34.98 -17.26
CA VAL A 140 -32.49 -34.50 -18.34
C VAL A 140 -32.89 -35.66 -19.30
N ASP A 141 -32.01 -36.65 -19.41
CA ASP A 141 -32.29 -37.84 -20.21
C ASP A 141 -32.97 -38.95 -19.40
N SER A 142 -33.84 -38.56 -18.47
CA SER A 142 -34.61 -39.50 -17.65
C SER A 142 -36.07 -39.04 -17.51
N GLU A 143 -36.91 -39.95 -17.01
CA GLU A 143 -38.32 -39.65 -16.75
C GLU A 143 -38.48 -38.51 -15.74
N GLU A 144 -37.63 -38.51 -14.73
CA GLU A 144 -37.70 -37.55 -13.63
C GLU A 144 -37.21 -36.18 -14.08
N GLY A 145 -36.25 -36.17 -15.01
CA GLY A 145 -35.77 -34.94 -15.62
C GLY A 145 -34.72 -34.20 -14.80
N ALA A 146 -34.42 -32.97 -15.21
CA ALA A 146 -33.47 -32.11 -14.52
C ALA A 146 -34.23 -31.00 -13.83
N THR A 147 -33.60 -30.42 -12.81
CA THR A 147 -34.16 -29.28 -12.09
C THR A 147 -33.13 -28.18 -12.02
N CYS A 148 -33.53 -26.96 -12.36
CA CYS A 148 -32.65 -25.79 -12.26
C CYS A 148 -33.40 -24.57 -11.77
N ALA A 149 -32.66 -23.63 -11.20
CA ALA A 149 -33.21 -22.42 -10.61
C ALA A 149 -32.31 -21.23 -10.92
N VAL A 150 -32.95 -20.08 -11.06
CA VAL A 150 -32.25 -18.82 -11.25
C VAL A 150 -33.12 -17.71 -10.67
N LYS A 151 -32.54 -16.89 -9.81
CA LYS A 151 -33.28 -15.81 -9.15
C LYS A 151 -32.99 -14.47 -9.84
N PHE A 152 -34.00 -13.59 -9.80
CA PHE A 152 -33.97 -12.31 -10.47
C PHE A 152 -34.26 -11.23 -9.43
N GLY A 153 -33.53 -10.12 -9.49
CA GLY A 153 -33.74 -9.03 -8.55
C GLY A 153 -32.98 -7.78 -8.93
N SER A 154 -33.21 -6.72 -8.18
CA SER A 154 -32.45 -5.50 -8.37
C SER A 154 -31.02 -5.74 -7.95
N TRP A 155 -30.06 -5.34 -8.79
CA TRP A 155 -28.66 -5.50 -8.48
C TRP A 155 -28.25 -4.60 -7.33
N VAL A 156 -28.70 -3.34 -7.34
CA VAL A 156 -28.18 -2.34 -6.39
C VAL A 156 -29.18 -1.80 -5.39
N TYR A 157 -30.47 -2.13 -5.52
CA TYR A 157 -31.47 -1.65 -4.57
C TYR A 157 -31.92 -2.76 -3.63
N SER A 158 -31.82 -2.48 -2.32
CA SER A 158 -32.24 -3.42 -1.29
C SER A 158 -33.75 -3.40 -1.14
N GLY A 159 -34.27 -4.29 -0.30
CA GLY A 159 -35.70 -4.35 -0.01
C GLY A 159 -36.31 -3.03 0.44
N PHE A 160 -35.50 -2.16 1.03
CA PHE A 160 -35.94 -0.83 1.45
C PHE A 160 -36.13 0.18 0.33
N GLU A 161 -35.59 -0.12 -0.86
CA GLU A 161 -35.72 0.76 -2.02
C GLU A 161 -36.60 0.13 -3.07
N ILE A 162 -36.31 -1.12 -3.43
CA ILE A 162 -37.16 -1.86 -4.37
C ILE A 162 -37.63 -3.17 -3.74
N ASP A 163 -38.94 -3.31 -3.64
CA ASP A 163 -39.58 -4.57 -3.28
C ASP A 163 -40.11 -5.21 -4.56
N LEU A 164 -40.25 -6.54 -4.54
CA LEU A 164 -40.76 -7.30 -5.65
C LEU A 164 -42.03 -8.01 -5.24
N LYS A 165 -42.95 -8.21 -6.17
CA LYS A 165 -44.04 -9.16 -5.94
C LYS A 165 -44.35 -9.95 -7.20
N THR A 166 -45.06 -11.05 -6.99
CA THR A 166 -45.57 -11.86 -8.07
C THR A 166 -47.08 -11.77 -8.08
N ASP A 167 -47.63 -11.98 -9.26
CA ASP A 167 -49.07 -12.03 -9.44
C ASP A 167 -49.57 -13.48 -9.28
N THR A 168 -48.65 -14.43 -9.48
CA THR A 168 -48.93 -15.85 -9.41
C THR A 168 -47.62 -16.62 -9.21
N ASP A 169 -47.69 -17.81 -8.62
CA ASP A 169 -46.51 -18.68 -8.53
C ASP A 169 -46.23 -19.38 -9.86
N GLN A 170 -47.19 -19.35 -10.79
CA GLN A 170 -47.05 -20.13 -12.01
C GLN A 170 -46.39 -19.34 -13.12
N VAL A 171 -45.28 -19.87 -13.61
CA VAL A 171 -44.64 -19.32 -14.80
C VAL A 171 -45.56 -19.60 -15.98
N ASP A 172 -45.79 -18.58 -16.82
CA ASP A 172 -46.69 -18.71 -17.96
C ASP A 172 -46.05 -19.61 -19.02
N LEU A 173 -46.66 -20.79 -19.22
CA LEU A 173 -46.15 -21.79 -20.17
C LEU A 173 -47.02 -21.90 -21.42
N SER A 174 -47.98 -20.99 -21.58
CA SER A 174 -48.94 -21.08 -22.67
C SER A 174 -48.34 -20.83 -24.07
N SER A 175 -47.15 -20.24 -24.16
CA SER A 175 -46.46 -20.03 -25.44
C SER A 175 -45.18 -20.85 -25.55
N TYR A 176 -44.96 -21.79 -24.64
CA TYR A 176 -43.76 -22.61 -24.70
C TYR A 176 -43.73 -23.35 -26.04
N TYR A 177 -42.55 -23.31 -26.69
CA TYR A 177 -42.36 -23.87 -28.01
C TYR A 177 -42.64 -25.37 -28.00
N ALA A 178 -43.66 -25.78 -28.76
CA ALA A 178 -44.18 -27.15 -28.71
C ALA A 178 -43.21 -28.19 -29.24
N SER A 179 -42.27 -27.78 -30.08
CA SER A 179 -41.26 -28.70 -30.62
C SER A 179 -39.85 -28.42 -30.10
N SER A 180 -39.76 -27.91 -28.89
CA SER A 180 -38.47 -27.73 -28.21
C SER A 180 -37.79 -29.08 -28.00
N LYS A 181 -36.48 -29.06 -27.84
CA LYS A 181 -35.74 -30.28 -27.48
C LYS A 181 -36.10 -30.75 -26.07
N TYR A 182 -36.60 -29.82 -25.24
CA TYR A 182 -36.92 -30.11 -23.85
C TYR A 182 -38.37 -29.75 -23.54
N GLU A 183 -39.09 -30.69 -22.91
CA GLU A 183 -40.43 -30.41 -22.42
C GLU A 183 -40.40 -30.00 -20.94
N ILE A 184 -41.28 -29.06 -20.59
CA ILE A 184 -41.33 -28.53 -19.25
C ILE A 184 -42.24 -29.40 -18.40
N LEU A 185 -41.71 -29.89 -17.29
CA LEU A 185 -42.48 -30.66 -16.31
C LEU A 185 -43.17 -29.70 -15.34
N SER A 186 -42.44 -28.72 -14.82
CA SER A 186 -43.05 -27.59 -14.09
C SER A 186 -42.17 -26.37 -14.11
N ALA A 187 -42.78 -25.21 -13.83
CA ALA A 187 -42.08 -23.94 -13.79
C ALA A 187 -42.80 -23.00 -12.82
N THR A 188 -42.11 -22.62 -11.74
CA THR A 188 -42.68 -21.73 -10.71
C THR A 188 -41.83 -20.51 -10.47
N GLN A 189 -42.46 -19.44 -9.98
CA GLN A 189 -41.80 -18.18 -9.67
C GLN A 189 -42.17 -17.77 -8.24
N THR A 190 -41.16 -17.63 -7.37
CA THR A 190 -41.39 -17.43 -5.93
C THR A 190 -40.52 -16.32 -5.37
N ARG A 191 -41.16 -15.34 -4.74
CA ARG A 191 -40.48 -14.25 -4.03
C ARG A 191 -39.69 -14.76 -2.82
N GLN A 192 -38.44 -14.32 -2.71
CA GLN A 192 -37.56 -14.65 -1.58
C GLN A 192 -36.84 -13.41 -1.03
N VAL A 193 -36.37 -13.53 0.21
CA VAL A 193 -35.61 -12.47 0.86
C VAL A 193 -34.27 -13.06 1.29
N GLN A 194 -33.18 -12.32 1.05
CA GLN A 194 -31.82 -12.83 1.20
CA GLN A 194 -31.83 -12.83 1.26
C GLN A 194 -30.89 -11.71 1.64
N HIS A 195 -29.80 -12.06 2.32
CA HIS A 195 -28.78 -11.09 2.70
C HIS A 195 -27.51 -11.38 1.88
N TYR A 196 -26.77 -10.33 1.56
CA TYR A 196 -25.54 -10.45 0.79
C TYR A 196 -24.39 -9.76 1.51
N SER A 197 -23.18 -10.21 1.22
CA SER A 197 -21.98 -9.81 1.96
C SER A 197 -21.74 -8.31 2.01
N CYS A 198 -22.05 -7.62 0.92
CA CYS A 198 -21.78 -6.19 0.78
C CYS A 198 -22.48 -5.33 1.83
N CYS A 199 -23.65 -5.78 2.26
CA CYS A 199 -24.70 -4.88 2.73
C CYS A 199 -25.46 -5.47 3.92
N PRO A 200 -25.84 -4.64 4.91
CA PRO A 200 -26.69 -5.12 6.01
C PRO A 200 -28.14 -5.42 5.60
N GLU A 201 -28.63 -4.70 4.60
CA GLU A 201 -30.04 -4.77 4.21
C GLU A 201 -30.33 -6.03 3.42
N PRO A 202 -31.57 -6.54 3.51
CA PRO A 202 -31.94 -7.69 2.73
C PRO A 202 -32.30 -7.26 1.31
N TYR A 203 -32.05 -8.14 0.34
CA TYR A 203 -32.38 -7.88 -1.05
C TYR A 203 -33.46 -8.86 -1.48
N ILE A 204 -34.43 -8.38 -2.25
CA ILE A 204 -35.57 -9.20 -2.67
C ILE A 204 -35.28 -9.83 -4.04
N ASP A 205 -35.70 -11.09 -4.21
CA ASP A 205 -35.63 -11.75 -5.50
C ASP A 205 -36.92 -12.54 -5.80
N VAL A 206 -37.16 -12.78 -7.08
CA VAL A 206 -38.13 -13.77 -7.54
C VAL A 206 -37.32 -14.92 -8.13
N ASN A 207 -37.48 -16.09 -7.53
CA ASN A 207 -36.75 -17.30 -7.90
C ASN A 207 -37.54 -18.16 -8.87
N LEU A 208 -36.97 -18.40 -10.04
CA LEU A 208 -37.60 -19.17 -11.09
C LEU A 208 -37.06 -20.59 -11.06
N VAL A 209 -37.91 -21.57 -10.72
CA VAL A 209 -37.52 -22.99 -10.63
C VAL A 209 -38.17 -23.82 -11.74
N VAL A 210 -37.35 -24.40 -12.61
CA VAL A 210 -37.83 -25.10 -13.80
C VAL A 210 -37.41 -26.56 -13.76
N LYS A 211 -38.39 -27.45 -13.89
CA LYS A 211 -38.12 -28.88 -14.05
C LYS A 211 -38.40 -29.26 -15.51
N PHE A 212 -37.46 -29.96 -16.13
CA PHE A 212 -37.54 -30.26 -17.57
C PHE A 212 -36.79 -31.53 -17.94
N ARG A 213 -37.12 -32.10 -19.10
CA ARG A 213 -36.42 -33.27 -19.62
C ARG A 213 -36.41 -33.29 -21.14
N GLU A 214 -35.57 -34.13 -21.71
CA GLU A 214 -35.52 -34.30 -23.15
C GLU A 214 -36.86 -34.83 -23.63
N ARG A 215 -37.37 -34.29 -24.73
CA ARG A 215 -38.66 -34.71 -25.28
C ARG A 215 -38.62 -36.13 -25.83
N ARG A 216 -39.81 -36.69 -26.07
CA ARG A 216 -40.05 -37.89 -26.91
C ARG A 216 -40.99 -38.86 -26.19
N LEU B 8 -26.92 22.19 -58.16
CA LEU B 8 -26.45 22.89 -56.92
C LEU B 8 -27.65 23.46 -56.14
N HIS B 9 -28.45 24.27 -56.81
CA HIS B 9 -29.81 24.61 -56.36
C HIS B 9 -30.60 23.37 -55.91
N SER B 10 -30.41 22.26 -56.62
CA SER B 10 -31.10 21.02 -56.30
C SER B 10 -30.82 20.56 -54.87
N GLN B 11 -29.57 20.71 -54.44
CA GLN B 11 -29.13 20.27 -53.10
C GLN B 11 -29.67 21.15 -51.97
N ALA B 12 -29.78 22.46 -52.22
CA ALA B 12 -30.33 23.39 -51.24
C ALA B 12 -31.86 23.39 -51.23
N ASN B 13 -32.48 22.76 -52.23
CA ASN B 13 -33.92 22.49 -52.22
C ASN B 13 -34.21 21.29 -51.34
N LEU B 14 -33.34 20.28 -51.43
CA LEU B 14 -33.51 19.06 -50.66
C LEU B 14 -33.30 19.29 -49.16
N MET B 15 -32.20 19.97 -48.83
CA MET B 15 -31.90 20.30 -47.43
C MET B 15 -32.86 21.36 -46.85
N ARG B 16 -33.62 22.02 -47.71
CA ARG B 16 -34.71 22.92 -47.29
C ARG B 16 -35.98 22.12 -46.99
N LEU B 17 -36.11 20.99 -47.69
CA LEU B 17 -37.21 20.04 -47.47
C LEU B 17 -36.92 19.17 -46.26
N LYS B 18 -35.78 18.48 -46.27
CA LYS B 18 -35.38 17.66 -45.13
C LYS B 18 -35.41 18.45 -43.82
N SER B 19 -34.95 19.69 -43.85
CA SER B 19 -35.01 20.56 -42.68
C SER B 19 -36.46 20.86 -42.25
N ASP B 20 -37.30 21.25 -43.22
CA ASP B 20 -38.70 21.60 -42.92
C ASP B 20 -39.57 20.41 -42.46
N LEU B 21 -39.26 19.20 -42.91
CA LEU B 21 -40.00 18.03 -42.46
C LEU B 21 -39.52 17.57 -41.08
N PHE B 22 -38.19 17.58 -40.89
CA PHE B 22 -37.57 16.98 -39.69
C PHE B 22 -37.43 17.95 -38.51
N ASN B 23 -36.67 19.03 -38.67
CA ASN B 23 -36.49 19.97 -37.55
C ASN B 23 -37.85 20.36 -36.95
N ARG B 24 -38.90 20.24 -37.77
CA ARG B 24 -40.29 20.41 -37.32
C ARG B 24 -41.20 19.44 -38.05
N TYR B 28 -43.60 13.16 -34.89
CA TYR B 28 -44.57 12.08 -34.97
C TYR B 28 -44.30 11.06 -33.86
N PRO B 29 -45.20 11.00 -32.85
CA PRO B 29 -45.01 10.16 -31.65
C PRO B 29 -45.34 8.66 -31.81
N GLY B 30 -45.44 8.18 -33.05
CA GLY B 30 -45.92 6.83 -33.32
C GLY B 30 -47.43 6.83 -33.50
N PRO B 31 -47.98 5.68 -33.95
CA PRO B 31 -49.44 5.63 -34.17
C PRO B 31 -50.25 5.59 -32.87
N THR B 32 -51.53 5.97 -32.94
CA THR B 32 -52.45 5.81 -31.83
C THR B 32 -53.75 5.19 -32.31
N LYS B 33 -54.63 4.85 -31.37
CA LYS B 33 -55.95 4.34 -31.73
C LYS B 33 -56.71 5.43 -32.51
N ASP B 34 -56.39 6.70 -32.21
CA ASP B 34 -56.90 7.83 -33.00
C ASP B 34 -56.13 8.02 -34.30
N ASP B 35 -54.91 7.47 -34.37
CA ASP B 35 -54.02 7.63 -35.54
C ASP B 35 -53.47 6.28 -35.93
N PRO B 36 -54.35 5.40 -36.46
CA PRO B 36 -53.91 4.04 -36.68
C PRO B 36 -53.06 3.94 -37.94
N LEU B 37 -52.20 2.94 -38.01
CA LEU B 37 -51.29 2.84 -39.13
C LEU B 37 -51.28 1.42 -39.68
N THR B 38 -51.11 1.30 -41.00
CA THR B 38 -51.06 0.02 -41.66
C THR B 38 -49.71 -0.13 -42.34
N VAL B 39 -49.03 -1.23 -42.02
CA VAL B 39 -47.72 -1.56 -42.57
C VAL B 39 -47.85 -2.76 -43.50
N THR B 40 -47.45 -2.61 -44.75
CA THR B 40 -47.43 -3.72 -45.69
C THR B 40 -46.09 -4.44 -45.58
N LEU B 41 -46.12 -5.76 -45.45
CA LEU B 41 -44.91 -6.57 -45.28
C LEU B 41 -44.79 -7.63 -46.38
N GLY B 42 -43.56 -7.95 -46.75
CA GLY B 42 -43.30 -9.03 -47.71
C GLY B 42 -41.88 -9.51 -47.60
N PHE B 43 -41.69 -10.82 -47.68
CA PHE B 43 -40.39 -11.40 -47.43
C PHE B 43 -39.78 -12.00 -48.70
N THR B 44 -38.47 -11.81 -48.85
CA THR B 44 -37.67 -12.40 -49.91
C THR B 44 -36.66 -13.31 -49.24
N LEU B 45 -36.92 -14.61 -49.26
CA LEU B 45 -36.01 -15.55 -48.61
C LEU B 45 -34.80 -15.79 -49.52
N GLN B 46 -33.62 -15.40 -49.05
CA GLN B 46 -32.42 -15.59 -49.83
C GLN B 46 -31.78 -16.93 -49.54
N ASP B 47 -31.86 -17.41 -48.29
CA ASP B 47 -31.13 -18.62 -47.92
C ASP B 47 -31.57 -19.18 -46.57
N ILE B 48 -31.59 -20.51 -46.47
CA ILE B 48 -31.58 -21.21 -45.19
C ILE B 48 -30.14 -21.62 -45.01
N VAL B 49 -29.47 -20.98 -44.05
CA VAL B 49 -28.02 -21.16 -43.88
C VAL B 49 -27.70 -22.43 -43.11
N LYS B 50 -28.47 -22.69 -42.06
CA LYS B 50 -28.11 -23.68 -41.08
C LYS B 50 -29.35 -24.17 -40.33
N ALA B 51 -29.37 -25.48 -40.05
CA ALA B 51 -30.39 -26.13 -39.25
C ALA B 51 -29.70 -26.93 -38.15
N ASP B 52 -30.05 -26.63 -36.90
CA ASP B 52 -29.39 -27.23 -35.74
C ASP B 52 -30.37 -28.12 -34.98
N SER B 53 -30.18 -29.42 -35.08
CA SER B 53 -31.10 -30.38 -34.47
C SER B 53 -30.74 -30.76 -33.03
N SER B 54 -29.64 -30.21 -32.50
CA SER B 54 -29.31 -30.39 -31.09
C SER B 54 -29.99 -29.34 -30.23
N THR B 55 -30.38 -28.21 -30.85
CA THR B 55 -31.06 -27.11 -30.17
C THR B 55 -32.39 -26.70 -30.80
N ASN B 56 -32.72 -27.28 -31.96
CA ASN B 56 -33.89 -26.91 -32.78
C ASN B 56 -33.94 -25.42 -33.11
N GLU B 57 -32.84 -24.96 -33.68
CA GLU B 57 -32.74 -23.61 -34.21
C GLU B 57 -32.42 -23.71 -35.69
N VAL B 58 -33.08 -22.87 -36.48
CA VAL B 58 -32.76 -22.70 -37.89
C VAL B 58 -32.47 -21.23 -38.16
N ASP B 59 -31.45 -20.99 -38.99
CA ASP B 59 -31.02 -19.64 -39.34
C ASP B 59 -31.41 -19.30 -40.78
N LEU B 60 -32.13 -18.19 -40.94
CA LEU B 60 -32.55 -17.70 -42.26
C LEU B 60 -31.85 -16.40 -42.62
N VAL B 61 -31.58 -16.23 -43.92
CA VAL B 61 -31.20 -14.93 -44.47
C VAL B 61 -32.30 -14.48 -45.45
N TYR B 62 -32.80 -13.28 -45.25
CA TYR B 62 -33.91 -12.77 -46.05
C TYR B 62 -33.88 -11.25 -46.04
N TYR B 63 -34.67 -10.63 -46.90
CA TYR B 63 -35.02 -9.22 -46.69
C TYR B 63 -36.52 -8.95 -46.64
N GLU B 64 -36.86 -8.05 -45.73
CA GLU B 64 -38.21 -7.79 -45.35
C GLU B 64 -38.55 -6.44 -45.89
N GLN B 65 -39.44 -6.38 -46.88
CA GLN B 65 -39.89 -5.12 -47.44
C GLN B 65 -41.00 -4.57 -46.56
N GLN B 66 -40.87 -3.32 -46.16
CA GLN B 66 -41.81 -2.67 -45.25
C GLN B 66 -42.31 -1.41 -45.92
N ARG B 67 -43.61 -1.17 -45.85
CA ARG B 67 -44.22 0.03 -46.42
CA ARG B 67 -44.24 0.02 -46.43
C ARG B 67 -45.21 0.62 -45.45
N TRP B 68 -45.25 1.96 -45.40
CA TRP B 68 -46.23 2.68 -44.59
C TRP B 68 -46.32 4.12 -45.10
N LYS B 69 -47.32 4.83 -44.63
CA LYS B 69 -47.60 6.19 -45.10
C LYS B 69 -47.94 7.07 -43.90
N LEU B 70 -47.46 8.32 -43.93
CA LEU B 70 -47.76 9.31 -42.88
C LEU B 70 -48.08 10.65 -43.51
N ASN B 71 -49.12 11.30 -43.01
CA ASN B 71 -49.41 12.68 -43.42
C ASN B 71 -48.35 13.65 -42.94
N SER B 72 -47.69 13.31 -41.82
CA SER B 72 -46.65 14.15 -41.25
C SER B 72 -45.52 14.43 -42.24
N LEU B 73 -45.25 13.49 -43.14
CA LEU B 73 -44.13 13.57 -44.09
C LEU B 73 -44.50 14.04 -45.50
N MET B 74 -45.72 14.52 -45.71
CA MET B 74 -46.11 14.95 -47.06
C MET B 74 -45.50 16.30 -47.44
N TRP B 75 -45.33 16.51 -48.74
CA TRP B 75 -44.98 17.84 -49.28
C TRP B 75 -45.48 18.02 -50.72
N ASP B 76 -45.28 19.23 -51.24
CA ASP B 76 -45.69 19.57 -52.61
C ASP B 76 -44.43 19.80 -53.44
N PRO B 77 -44.06 18.83 -54.29
CA PRO B 77 -42.84 18.91 -55.11
C PRO B 77 -42.69 20.25 -55.81
N ASN B 78 -43.80 20.73 -56.37
CA ASN B 78 -43.90 22.06 -56.97
C ASN B 78 -43.11 23.16 -56.23
N GLU B 79 -43.15 23.13 -54.90
CA GLU B 79 -42.42 24.13 -54.09
C GLU B 79 -41.19 23.60 -53.35
N TYR B 80 -40.52 22.60 -53.93
CA TYR B 80 -39.20 22.14 -53.47
C TYR B 80 -38.30 21.72 -54.64
N GLY B 81 -38.33 22.51 -55.71
CA GLY B 81 -37.58 22.22 -56.93
C GLY B 81 -37.99 20.93 -57.60
N ASN B 82 -39.26 20.55 -57.42
CA ASN B 82 -39.82 19.32 -58.00
C ASN B 82 -39.16 18.03 -57.49
N ILE B 83 -38.76 18.03 -56.22
CA ILE B 83 -38.30 16.80 -55.58
C ILE B 83 -39.54 15.96 -55.28
N THR B 84 -39.49 14.68 -55.62
CA THR B 84 -40.61 13.77 -55.40
C THR B 84 -40.31 12.75 -54.28
N ASP B 85 -39.04 12.55 -53.97
CA ASP B 85 -38.61 11.61 -52.96
C ASP B 85 -37.18 11.88 -52.51
N PHE B 86 -36.75 11.19 -51.45
CA PHE B 86 -35.35 11.23 -51.03
C PHE B 86 -34.98 10.03 -50.15
N ARG B 87 -33.73 9.61 -50.25
CA ARG B 87 -33.15 8.65 -49.32
C ARG B 87 -32.81 9.32 -47.99
N THR B 88 -33.03 8.62 -46.89
CA THR B 88 -32.69 9.15 -45.56
C THR B 88 -32.41 8.02 -44.59
N SER B 89 -31.71 8.33 -43.51
CA SER B 89 -31.42 7.32 -42.50
C SER B 89 -32.72 6.89 -41.86
N ALA B 90 -32.83 5.60 -41.56
CA ALA B 90 -33.98 5.08 -40.83
C ALA B 90 -34.05 5.70 -39.42
N ALA B 91 -32.90 6.12 -38.91
CA ALA B 91 -32.83 6.78 -37.61
C ALA B 91 -33.50 8.15 -37.61
N ASP B 92 -33.51 8.80 -38.77
CA ASP B 92 -34.08 10.14 -38.89
C ASP B 92 -35.61 10.15 -39.00
N ILE B 93 -36.23 8.97 -39.09
CA ILE B 93 -37.69 8.88 -39.20
C ILE B 93 -38.25 7.81 -38.27
N TRP B 94 -39.54 7.86 -38.04
CA TRP B 94 -40.21 6.81 -37.29
C TRP B 94 -40.25 5.55 -38.16
N THR B 95 -39.89 4.41 -37.57
CA THR B 95 -40.04 3.11 -38.23
C THR B 95 -40.79 2.18 -37.29
N PRO B 96 -41.45 1.16 -37.86
CA PRO B 96 -42.22 0.22 -37.03
C PRO B 96 -41.38 -0.89 -36.40
N ASP B 97 -41.79 -1.31 -35.21
CA ASP B 97 -41.04 -2.26 -34.40
C ASP B 97 -41.42 -3.69 -34.76
N ILE B 98 -41.30 -4.02 -36.04
CA ILE B 98 -41.69 -5.31 -36.56
C ILE B 98 -40.66 -6.33 -36.10
N THR B 99 -41.12 -7.30 -35.30
CA THR B 99 -40.27 -8.26 -34.58
C THR B 99 -40.66 -9.69 -34.89
N ALA B 100 -39.68 -10.61 -34.91
CA ALA B 100 -39.98 -12.05 -34.98
C ALA B 100 -40.34 -12.60 -33.60
N TYR B 101 -41.37 -13.44 -33.52
CA TYR B 101 -41.90 -13.89 -32.24
C TYR B 101 -40.99 -14.93 -31.57
N SER B 102 -40.45 -15.83 -32.39
CA SER B 102 -39.72 -17.00 -31.89
C SER B 102 -38.22 -16.95 -32.23
N SER B 103 -37.63 -15.76 -32.28
CA SER B 103 -36.19 -15.63 -32.41
C SER B 103 -35.50 -16.13 -31.14
N THR B 104 -34.38 -16.85 -31.33
CA THR B 104 -33.57 -17.34 -30.23
C THR B 104 -32.28 -16.52 -30.04
N ARG B 105 -32.03 -15.57 -30.95
CA ARG B 105 -30.89 -14.67 -30.88
CA ARG B 105 -30.88 -14.68 -30.89
C ARG B 105 -31.27 -13.31 -31.46
N PRO B 106 -30.52 -12.24 -31.09
CA PRO B 106 -30.84 -10.95 -31.73
C PRO B 106 -30.62 -10.98 -33.23
N VAL B 107 -31.48 -10.28 -33.97
CA VAL B 107 -31.37 -10.18 -35.42
C VAL B 107 -30.05 -9.51 -35.83
N GLN B 108 -29.34 -10.09 -36.80
CA GLN B 108 -28.15 -9.47 -37.36
C GLN B 108 -28.49 -8.73 -38.67
N VAL B 109 -28.28 -7.43 -38.66
CA VAL B 109 -28.62 -6.58 -39.80
C VAL B 109 -27.55 -6.65 -40.88
N LEU B 110 -27.96 -6.91 -42.12
CA LEU B 110 -27.01 -7.13 -43.22
C LEU B 110 -27.00 -6.02 -44.27
N SER B 111 -27.86 -5.00 -44.12
CA SER B 111 -27.95 -3.93 -45.11
C SER B 111 -27.92 -2.53 -44.47
N PRO B 112 -27.51 -1.52 -45.25
CA PRO B 112 -27.57 -0.14 -44.79
C PRO B 112 -28.94 0.20 -44.22
N GLN B 113 -28.99 0.97 -43.13
CA GLN B 113 -30.26 1.36 -42.51
C GLN B 113 -30.74 2.69 -43.09
N ILE B 114 -31.07 2.63 -44.38
CA ILE B 114 -31.51 3.80 -45.14
C ILE B 114 -32.86 3.50 -45.77
N ALA B 115 -33.78 4.47 -45.68
CA ALA B 115 -35.13 4.33 -46.20
C ALA B 115 -35.45 5.44 -47.20
N VAL B 116 -36.54 5.27 -47.96
CA VAL B 116 -36.93 6.27 -48.96
C VAL B 116 -38.29 6.89 -48.65
N VAL B 117 -38.34 8.22 -48.59
CA VAL B 117 -39.58 8.93 -48.29
C VAL B 117 -40.10 9.63 -49.55
N THR B 118 -41.33 9.30 -49.94
CA THR B 118 -41.94 9.84 -51.16
C THR B 118 -42.91 10.97 -50.82
N HIS B 119 -43.14 11.86 -51.77
CA HIS B 119 -43.86 13.13 -51.53
C HIS B 119 -45.34 12.99 -51.07
N ASP B 120 -45.94 11.83 -51.34
CA ASP B 120 -47.27 11.50 -50.79
C ASP B 120 -47.22 11.12 -49.30
N GLY B 121 -46.02 11.11 -48.71
CA GLY B 121 -45.83 10.82 -47.30
C GLY B 121 -45.55 9.35 -47.05
N SER B 122 -45.44 8.60 -48.14
CA SER B 122 -45.26 7.16 -48.05
C SER B 122 -43.76 6.83 -47.91
N VAL B 123 -43.48 5.76 -47.17
CA VAL B 123 -42.10 5.41 -46.82
C VAL B 123 -41.91 3.95 -47.19
N MET B 124 -40.69 3.56 -47.58
CA MET B 124 -40.34 2.16 -47.83
C MET B 124 -38.92 1.79 -47.32
N PHE B 125 -38.86 0.67 -46.61
CA PHE B 125 -37.65 0.23 -45.95
C PHE B 125 -37.54 -1.25 -46.23
N ILE B 126 -36.34 -1.71 -46.55
CA ILE B 126 -36.13 -3.08 -46.99
C ILE B 126 -34.86 -3.62 -46.33
N PRO B 127 -34.90 -3.82 -45.01
CA PRO B 127 -33.78 -4.31 -44.25
C PRO B 127 -33.51 -5.79 -44.54
N ALA B 128 -32.25 -6.11 -44.79
CA ALA B 128 -31.82 -7.51 -44.90
C ALA B 128 -31.30 -8.01 -43.54
N GLN B 129 -31.57 -9.27 -43.21
CA GLN B 129 -31.37 -9.81 -41.87
C GLN B 129 -30.96 -11.28 -41.86
N ARG B 130 -30.18 -11.66 -40.85
CA ARG B 130 -30.01 -13.04 -40.46
C ARG B 130 -30.74 -13.29 -39.14
N LEU B 131 -31.57 -14.34 -39.12
CA LEU B 131 -32.41 -14.65 -37.99
C LEU B 131 -32.23 -16.10 -37.57
N SER B 132 -31.96 -16.33 -36.30
CA SER B 132 -32.12 -17.65 -35.69
C SER B 132 -33.50 -17.71 -35.05
N PHE B 133 -34.27 -18.73 -35.41
CA PHE B 133 -35.60 -18.92 -34.83
C PHE B 133 -35.86 -20.38 -34.43
N MET B 134 -36.87 -20.56 -33.58
CA MET B 134 -37.25 -21.88 -33.08
C MET B 134 -37.83 -22.75 -34.18
N CYS B 135 -37.16 -23.86 -34.47
CA CYS B 135 -37.57 -24.71 -35.58
C CYS B 135 -36.97 -26.10 -35.44
N ASP B 136 -37.85 -27.09 -35.42
CA ASP B 136 -37.48 -28.51 -35.39
C ASP B 136 -37.28 -29.02 -36.81
N PRO B 137 -36.01 -29.25 -37.21
CA PRO B 137 -35.72 -29.73 -38.57
C PRO B 137 -35.91 -31.22 -38.81
N THR B 138 -36.66 -31.92 -37.95
CA THR B 138 -36.86 -33.35 -38.15
C THR B 138 -37.52 -33.61 -39.51
N GLY B 139 -36.94 -34.53 -40.27
CA GLY B 139 -37.45 -34.90 -41.60
C GLY B 139 -36.83 -34.14 -42.77
N VAL B 140 -35.84 -33.30 -42.49
CA VAL B 140 -35.21 -32.50 -43.52
C VAL B 140 -34.37 -33.39 -44.44
N ASP B 141 -33.94 -34.54 -43.93
CA ASP B 141 -33.24 -35.56 -44.72
C ASP B 141 -34.19 -36.62 -45.30
N SER B 142 -35.44 -36.24 -45.53
CA SER B 142 -36.44 -37.12 -46.16
C SER B 142 -37.07 -36.40 -47.33
N GLU B 143 -37.79 -37.15 -48.16
CA GLU B 143 -38.53 -36.56 -49.30
C GLU B 143 -39.52 -35.49 -48.87
N GLU B 144 -40.19 -35.71 -47.75
CA GLU B 144 -41.25 -34.82 -47.29
C GLU B 144 -40.69 -33.50 -46.75
N GLY B 145 -39.43 -33.52 -46.31
CA GLY B 145 -38.80 -32.33 -45.73
C GLY B 145 -39.37 -31.97 -44.37
N ALA B 146 -38.97 -30.81 -43.86
CA ALA B 146 -39.41 -30.31 -42.56
C ALA B 146 -40.16 -29.00 -42.78
N THR B 147 -41.13 -28.70 -41.91
CA THR B 147 -41.89 -27.45 -41.95
C THR B 147 -41.71 -26.70 -40.64
N CYS B 148 -41.39 -25.40 -40.73
CA CYS B 148 -41.31 -24.53 -39.58
C CYS B 148 -42.05 -23.22 -39.89
N ALA B 149 -42.38 -22.46 -38.85
CA ALA B 149 -43.06 -21.18 -39.01
C ALA B 149 -42.50 -20.12 -38.06
N VAL B 150 -42.66 -18.85 -38.44
CA VAL B 150 -42.22 -17.74 -37.63
C VAL B 150 -43.07 -16.50 -37.99
N LYS B 151 -43.70 -15.90 -36.99
CA LYS B 151 -44.57 -14.73 -37.23
C LYS B 151 -43.87 -13.44 -36.86
N PHE B 152 -44.28 -12.36 -37.52
CA PHE B 152 -43.66 -11.04 -37.42
C PHE B 152 -44.74 -10.02 -37.13
N GLY B 153 -44.53 -9.19 -36.12
CA GLY B 153 -45.56 -8.26 -35.71
C GLY B 153 -44.98 -7.14 -34.89
N SER B 154 -45.73 -6.07 -34.69
CA SER B 154 -45.31 -5.03 -33.78
C SER B 154 -45.29 -5.61 -32.39
N TRP B 155 -44.19 -5.40 -31.68
CA TRP B 155 -44.04 -5.93 -30.32
C TRP B 155 -45.01 -5.21 -29.38
N VAL B 156 -45.13 -3.89 -29.49
CA VAL B 156 -45.90 -3.09 -28.50
C VAL B 156 -47.19 -2.47 -29.01
N TYR B 157 -47.48 -2.63 -30.30
CA TYR B 157 -48.66 -2.00 -30.87
C TYR B 157 -49.68 -3.03 -31.31
N SER B 158 -50.88 -2.94 -30.75
CA SER B 158 -51.98 -3.85 -31.07
C SER B 158 -52.64 -3.49 -32.39
N GLY B 159 -53.48 -4.39 -32.89
CA GLY B 159 -54.25 -4.18 -34.11
C GLY B 159 -54.99 -2.84 -34.18
N PHE B 160 -55.19 -2.20 -33.04
CA PHE B 160 -55.79 -0.87 -32.97
C PHE B 160 -54.83 0.27 -33.33
N GLU B 161 -53.53 0.01 -33.20
CA GLU B 161 -52.48 1.01 -33.47
CA GLU B 161 -52.50 1.01 -33.48
C GLU B 161 -51.69 0.65 -34.73
N ILE B 162 -51.39 -0.62 -34.90
CA ILE B 162 -50.68 -1.06 -36.10
C ILE B 162 -51.38 -2.29 -36.68
N ASP B 163 -51.81 -2.15 -37.93
CA ASP B 163 -52.37 -3.26 -38.68
C ASP B 163 -51.37 -3.67 -39.76
N LEU B 164 -51.37 -4.95 -40.11
CA LEU B 164 -50.46 -5.47 -41.11
C LEU B 164 -51.20 -5.91 -42.35
N LYS B 165 -50.50 -5.88 -43.48
CA LYS B 165 -51.04 -6.37 -44.73
C LYS B 165 -49.91 -6.94 -45.61
N THR B 166 -50.29 -7.83 -46.53
CA THR B 166 -49.36 -8.37 -47.53
C THR B 166 -49.90 -8.08 -48.91
N ASP B 167 -49.01 -8.02 -49.90
CA ASP B 167 -49.44 -7.90 -51.31
C ASP B 167 -49.65 -9.29 -51.94
N THR B 168 -49.07 -10.30 -51.32
CA THR B 168 -49.19 -11.68 -51.80
C THR B 168 -48.93 -12.63 -50.66
N ASP B 169 -49.43 -13.86 -50.76
CA ASP B 169 -49.16 -14.85 -49.72
C ASP B 169 -47.98 -15.75 -50.08
N GLN B 170 -47.38 -15.54 -51.25
CA GLN B 170 -46.19 -16.28 -51.64
C GLN B 170 -44.94 -15.49 -51.28
N VAL B 171 -44.05 -16.12 -50.52
CA VAL B 171 -42.73 -15.55 -50.25
C VAL B 171 -41.98 -15.47 -51.57
N ASP B 172 -41.25 -14.37 -51.78
CA ASP B 172 -40.45 -14.21 -52.99
C ASP B 172 -39.25 -15.16 -52.90
N LEU B 173 -39.15 -16.07 -53.87
CA LEU B 173 -38.08 -17.08 -53.90
C LEU B 173 -37.15 -16.91 -55.10
N SER B 174 -37.29 -15.78 -55.80
CA SER B 174 -36.51 -15.53 -57.01
C SER B 174 -35.05 -15.15 -56.74
N SER B 175 -34.72 -14.83 -55.49
CA SER B 175 -33.32 -14.62 -55.08
C SER B 175 -32.83 -15.74 -54.15
N TYR B 176 -33.55 -16.85 -54.06
CA TYR B 176 -33.13 -17.93 -53.17
C TYR B 176 -31.85 -18.56 -53.72
N TYR B 177 -30.87 -18.75 -52.83
CA TYR B 177 -29.55 -19.23 -53.23
C TYR B 177 -29.63 -20.64 -53.81
N ALA B 178 -29.36 -20.74 -55.11
CA ALA B 178 -29.52 -21.99 -55.85
C ALA B 178 -28.67 -23.14 -55.34
N SER B 179 -27.56 -22.83 -54.66
CA SER B 179 -26.69 -23.87 -54.10
C SER B 179 -26.73 -23.93 -52.57
N SER B 180 -27.84 -23.48 -51.97
CA SER B 180 -28.04 -23.64 -50.53
C SER B 180 -27.95 -25.12 -50.15
N LYS B 181 -27.69 -25.42 -48.87
CA LYS B 181 -27.78 -26.82 -48.41
C LYS B 181 -29.24 -27.29 -48.46
N TYR B 182 -30.16 -26.34 -48.38
CA TYR B 182 -31.57 -26.66 -48.30
C TYR B 182 -32.40 -26.08 -49.46
N GLU B 183 -33.18 -26.98 -50.06
CA GLU B 183 -34.12 -26.64 -51.12
C GLU B 183 -35.47 -26.23 -50.51
N ILE B 184 -36.10 -25.20 -51.07
CA ILE B 184 -37.41 -24.73 -50.59
C ILE B 184 -38.54 -25.44 -51.34
N LEU B 185 -39.40 -26.11 -50.59
CA LEU B 185 -40.53 -26.85 -51.15
C LEU B 185 -41.81 -25.99 -51.17
N SER B 186 -41.96 -25.11 -50.18
CA SER B 186 -42.99 -24.07 -50.21
C SER B 186 -42.61 -22.97 -49.24
N ALA B 187 -43.14 -21.78 -49.49
CA ALA B 187 -42.92 -20.67 -48.60
C ALA B 187 -44.08 -19.67 -48.74
N THR B 188 -44.87 -19.55 -47.68
CA THR B 188 -45.99 -18.62 -47.67
C THR B 188 -45.88 -17.59 -46.56
N GLN B 189 -46.59 -16.47 -46.75
CA GLN B 189 -46.68 -15.39 -45.78
C GLN B 189 -48.14 -14.95 -45.63
N THR B 190 -48.68 -15.05 -44.41
CA THR B 190 -50.13 -14.91 -44.20
C THR B 190 -50.48 -14.09 -42.94
N ARG B 191 -51.33 -13.10 -43.13
CA ARG B 191 -51.78 -12.25 -42.03
C ARG B 191 -52.64 -13.03 -41.05
N GLN B 192 -52.36 -12.86 -39.76
CA GLN B 192 -53.16 -13.46 -38.71
C GLN B 192 -53.46 -12.45 -37.61
N VAL B 193 -54.44 -12.81 -36.78
CA VAL B 193 -54.84 -12.02 -35.62
C VAL B 193 -54.87 -12.96 -34.42
N GLN B 194 -54.11 -12.64 -33.38
CA GLN B 194 -53.97 -13.48 -32.19
CA GLN B 194 -54.01 -13.49 -32.20
C GLN B 194 -54.11 -12.66 -30.92
N HIS B 195 -54.40 -13.32 -29.81
CA HIS B 195 -54.46 -12.66 -28.51
C HIS B 195 -53.30 -13.10 -27.63
N TYR B 196 -52.97 -12.23 -26.69
CA TYR B 196 -51.79 -12.39 -25.84
C TYR B 196 -52.15 -12.07 -24.38
N SER B 197 -51.46 -12.75 -23.46
CA SER B 197 -51.79 -12.72 -22.03
C SER B 197 -51.74 -11.34 -21.41
N CYS B 198 -50.85 -10.49 -21.91
CA CYS B 198 -50.66 -9.16 -21.37
C CYS B 198 -51.91 -8.28 -21.50
N CYS B 199 -52.70 -8.54 -22.54
CA CYS B 199 -53.48 -7.50 -23.19
C CYS B 199 -54.84 -7.99 -23.69
N PRO B 200 -55.91 -7.21 -23.43
CA PRO B 200 -57.22 -7.49 -24.06
C PRO B 200 -57.20 -7.41 -25.58
N GLU B 201 -56.46 -6.44 -26.10
CA GLU B 201 -56.50 -6.12 -27.53
C GLU B 201 -55.69 -7.11 -28.37
N PRO B 202 -56.18 -7.44 -29.57
CA PRO B 202 -55.51 -8.38 -30.47
C PRO B 202 -54.31 -7.75 -31.18
N TYR B 203 -53.32 -8.59 -31.46
CA TYR B 203 -52.11 -8.19 -32.16
C TYR B 203 -52.02 -8.87 -33.53
N ILE B 204 -51.60 -8.11 -34.53
CA ILE B 204 -51.54 -8.59 -35.90
C ILE B 204 -50.14 -9.12 -36.21
N ASP B 205 -50.08 -10.29 -36.84
CA ASP B 205 -48.83 -10.81 -37.35
C ASP B 205 -48.93 -11.23 -38.81
N VAL B 206 -47.77 -11.31 -39.45
CA VAL B 206 -47.66 -11.98 -40.73
C VAL B 206 -46.83 -13.22 -40.46
N ASN B 207 -47.40 -14.38 -40.76
CA ASN B 207 -46.81 -15.67 -40.42
C ASN B 207 -46.09 -16.26 -41.61
N LEU B 208 -44.82 -16.58 -41.42
CA LEU B 208 -43.96 -17.09 -42.47
C LEU B 208 -43.80 -18.58 -42.25
N VAL B 209 -44.34 -19.39 -43.17
CA VAL B 209 -44.29 -20.84 -43.08
C VAL B 209 -43.46 -21.38 -44.23
N VAL B 210 -42.47 -22.22 -43.92
CA VAL B 210 -41.51 -22.71 -44.90
C VAL B 210 -41.33 -24.20 -44.73
N LYS B 211 -41.51 -24.96 -45.81
CA LYS B 211 -41.13 -26.36 -45.87
C LYS B 211 -39.85 -26.49 -46.70
N PHE B 212 -38.90 -27.30 -46.23
CA PHE B 212 -37.58 -27.38 -46.82
C PHE B 212 -36.95 -28.74 -46.56
N ARG B 213 -35.97 -29.09 -47.38
CA ARG B 213 -35.23 -30.34 -47.21
C ARG B 213 -33.82 -30.22 -47.76
N GLU B 214 -32.97 -31.19 -47.43
CA GLU B 214 -31.58 -31.17 -47.87
C GLU B 214 -31.53 -31.40 -49.39
N ARG B 215 -30.67 -30.63 -50.06
CA ARG B 215 -30.57 -30.62 -51.52
CA ARG B 215 -30.61 -30.63 -51.52
C ARG B 215 -30.07 -31.96 -52.04
N ARG B 216 -30.59 -32.39 -53.19
CA ARG B 216 -30.21 -33.64 -53.87
C ARG B 216 -29.48 -34.64 -52.97
N SER C 10 0.79 26.36 -42.35
CA SER C 10 0.87 24.96 -42.88
C SER C 10 -0.21 24.08 -42.27
N GLN C 11 -0.16 23.92 -40.96
CA GLN C 11 -1.18 23.21 -40.21
C GLN C 11 -2.45 24.06 -40.16
N ALA C 12 -2.30 25.35 -39.83
CA ALA C 12 -3.40 26.31 -39.82
C ALA C 12 -4.20 26.30 -41.13
N ASN C 13 -3.49 26.18 -42.24
CA ASN C 13 -4.10 26.08 -43.58
C ASN C 13 -5.02 24.88 -43.71
N LEU C 14 -4.56 23.74 -43.18
CA LEU C 14 -5.28 22.48 -43.29
C LEU C 14 -6.53 22.45 -42.39
N MET C 15 -6.39 22.93 -41.16
CA MET C 15 -7.53 22.99 -40.22
C MET C 15 -8.54 24.07 -40.64
N ARG C 16 -8.08 25.07 -41.39
CA ARG C 16 -9.00 26.04 -41.98
C ARG C 16 -9.76 25.40 -43.16
N LEU C 17 -9.02 24.71 -44.03
CA LEU C 17 -9.62 24.03 -45.19
C LEU C 17 -10.76 23.10 -44.78
N LYS C 18 -10.50 22.24 -43.80
CA LYS C 18 -11.47 21.24 -43.34
C LYS C 18 -12.72 21.90 -42.76
N SER C 19 -12.52 22.90 -41.92
CA SER C 19 -13.65 23.65 -41.34
C SER C 19 -14.43 24.42 -42.42
N ASP C 20 -13.75 24.87 -43.46
CA ASP C 20 -14.41 25.51 -44.61
C ASP C 20 -15.25 24.52 -45.41
N LEU C 21 -14.67 23.34 -45.69
CA LEU C 21 -15.34 22.35 -46.54
C LEU C 21 -16.51 21.68 -45.82
N PHE C 22 -16.44 21.57 -44.50
CA PHE C 22 -17.49 20.88 -43.74
C PHE C 22 -18.55 21.83 -43.18
N ASN C 23 -18.17 23.04 -42.84
CA ASN C 23 -19.09 24.00 -42.21
C ASN C 23 -19.26 25.24 -43.10
N TYR C 28 -23.82 17.78 -48.21
CA TYR C 28 -24.13 16.97 -49.39
C TYR C 28 -25.06 15.83 -49.03
N PRO C 29 -26.30 15.83 -49.56
CA PRO C 29 -27.30 14.85 -49.17
C PRO C 29 -27.29 13.55 -49.99
N GLY C 30 -26.12 13.14 -50.48
CA GLY C 30 -26.01 11.93 -51.32
C GLY C 30 -26.46 12.21 -52.75
N PRO C 31 -26.29 11.23 -53.65
CA PRO C 31 -26.65 11.44 -55.04
C PRO C 31 -28.16 11.43 -55.30
N THR C 32 -28.57 12.14 -56.34
CA THR C 32 -29.96 12.16 -56.79
C THR C 32 -30.02 11.85 -58.27
N LYS C 33 -31.23 11.76 -58.81
CA LYS C 33 -31.43 11.56 -60.25
C LYS C 33 -30.83 12.74 -61.04
N ASP C 34 -30.97 13.95 -60.49
CA ASP C 34 -30.46 15.18 -61.10
C ASP C 34 -28.95 15.33 -60.94
N ASP C 35 -28.40 14.70 -59.91
CA ASP C 35 -26.99 14.82 -59.57
C ASP C 35 -26.43 13.44 -59.25
N PRO C 36 -26.31 12.57 -60.28
CA PRO C 36 -25.84 11.21 -60.04
C PRO C 36 -24.35 11.12 -59.76
N LEU C 37 -23.91 9.96 -59.29
CA LEU C 37 -22.53 9.75 -58.92
C LEU C 37 -22.04 8.43 -59.48
N THR C 38 -20.80 8.41 -59.96
CA THR C 38 -20.18 7.16 -60.39
C THR C 38 -19.10 6.80 -59.37
N VAL C 39 -19.19 5.57 -58.87
CA VAL C 39 -18.23 5.04 -57.92
C VAL C 39 -17.42 3.96 -58.61
N THR C 40 -16.10 4.07 -58.56
CA THR C 40 -15.23 3.05 -59.11
C THR C 40 -14.87 2.07 -58.01
N LEU C 41 -14.98 0.77 -58.31
CA LEU C 41 -14.71 -0.30 -57.36
C LEU C 41 -13.60 -1.21 -57.84
N GLY C 42 -12.73 -1.62 -56.92
CA GLY C 42 -11.70 -2.62 -57.20
C GLY C 42 -11.49 -3.45 -55.95
N PHE C 43 -11.35 -4.77 -56.12
CA PHE C 43 -11.15 -5.68 -55.00
C PHE C 43 -9.74 -6.23 -55.00
N THR C 44 -9.18 -6.34 -53.80
CA THR C 44 -7.91 -7.01 -53.55
C THR C 44 -8.22 -8.17 -52.62
N LEU C 45 -8.09 -9.39 -53.10
CA LEU C 45 -8.38 -10.56 -52.26
C LEU C 45 -7.15 -10.94 -51.47
N GLN C 46 -7.25 -10.87 -50.14
CA GLN C 46 -6.12 -11.15 -49.27
C GLN C 46 -6.07 -12.59 -48.77
N ASP C 47 -7.24 -13.20 -48.56
CA ASP C 47 -7.32 -14.55 -48.00
C ASP C 47 -8.72 -15.15 -48.12
N ILE C 48 -8.81 -16.41 -48.51
CA ILE C 48 -9.99 -17.21 -48.25
C ILE C 48 -9.69 -17.95 -46.97
N VAL C 49 -10.34 -17.52 -45.90
CA VAL C 49 -10.02 -18.00 -44.55
C VAL C 49 -10.63 -19.38 -44.29
N LYS C 50 -11.91 -19.53 -44.64
CA LYS C 50 -12.68 -20.70 -44.27
C LYS C 50 -13.74 -21.03 -45.29
N ALA C 51 -13.91 -22.33 -45.57
CA ALA C 51 -14.99 -22.82 -46.43
C ALA C 51 -15.81 -23.87 -45.67
N ASP C 52 -17.07 -23.54 -45.39
CA ASP C 52 -17.94 -24.37 -44.55
C ASP C 52 -18.99 -25.09 -45.41
N SER C 53 -18.76 -26.38 -45.61
CA SER C 53 -19.61 -27.20 -46.46
C SER C 53 -20.80 -27.78 -45.71
N SER C 54 -20.89 -27.53 -44.40
CA SER C 54 -22.09 -27.90 -43.64
C SER C 54 -23.18 -26.81 -43.75
N THR C 55 -22.76 -25.57 -44.02
CA THR C 55 -23.70 -24.44 -44.19
C THR C 55 -23.62 -23.72 -45.54
N ASN C 56 -22.65 -24.12 -46.36
CA ASN C 56 -22.29 -23.46 -47.62
C ASN C 56 -22.07 -21.96 -47.43
N GLU C 57 -21.10 -21.64 -46.58
CA GLU C 57 -20.64 -20.28 -46.36
C GLU C 57 -19.14 -20.26 -46.56
N VAL C 58 -18.64 -19.19 -47.17
CA VAL C 58 -17.19 -18.99 -47.31
C VAL C 58 -16.84 -17.60 -46.77
N ASP C 59 -15.69 -17.52 -46.10
CA ASP C 59 -15.24 -16.28 -45.46
C ASP C 59 -14.02 -15.72 -46.20
N LEU C 60 -14.12 -14.47 -46.64
CA LEU C 60 -13.04 -13.80 -47.37
C LEU C 60 -12.52 -12.63 -46.57
N VAL C 61 -11.22 -12.41 -46.65
CA VAL C 61 -10.61 -11.15 -46.22
C VAL C 61 -10.11 -10.43 -47.50
N TYR C 62 -10.49 -9.15 -47.66
CA TYR C 62 -10.26 -8.40 -48.90
C TYR C 62 -10.30 -6.89 -48.63
N TYR C 63 -9.83 -6.09 -49.60
CA TYR C 63 -10.08 -4.63 -49.61
C TYR C 63 -11.15 -4.28 -50.62
N GLU C 64 -11.87 -3.21 -50.32
CA GLU C 64 -12.81 -2.63 -51.26
C GLU C 64 -12.36 -1.22 -51.59
N GLN C 65 -11.56 -1.06 -52.65
CA GLN C 65 -11.19 0.27 -53.16
C GLN C 65 -12.41 1.01 -53.69
N GLN C 66 -12.70 2.19 -53.13
CA GLN C 66 -13.82 3.01 -53.60
C GLN C 66 -13.33 4.39 -53.97
N ARG C 67 -13.70 4.83 -55.18
CA ARG C 67 -13.32 6.13 -55.72
CA ARG C 67 -13.33 6.15 -55.68
C ARG C 67 -14.57 6.87 -56.18
N TRP C 68 -14.70 8.14 -55.81
CA TRP C 68 -15.79 8.96 -56.31
C TRP C 68 -15.36 10.42 -56.25
N LYS C 69 -16.16 11.31 -56.82
CA LYS C 69 -15.79 12.72 -56.93
C LYS C 69 -16.98 13.64 -56.67
N LEU C 70 -16.77 14.67 -55.84
CA LEU C 70 -17.81 15.63 -55.49
C LEU C 70 -17.35 17.06 -55.72
N ASN C 71 -18.16 17.84 -56.43
CA ASN C 71 -17.90 19.28 -56.61
C ASN C 71 -17.86 20.01 -55.27
N SER C 72 -18.67 19.55 -54.32
CA SER C 72 -18.72 20.15 -52.98
C SER C 72 -17.43 19.95 -52.16
N LEU C 73 -16.57 19.02 -52.57
CA LEU C 73 -15.28 18.79 -51.92
C LEU C 73 -14.09 19.39 -52.67
N MET C 74 -14.36 20.27 -53.64
CA MET C 74 -13.30 20.92 -54.42
C MET C 74 -12.78 22.18 -53.74
N TRP C 75 -11.49 22.45 -53.93
CA TRP C 75 -10.88 23.69 -53.46
C TRP C 75 -9.67 24.10 -54.31
N ASP C 76 -9.24 25.34 -54.14
CA ASP C 76 -8.07 25.91 -54.79
C ASP C 76 -6.88 25.79 -53.83
N PRO C 77 -5.87 24.97 -54.17
CA PRO C 77 -4.69 24.83 -53.31
C PRO C 77 -4.00 26.15 -52.98
N ASN C 78 -3.91 27.05 -53.97
CA ASN C 78 -3.27 28.36 -53.79
CA ASN C 78 -3.26 28.35 -53.78
C ASN C 78 -3.95 29.20 -52.70
N GLU C 79 -5.24 28.96 -52.49
CA GLU C 79 -5.98 29.65 -51.42
C GLU C 79 -5.89 28.93 -50.07
N TYR C 80 -5.14 27.82 -50.01
CA TYR C 80 -5.00 27.02 -48.79
C TYR C 80 -3.56 26.53 -48.58
N GLY C 81 -2.59 27.41 -48.85
CA GLY C 81 -1.17 27.09 -48.67
C GLY C 81 -0.66 25.95 -49.52
N ASN C 82 -1.18 25.84 -50.73
CA ASN C 82 -0.83 24.76 -51.66
C ASN C 82 -1.06 23.34 -51.09
N ILE C 83 -2.08 23.19 -50.25
CA ILE C 83 -2.53 21.87 -49.83
C ILE C 83 -3.32 21.27 -50.98
N THR C 84 -2.94 20.07 -51.40
CA THR C 84 -3.58 19.40 -52.54
C THR C 84 -4.48 18.23 -52.12
N ASP C 85 -4.23 17.65 -50.95
CA ASP C 85 -5.07 16.58 -50.41
C ASP C 85 -4.98 16.46 -48.88
N PHE C 86 -5.83 15.63 -48.29
CA PHE C 86 -5.79 15.39 -46.85
C PHE C 86 -6.53 14.14 -46.40
N ARG C 87 -6.06 13.57 -45.30
CA ARG C 87 -6.69 12.43 -44.65
C ARG C 87 -7.86 12.92 -43.79
N THR C 88 -8.97 12.19 -43.84
CA THR C 88 -10.08 12.44 -42.92
C THR C 88 -10.84 11.16 -42.58
N SER C 89 -11.45 11.14 -41.40
CA SER C 89 -12.32 10.05 -41.02
C SER C 89 -13.45 9.91 -42.03
N ALA C 90 -13.79 8.67 -42.39
CA ALA C 90 -14.88 8.42 -43.32
C ALA C 90 -16.21 8.97 -42.76
N ALA C 91 -16.33 9.01 -41.44
CA ALA C 91 -17.51 9.58 -40.78
C ALA C 91 -17.67 11.07 -41.02
N ASP C 92 -16.57 11.75 -41.39
CA ASP C 92 -16.61 13.18 -41.70
C ASP C 92 -17.18 13.52 -43.09
N ILE C 93 -17.33 12.51 -43.95
CA ILE C 93 -17.78 12.73 -45.33
C ILE C 93 -18.85 11.71 -45.70
N TRP C 94 -19.58 12.00 -46.77
CA TRP C 94 -20.52 11.05 -47.33
C TRP C 94 -19.72 9.91 -47.96
N THR C 95 -20.15 8.68 -47.70
CA THR C 95 -19.57 7.51 -48.33
C THR C 95 -20.67 6.65 -48.93
N PRO C 96 -20.35 5.90 -50.00
CA PRO C 96 -21.36 5.08 -50.65
C PRO C 96 -21.74 3.84 -49.85
N ASP C 97 -23.01 3.44 -49.96
CA ASP C 97 -23.55 2.31 -49.20
C ASP C 97 -23.36 1.01 -49.96
N ILE C 98 -22.10 0.75 -50.34
CA ILE C 98 -21.75 -0.45 -51.11
C ILE C 98 -21.84 -1.69 -50.22
N THR C 99 -22.67 -2.63 -50.66
CA THR C 99 -23.09 -3.77 -49.85
C THR C 99 -22.98 -5.05 -50.68
N ALA C 100 -22.58 -6.15 -50.04
CA ALA C 100 -22.66 -7.48 -50.64
C ALA C 100 -24.12 -7.96 -50.65
N TYR C 101 -24.61 -8.44 -51.80
CA TYR C 101 -25.98 -8.93 -51.96
C TYR C 101 -26.26 -10.19 -51.14
N SER C 102 -25.27 -11.10 -51.11
CA SER C 102 -25.46 -12.42 -50.53
C SER C 102 -24.57 -12.70 -49.30
N SER C 103 -24.41 -11.69 -48.44
CA SER C 103 -23.76 -11.92 -47.13
C SER C 103 -24.70 -12.67 -46.19
N THR C 104 -24.12 -13.47 -45.31
CA THR C 104 -24.84 -14.24 -44.30
C THR C 104 -24.56 -13.75 -42.87
N ARG C 105 -23.58 -12.86 -42.72
CA ARG C 105 -23.22 -12.25 -41.44
CA ARG C 105 -23.26 -12.23 -41.45
C ARG C 105 -22.84 -10.78 -41.67
N PRO C 106 -23.02 -9.91 -40.64
CA PRO C 106 -22.55 -8.54 -40.82
C PRO C 106 -21.06 -8.50 -41.14
N VAL C 107 -20.68 -7.60 -42.04
CA VAL C 107 -19.29 -7.41 -42.39
C VAL C 107 -18.51 -6.96 -41.18
N GLN C 108 -17.29 -7.48 -41.04
CA GLN C 108 -16.40 -7.09 -39.98
C GLN C 108 -15.27 -6.22 -40.55
N VAL C 109 -15.11 -5.03 -40.02
CA VAL C 109 -14.16 -4.06 -40.52
C VAL C 109 -12.79 -4.30 -39.88
N LEU C 110 -11.76 -4.45 -40.71
CA LEU C 110 -10.43 -4.80 -40.24
C LEU C 110 -9.41 -3.67 -40.32
N SER C 111 -9.81 -2.50 -40.78
CA SER C 111 -8.89 -1.37 -40.91
C SER C 111 -9.53 -0.08 -40.41
N PRO C 112 -8.70 0.92 -40.11
CA PRO C 112 -9.20 2.26 -39.84
C PRO C 112 -10.09 2.72 -40.97
N GLN C 113 -11.17 3.45 -40.65
CA GLN C 113 -12.05 4.01 -41.68
CA GLN C 113 -12.02 4.00 -41.69
C GLN C 113 -11.71 5.48 -41.85
N ILE C 114 -10.69 5.72 -42.67
CA ILE C 114 -10.13 7.02 -42.97
C ILE C 114 -9.98 7.11 -44.48
N ALA C 115 -10.46 8.21 -45.06
CA ALA C 115 -10.39 8.42 -46.51
C ALA C 115 -9.41 9.56 -46.82
N VAL C 116 -9.09 9.71 -48.10
CA VAL C 116 -8.25 10.82 -48.56
C VAL C 116 -9.00 11.63 -49.60
N VAL C 117 -9.17 12.92 -49.34
CA VAL C 117 -9.82 13.84 -50.26
C VAL C 117 -8.77 14.69 -50.97
N THR C 118 -8.88 14.79 -52.31
CA THR C 118 -7.96 15.58 -53.11
C THR C 118 -8.67 16.87 -53.57
N HIS C 119 -7.89 17.88 -53.96
CA HIS C 119 -8.41 19.23 -54.27
C HIS C 119 -9.40 19.30 -55.44
N ASP C 120 -9.35 18.33 -56.35
CA ASP C 120 -10.33 18.23 -57.43
C ASP C 120 -11.67 17.60 -57.00
N GLY C 121 -11.84 17.40 -55.69
CA GLY C 121 -13.07 16.85 -55.14
C GLY C 121 -13.14 15.33 -55.12
N SER C 122 -12.08 14.68 -55.58
CA SER C 122 -12.04 13.22 -55.62
C SER C 122 -11.71 12.63 -54.25
N VAL C 123 -12.33 11.49 -53.95
CA VAL C 123 -12.12 10.81 -52.67
C VAL C 123 -11.67 9.38 -52.95
N MET C 124 -10.72 8.88 -52.15
CA MET C 124 -10.39 7.47 -52.18
C MET C 124 -10.46 6.85 -50.78
N PHE C 125 -11.06 5.67 -50.72
CA PHE C 125 -11.32 4.98 -49.47
C PHE C 125 -11.07 3.49 -49.71
N ILE C 126 -10.26 2.87 -48.85
CA ILE C 126 -9.84 1.49 -49.04
C ILE C 126 -9.96 0.67 -47.74
N PRO C 127 -11.20 0.33 -47.35
CA PRO C 127 -11.43 -0.48 -46.15
C PRO C 127 -11.10 -1.95 -46.34
N ALA C 128 -10.46 -2.55 -45.34
CA ALA C 128 -10.30 -4.00 -45.27
C ALA C 128 -11.48 -4.61 -44.48
N GLN C 129 -11.99 -5.72 -44.97
CA GLN C 129 -13.18 -6.36 -44.41
C GLN C 129 -13.05 -7.87 -44.39
N ARG C 130 -13.74 -8.51 -43.44
CA ARG C 130 -14.03 -9.94 -43.51
C ARG C 130 -15.52 -10.15 -43.78
N LEU C 131 -15.82 -10.93 -44.82
CA LEU C 131 -17.18 -11.21 -45.25
C LEU C 131 -17.46 -12.70 -45.29
N SER C 132 -18.55 -13.13 -44.64
CA SER C 132 -19.12 -14.47 -44.87
C SER C 132 -20.23 -14.32 -45.90
N PHE C 133 -20.18 -15.14 -46.95
CA PHE C 133 -21.19 -15.05 -48.00
C PHE C 133 -21.61 -16.45 -48.47
N MET C 134 -22.71 -16.49 -49.22
CA MET C 134 -23.26 -17.76 -49.70
C MET C 134 -22.40 -18.39 -50.80
N CYS C 135 -21.88 -19.59 -50.52
CA CYS C 135 -20.97 -20.24 -51.43
C CYS C 135 -20.89 -21.75 -51.14
N ASP C 136 -21.19 -22.56 -52.15
CA ASP C 136 -21.04 -24.02 -52.06
C ASP C 136 -19.63 -24.41 -52.49
N PRO C 137 -18.77 -24.80 -51.52
CA PRO C 137 -17.39 -25.21 -51.83
C PRO C 137 -17.16 -26.58 -52.46
N THR C 138 -18.22 -27.26 -52.91
CA THR C 138 -18.06 -28.59 -53.52
C THR C 138 -17.00 -28.53 -54.63
N GLY C 139 -16.07 -29.47 -54.60
CA GLY C 139 -15.00 -29.55 -55.57
C GLY C 139 -13.72 -28.84 -55.16
N VAL C 140 -13.73 -28.20 -54.00
CA VAL C 140 -12.55 -27.48 -53.52
C VAL C 140 -11.37 -28.44 -53.32
N ASP C 141 -11.66 -29.70 -53.00
CA ASP C 141 -10.64 -30.74 -52.87
C ASP C 141 -10.38 -31.50 -54.17
N SER C 142 -10.48 -30.81 -55.32
CA SER C 142 -10.17 -31.40 -56.62
C SER C 142 -9.22 -30.48 -57.42
N GLU C 143 -8.70 -31.01 -58.53
CA GLU C 143 -7.89 -30.23 -59.45
C GLU C 143 -8.62 -28.95 -59.93
N GLU C 144 -9.91 -29.09 -60.21
CA GLU C 144 -10.67 -28.03 -60.87
C GLU C 144 -11.27 -27.05 -59.87
N GLY C 145 -11.29 -27.42 -58.59
CA GLY C 145 -11.64 -26.50 -57.53
C GLY C 145 -13.10 -26.15 -57.43
N ALA C 146 -13.42 -25.25 -56.50
CA ALA C 146 -14.75 -24.71 -56.32
C ALA C 146 -14.86 -23.36 -57.02
N THR C 147 -16.08 -22.92 -57.27
CA THR C 147 -16.34 -21.63 -57.90
C THR C 147 -17.47 -20.93 -57.15
N CYS C 148 -17.23 -19.70 -56.74
CA CYS C 148 -18.27 -18.93 -56.07
C CYS C 148 -18.27 -17.48 -56.55
N ALA C 149 -19.42 -16.82 -56.33
CA ALA C 149 -19.64 -15.46 -56.77
C ALA C 149 -20.41 -14.68 -55.72
N VAL C 150 -20.09 -13.39 -55.62
CA VAL C 150 -20.83 -12.48 -54.77
C VAL C 150 -20.78 -11.10 -55.42
N LYS C 151 -21.93 -10.44 -55.51
CA LYS C 151 -22.01 -9.14 -56.15
C LYS C 151 -22.14 -8.03 -55.11
N PHE C 152 -21.60 -6.86 -55.46
CA PHE C 152 -21.52 -5.72 -54.57
C PHE C 152 -22.20 -4.54 -55.24
N GLY C 153 -22.93 -3.75 -54.47
CA GLY C 153 -23.63 -2.59 -55.03
C GLY C 153 -24.27 -1.72 -53.98
N SER C 154 -24.78 -0.57 -54.40
CA SER C 154 -25.52 0.29 -53.51
C SER C 154 -26.80 -0.43 -53.12
N TRP C 155 -27.11 -0.45 -51.84
CA TRP C 155 -28.33 -1.09 -51.38
C TRP C 155 -29.55 -0.28 -51.81
N VAL C 156 -29.50 1.04 -51.67
CA VAL C 156 -30.69 1.87 -51.85
C VAL C 156 -30.68 2.83 -53.06
N TYR C 157 -29.55 2.95 -53.74
CA TYR C 157 -29.47 3.82 -54.93
C TYR C 157 -29.46 3.01 -56.23
N SER C 158 -30.39 3.34 -57.13
CA SER C 158 -30.48 2.72 -58.45
C SER C 158 -29.42 3.30 -59.39
N GLY C 159 -29.36 2.75 -60.59
CA GLY C 159 -28.45 3.27 -61.61
C GLY C 159 -28.64 4.74 -61.96
N PHE C 160 -29.80 5.30 -61.65
CA PHE C 160 -30.06 6.73 -61.86
C PHE C 160 -29.39 7.63 -60.80
N GLU C 161 -28.98 7.05 -59.67
CA GLU C 161 -28.35 7.83 -58.60
C GLU C 161 -26.88 7.44 -58.42
N ILE C 162 -26.62 6.14 -58.35
CA ILE C 162 -25.25 5.63 -58.30
C ILE C 162 -25.02 4.66 -59.47
N ASP C 163 -24.04 5.00 -60.29
CA ASP C 163 -23.51 4.07 -61.26
C ASP C 163 -22.17 3.58 -60.73
N LEU C 164 -21.77 2.38 -61.16
CA LEU C 164 -20.50 1.79 -60.75
C LEU C 164 -19.61 1.61 -61.96
N LYS C 165 -18.30 1.50 -61.71
CA LYS C 165 -17.38 1.01 -62.73
C LYS C 165 -16.13 0.36 -62.13
N THR C 166 -15.40 -0.34 -62.97
CA THR C 166 -14.12 -0.91 -62.63
C THR C 166 -13.07 -0.30 -63.55
N ASP C 167 -11.81 -0.34 -63.13
CA ASP C 167 -10.69 0.01 -64.00
C ASP C 167 -10.14 -1.24 -64.66
N THR C 168 -10.39 -2.39 -64.04
CA THR C 168 -9.88 -3.66 -64.53
C THR C 168 -10.87 -4.74 -64.13
N ASP C 169 -11.03 -5.74 -64.97
CA ASP C 169 -11.89 -6.89 -64.65
C ASP C 169 -11.15 -7.94 -63.81
N GLN C 170 -9.87 -7.67 -63.53
CA GLN C 170 -9.03 -8.55 -62.72
CA GLN C 170 -9.05 -8.56 -62.73
C GLN C 170 -9.02 -8.12 -61.26
N VAL C 171 -9.31 -9.06 -60.36
CA VAL C 171 -9.18 -8.85 -58.93
C VAL C 171 -7.69 -8.88 -58.59
N ASP C 172 -7.24 -7.95 -57.76
CA ASP C 172 -5.83 -7.87 -57.39
C ASP C 172 -5.47 -9.01 -56.44
N LEU C 173 -4.59 -9.89 -56.92
CA LEU C 173 -4.15 -11.06 -56.16
C LEU C 173 -2.69 -10.94 -55.70
N SER C 174 -2.10 -9.76 -55.87
CA SER C 174 -0.67 -9.59 -55.60
C SER C 174 -0.29 -9.64 -54.11
N SER C 175 -1.24 -9.49 -53.19
CA SER C 175 -0.97 -9.69 -51.76
C SER C 175 -1.67 -10.92 -51.16
N TYR C 176 -2.26 -11.78 -52.01
CA TYR C 176 -2.97 -12.95 -51.51
C TYR C 176 -2.05 -13.78 -50.63
N TYR C 177 -2.56 -14.21 -49.47
CA TYR C 177 -1.74 -14.91 -48.48
C TYR C 177 -1.21 -16.22 -49.04
N ALA C 178 0.12 -16.32 -49.15
CA ALA C 178 0.78 -17.42 -49.84
C ALA C 178 0.66 -18.78 -49.15
N SER C 179 0.36 -18.78 -47.85
CA SER C 179 0.15 -20.03 -47.12
C SER C 179 -1.31 -20.21 -46.67
N SER C 180 -2.25 -19.65 -47.41
CA SER C 180 -3.67 -19.86 -47.15
C SER C 180 -3.99 -21.34 -47.34
N LYS C 181 -5.10 -21.81 -46.75
CA LYS C 181 -5.55 -23.19 -46.98
C LYS C 181 -6.00 -23.41 -48.43
N TYR C 182 -6.39 -22.31 -49.08
CA TYR C 182 -6.93 -22.32 -50.44
C TYR C 182 -6.11 -21.44 -51.38
N GLU C 183 -5.71 -22.01 -52.52
CA GLU C 183 -5.05 -21.25 -53.59
C GLU C 183 -6.09 -20.79 -54.61
N ILE C 184 -5.87 -19.59 -55.15
CA ILE C 184 -6.80 -18.96 -56.09
C ILE C 184 -6.45 -19.38 -57.51
N LEU C 185 -7.41 -19.96 -58.21
CA LEU C 185 -7.23 -20.33 -59.61
C LEU C 185 -7.50 -19.12 -60.50
N SER C 186 -8.58 -18.41 -60.20
CA SER C 186 -8.86 -17.12 -60.84
C SER C 186 -9.80 -16.28 -60.01
N ALA C 187 -9.77 -14.97 -60.24
CA ALA C 187 -10.67 -14.04 -59.57
C ALA C 187 -10.92 -12.84 -60.46
N THR C 188 -12.18 -12.60 -60.80
CA THR C 188 -12.58 -11.49 -61.68
C THR C 188 -13.65 -10.62 -61.05
N GLN C 189 -13.72 -9.37 -61.54
CA GLN C 189 -14.71 -8.40 -61.10
C GLN C 189 -15.38 -7.79 -62.33
N THR C 190 -16.70 -7.93 -62.42
CA THR C 190 -17.45 -7.55 -63.62
C THR C 190 -18.72 -6.76 -63.28
N ARG C 191 -18.86 -5.58 -63.89
CA ARG C 191 -20.05 -4.75 -63.74
C ARG C 191 -21.26 -5.41 -64.40
N GLN C 192 -22.39 -5.44 -63.68
CA GLN C 192 -23.65 -5.94 -64.21
C GLN C 192 -24.79 -4.98 -63.93
N VAL C 193 -25.90 -5.17 -64.66
CA VAL C 193 -27.13 -4.40 -64.46
C VAL C 193 -28.26 -5.38 -64.24
N GLN C 194 -29.07 -5.12 -63.22
CA GLN C 194 -30.09 -6.07 -62.77
CA GLN C 194 -30.11 -6.08 -62.79
C GLN C 194 -31.33 -5.32 -62.25
N HIS C 195 -32.47 -6.00 -62.29
CA HIS C 195 -33.72 -5.45 -61.75
C HIS C 195 -34.09 -6.18 -60.47
N TYR C 196 -34.82 -5.51 -59.60
CA TYR C 196 -35.26 -6.08 -58.32
C TYR C 196 -36.72 -5.76 -58.07
N SER C 197 -37.41 -6.65 -57.38
CA SER C 197 -38.88 -6.61 -57.22
C SER C 197 -39.40 -5.30 -56.65
N CYS C 198 -38.65 -4.67 -55.76
CA CYS C 198 -39.04 -3.41 -55.12
C CYS C 198 -39.31 -2.28 -56.10
N CYS C 199 -38.56 -2.29 -57.20
CA CYS C 199 -38.30 -1.07 -57.94
C CYS C 199 -38.28 -1.29 -59.46
N PRO C 200 -38.86 -0.36 -60.23
CA PRO C 200 -38.72 -0.37 -61.70
C PRO C 200 -37.33 0.03 -62.22
N GLU C 201 -36.57 0.80 -61.43
CA GLU C 201 -35.24 1.26 -61.85
C GLU C 201 -34.24 0.13 -61.64
N PRO C 202 -33.33 -0.10 -62.62
CA PRO C 202 -32.27 -1.11 -62.46
C PRO C 202 -31.20 -0.68 -61.46
N TYR C 203 -30.54 -1.66 -60.83
CA TYR C 203 -29.46 -1.39 -59.87
C TYR C 203 -28.16 -1.97 -60.42
N ILE C 204 -27.06 -1.29 -60.17
CA ILE C 204 -25.76 -1.68 -60.72
C ILE C 204 -24.99 -2.49 -59.68
N ASP C 205 -24.26 -3.51 -60.15
CA ASP C 205 -23.35 -4.24 -59.26
C ASP C 205 -22.04 -4.58 -59.94
N VAL C 206 -21.03 -4.82 -59.12
CA VAL C 206 -19.79 -5.44 -59.56
C VAL C 206 -19.76 -6.84 -58.98
N ASN C 207 -19.80 -7.83 -59.87
CA ASN C 207 -19.83 -9.23 -59.50
C ASN C 207 -18.42 -9.78 -59.40
N LEU C 208 -18.08 -10.30 -58.23
CA LEU C 208 -16.80 -10.90 -57.93
C LEU C 208 -16.93 -12.42 -58.06
N VAL C 209 -16.23 -13.01 -59.03
CA VAL C 209 -16.26 -14.46 -59.27
C VAL C 209 -14.90 -15.05 -58.94
N VAL C 210 -14.86 -15.99 -57.99
CA VAL C 210 -13.63 -16.56 -57.50
C VAL C 210 -13.59 -18.07 -57.70
N LYS C 211 -12.52 -18.55 -58.31
CA LYS C 211 -12.26 -19.97 -58.46
C LYS C 211 -11.09 -20.34 -57.58
N PHE C 212 -11.26 -21.37 -56.75
CA PHE C 212 -10.24 -21.73 -55.75
C PHE C 212 -10.28 -23.22 -55.40
N ARG C 213 -9.20 -23.71 -54.80
CA ARG C 213 -9.09 -25.10 -54.36
C ARG C 213 -8.12 -25.18 -53.19
N GLU C 214 -8.10 -26.32 -52.51
CA GLU C 214 -7.21 -26.53 -51.36
C GLU C 214 -5.76 -26.64 -51.82
N ARG C 215 -4.83 -26.08 -51.03
CA ARG C 215 -3.41 -26.03 -51.41
C ARG C 215 -2.71 -27.38 -51.35
N ARG C 216 -2.14 -27.81 -52.48
CA ARG C 216 -1.41 -29.08 -52.62
C ARG C 216 -1.55 -30.04 -51.43
N LEU D 8 -7.28 20.67 -4.90
CA LEU D 8 -8.13 21.60 -5.72
C LEU D 8 -7.28 22.60 -6.50
N HIS D 9 -6.19 23.05 -5.88
CA HIS D 9 -5.26 23.96 -6.54
C HIS D 9 -4.47 23.27 -7.65
N SER D 10 -4.00 22.04 -7.42
CA SER D 10 -3.38 21.25 -8.50
C SER D 10 -4.46 20.59 -9.38
N GLN D 11 -5.61 20.33 -8.77
CA GLN D 11 -6.77 19.77 -9.47
C GLN D 11 -7.34 20.77 -10.48
N ALA D 12 -7.46 22.03 -10.06
CA ALA D 12 -7.93 23.12 -10.93
C ALA D 12 -6.89 23.50 -12.00
N ASN D 13 -5.62 23.34 -11.67
CA ASN D 13 -4.54 23.54 -12.64
C ASN D 13 -4.56 22.51 -13.76
N LEU D 14 -5.09 21.32 -13.45
CA LEU D 14 -5.20 20.26 -14.43
C LEU D 14 -6.44 20.44 -15.31
N MET D 15 -7.55 20.87 -14.71
CA MET D 15 -8.74 21.21 -15.48
C MET D 15 -8.41 22.31 -16.48
N ARG D 16 -7.72 23.35 -16.00
CA ARG D 16 -7.33 24.49 -16.83
C ARG D 16 -6.38 24.09 -17.95
N LEU D 17 -5.49 23.13 -17.68
CA LEU D 17 -4.51 22.67 -18.68
C LEU D 17 -5.17 21.84 -19.78
N LYS D 18 -5.97 20.85 -19.37
CA LYS D 18 -6.69 20.00 -20.31
C LYS D 18 -7.69 20.81 -21.14
N SER D 19 -8.28 21.84 -20.54
CA SER D 19 -9.12 22.77 -21.27
C SER D 19 -8.33 23.43 -22.40
N ASP D 20 -7.23 24.09 -22.03
CA ASP D 20 -6.41 24.87 -22.97
C ASP D 20 -5.93 24.03 -24.15
N LEU D 21 -5.36 22.87 -23.85
CA LEU D 21 -4.74 22.02 -24.87
C LEU D 21 -5.80 21.45 -25.81
N PHE D 22 -6.86 20.90 -25.23
CA PHE D 22 -7.89 20.21 -26.00
C PHE D 22 -8.87 21.17 -26.70
N ASN D 23 -8.88 22.44 -26.28
CA ASN D 23 -9.74 23.46 -26.88
C ASN D 23 -8.92 24.71 -27.20
N TYR D 28 -5.62 19.25 -34.05
CA TYR D 28 -4.53 18.59 -34.77
C TYR D 28 -5.10 17.71 -35.89
N PRO D 29 -4.84 18.10 -37.14
CA PRO D 29 -5.37 17.38 -38.30
C PRO D 29 -4.56 16.14 -38.72
N GLY D 30 -3.80 15.53 -37.82
CA GLY D 30 -2.92 14.41 -38.16
C GLY D 30 -1.65 14.86 -38.85
N PRO D 31 -0.69 13.93 -39.07
CA PRO D 31 0.58 14.26 -39.72
C PRO D 31 0.46 14.53 -41.21
N THR D 32 1.43 15.27 -41.74
CA THR D 32 1.53 15.58 -43.16
C THR D 32 2.99 15.43 -43.62
N LYS D 33 3.21 15.61 -44.92
CA LYS D 33 4.55 15.64 -45.49
C LYS D 33 5.36 16.81 -44.94
N ASP D 34 4.67 17.90 -44.62
CA ASP D 34 5.30 19.10 -44.06
C ASP D 34 5.51 18.99 -42.55
N ASP D 35 4.58 18.34 -41.86
CA ASP D 35 4.63 18.14 -40.42
CA ASP D 35 4.63 18.14 -40.42
C ASP D 35 4.53 16.65 -40.10
N PRO D 36 5.58 15.87 -40.45
CA PRO D 36 5.57 14.42 -40.25
C PRO D 36 5.74 13.98 -38.79
N LEU D 37 5.60 12.68 -38.56
CA LEU D 37 5.51 12.13 -37.22
C LEU D 37 6.23 10.78 -37.10
N THR D 38 6.92 10.56 -35.99
CA THR D 38 7.56 9.27 -35.72
C THR D 38 6.85 8.56 -34.58
N VAL D 39 6.41 7.34 -34.84
CA VAL D 39 5.83 6.47 -33.83
C VAL D 39 6.80 5.34 -33.52
N THR D 40 7.16 5.19 -32.25
CA THR D 40 8.02 4.10 -31.80
C THR D 40 7.14 2.97 -31.24
N LEU D 41 7.43 1.74 -31.67
CA LEU D 41 6.65 0.56 -31.29
C LEU D 41 7.50 -0.51 -30.63
N GLY D 42 6.90 -1.22 -29.69
CA GLY D 42 7.48 -2.40 -29.09
C GLY D 42 6.35 -3.33 -28.67
N PHE D 43 6.60 -4.63 -28.78
CA PHE D 43 5.63 -5.63 -28.44
C PHE D 43 6.10 -6.49 -27.27
N THR D 44 5.16 -6.75 -26.36
CA THR D 44 5.33 -7.72 -25.30
C THR D 44 4.33 -8.85 -25.54
N LEU D 45 4.81 -9.98 -26.00
CA LEU D 45 3.97 -11.13 -26.31
C LEU D 45 3.64 -11.92 -25.04
N GLN D 46 2.35 -11.98 -24.69
CA GLN D 46 1.92 -12.70 -23.48
C GLN D 46 1.54 -14.16 -23.74
N ASP D 47 0.94 -14.42 -24.90
CA ASP D 47 0.46 -15.77 -25.21
C ASP D 47 0.17 -15.97 -26.69
N ILE D 48 0.57 -17.15 -27.19
CA ILE D 48 -0.09 -17.75 -28.35
C ILE D 48 -1.22 -18.61 -27.76
N VAL D 49 -2.45 -18.16 -27.96
CA VAL D 49 -3.63 -18.79 -27.35
C VAL D 49 -4.11 -19.97 -28.18
N LYS D 50 -4.12 -19.82 -29.50
CA LYS D 50 -4.74 -20.80 -30.40
C LYS D 50 -4.06 -20.84 -31.77
N ALA D 51 -3.74 -22.04 -32.27
CA ALA D 51 -3.34 -22.22 -33.68
C ALA D 51 -4.34 -23.13 -34.41
N ASP D 52 -4.99 -22.58 -35.44
CA ASP D 52 -6.03 -23.32 -36.18
C ASP D 52 -5.52 -23.72 -37.57
N SER D 53 -5.24 -25.00 -37.74
CA SER D 53 -4.70 -25.52 -38.99
C SER D 53 -5.78 -25.84 -40.03
N SER D 54 -7.04 -25.66 -39.67
CA SER D 54 -8.15 -25.84 -40.60
C SER D 54 -8.46 -24.54 -41.33
N THR D 55 -8.04 -23.42 -40.73
CA THR D 55 -8.23 -22.11 -41.34
C THR D 55 -6.93 -21.31 -41.49
N ASN D 56 -5.82 -21.87 -40.99
CA ASN D 56 -4.55 -21.16 -40.92
C ASN D 56 -4.70 -19.75 -40.33
N GLU D 57 -5.20 -19.74 -39.10
CA GLU D 57 -5.33 -18.55 -38.27
C GLU D 57 -4.66 -18.85 -36.94
N VAL D 58 -3.85 -17.92 -36.45
CA VAL D 58 -3.29 -18.02 -35.11
C VAL D 58 -3.71 -16.79 -34.31
N ASP D 59 -4.00 -17.00 -33.02
CA ASP D 59 -4.44 -15.92 -32.13
C ASP D 59 -3.33 -15.61 -31.13
N LEU D 60 -3.00 -14.33 -31.01
CA LEU D 60 -1.99 -13.87 -30.06
C LEU D 60 -2.61 -12.94 -29.04
N VAL D 61 -2.11 -13.01 -27.81
CA VAL D 61 -2.35 -11.92 -26.85
C VAL D 61 -1.01 -11.22 -26.57
N TYR D 62 -1.02 -9.90 -26.72
CA TYR D 62 0.18 -9.08 -26.53
C TYR D 62 -0.23 -7.70 -26.09
N TYR D 63 0.72 -6.92 -25.58
CA TYR D 63 0.51 -5.47 -25.52
C TYR D 63 1.56 -4.71 -26.33
N GLU D 64 1.12 -3.58 -26.88
CA GLU D 64 1.85 -2.82 -27.87
C GLU D 64 2.13 -1.41 -27.36
N GLN D 65 3.39 -1.12 -27.05
CA GLN D 65 3.78 0.20 -26.58
C GLN D 65 3.95 1.15 -27.77
N GLN D 66 3.20 2.26 -27.74
CA GLN D 66 3.26 3.26 -28.77
C GLN D 66 3.74 4.57 -28.17
N ARG D 67 4.67 5.24 -28.85
CA ARG D 67 5.18 6.55 -28.42
CA ARG D 67 5.19 6.55 -28.43
C ARG D 67 5.27 7.50 -29.60
N TRP D 68 4.86 8.75 -29.37
CA TRP D 68 4.96 9.80 -30.37
C TRP D 68 4.98 11.15 -29.65
N LYS D 69 5.22 12.23 -30.40
CA LYS D 69 5.34 13.54 -29.80
C LYS D 69 4.71 14.60 -30.69
N LEU D 70 3.85 15.43 -30.10
CA LEU D 70 3.24 16.57 -30.79
C LEU D 70 3.65 17.87 -30.11
N ASN D 71 4.07 18.85 -30.91
CA ASN D 71 4.32 20.19 -30.40
C ASN D 71 3.04 20.85 -29.92
N SER D 72 1.90 20.42 -30.48
CA SER D 72 0.58 20.93 -30.08
C SER D 72 0.16 20.47 -28.68
N LEU D 73 0.89 19.52 -28.09
CA LEU D 73 0.63 19.05 -26.73
C LEU D 73 1.67 19.50 -25.71
N MET D 74 2.49 20.48 -26.08
CA MET D 74 3.52 20.99 -25.17
C MET D 74 2.94 22.03 -24.24
N TRP D 75 3.47 22.09 -23.01
CA TRP D 75 3.14 23.15 -22.07
C TRP D 75 4.28 23.36 -21.10
N ASP D 76 4.25 24.49 -20.41
CA ASP D 76 5.25 24.84 -19.41
C ASP D 76 4.68 24.54 -18.02
N PRO D 77 5.25 23.54 -17.32
CA PRO D 77 4.80 23.14 -15.98
C PRO D 77 4.70 24.31 -14.98
N ASN D 78 5.53 25.33 -15.15
CA ASN D 78 5.51 26.50 -14.28
C ASN D 78 4.23 27.31 -14.40
N GLU D 79 3.63 27.28 -15.59
CA GLU D 79 2.34 27.96 -15.82
C GLU D 79 1.15 27.14 -15.33
N TYR D 80 1.39 25.86 -15.03
CA TYR D 80 0.31 24.96 -14.58
C TYR D 80 0.67 24.18 -13.31
N GLY D 81 1.24 24.89 -12.32
CA GLY D 81 1.49 24.35 -10.98
C GLY D 81 2.45 23.17 -10.91
N ASN D 82 3.48 23.19 -11.74
CA ASN D 82 4.48 22.13 -11.85
C ASN D 82 3.93 20.75 -12.26
N ILE D 83 2.76 20.73 -12.90
CA ILE D 83 2.23 19.50 -13.50
C ILE D 83 3.10 19.16 -14.70
N THR D 84 3.68 17.97 -14.70
CA THR D 84 4.56 17.53 -15.78
C THR D 84 3.89 16.55 -16.75
N ASP D 85 2.79 15.92 -16.33
CA ASP D 85 2.09 14.94 -17.17
CA ASP D 85 2.10 14.94 -17.16
C ASP D 85 0.69 14.65 -16.65
N PHE D 86 -0.13 14.03 -17.50
CA PHE D 86 -1.50 13.65 -17.12
C PHE D 86 -2.04 12.46 -17.90
N ARG D 87 -2.92 11.71 -17.24
CA ARG D 87 -3.70 10.66 -17.89
C ARG D 87 -4.86 11.27 -18.65
N THR D 88 -5.13 10.74 -19.84
CA THR D 88 -6.28 11.15 -20.64
C THR D 88 -6.83 9.98 -21.45
N SER D 89 -8.14 9.99 -21.66
CA SER D 89 -8.78 9.07 -22.57
C SER D 89 -8.10 9.14 -23.95
N ALA D 90 -7.91 7.99 -24.58
CA ALA D 90 -7.31 7.95 -25.92
C ALA D 90 -8.19 8.64 -26.97
N ALA D 91 -9.50 8.75 -26.68
CA ALA D 91 -10.43 9.45 -27.55
C ALA D 91 -10.27 10.97 -27.46
N ASP D 92 -9.75 11.45 -26.34
CA ASP D 92 -9.53 12.90 -26.16
C ASP D 92 -8.30 13.43 -26.92
N ILE D 93 -7.47 12.53 -27.45
CA ILE D 93 -6.29 12.92 -28.22
C ILE D 93 -6.22 12.17 -29.55
N TRP D 94 -5.32 12.64 -30.41
CA TRP D 94 -5.06 12.00 -31.67
C TRP D 94 -4.19 10.78 -31.39
N THR D 95 -4.52 9.67 -32.03
CA THR D 95 -3.73 8.45 -31.93
C THR D 95 -3.44 7.95 -33.33
N PRO D 96 -2.28 7.30 -33.50
CA PRO D 96 -1.92 6.76 -34.82
C PRO D 96 -2.74 5.53 -35.22
N ASP D 97 -2.93 5.36 -36.53
CA ASP D 97 -3.75 4.27 -37.05
C ASP D 97 -2.93 3.01 -37.30
N ILE D 98 -2.18 2.59 -36.29
CA ILE D 98 -1.31 1.42 -36.43
C ILE D 98 -2.18 0.17 -36.48
N THR D 99 -2.04 -0.59 -37.56
CA THR D 99 -2.92 -1.68 -37.90
C THR D 99 -2.07 -2.91 -38.27
N ALA D 100 -2.51 -4.08 -37.83
CA ALA D 100 -1.94 -5.36 -38.26
C ALA D 100 -2.42 -5.67 -39.68
N TYR D 101 -1.47 -5.92 -40.58
CA TYR D 101 -1.76 -6.07 -42.02
C TYR D 101 -2.58 -7.32 -42.35
N SER D 102 -2.26 -8.44 -41.69
CA SER D 102 -2.89 -9.72 -42.03
C SER D 102 -3.89 -10.20 -40.97
N SER D 103 -4.57 -9.28 -40.29
CA SER D 103 -5.60 -9.70 -39.33
C SER D 103 -6.74 -10.38 -40.10
N THR D 104 -7.41 -11.31 -39.42
CA THR D 104 -8.54 -12.03 -39.98
C THR D 104 -9.84 -11.74 -39.21
N ARG D 105 -9.72 -11.11 -38.05
CA ARG D 105 -10.85 -10.68 -37.22
CA ARG D 105 -10.86 -10.67 -37.26
C ARG D 105 -10.57 -9.28 -36.71
N PRO D 106 -11.61 -8.51 -36.38
CA PRO D 106 -11.33 -7.22 -35.72
C PRO D 106 -10.57 -7.44 -34.40
N VAL D 107 -9.67 -6.51 -34.10
CA VAL D 107 -8.86 -6.57 -32.88
C VAL D 107 -9.71 -6.40 -31.66
N GLN D 108 -9.48 -7.25 -30.66
CA GLN D 108 -10.20 -7.22 -29.39
C GLN D 108 -9.35 -6.52 -28.32
N VAL D 109 -9.84 -5.38 -27.84
CA VAL D 109 -9.11 -4.55 -26.89
C VAL D 109 -9.29 -5.07 -25.45
N LEU D 110 -8.18 -5.37 -24.80
CA LEU D 110 -8.18 -6.01 -23.47
C LEU D 110 -7.87 -5.04 -22.32
N SER D 111 -7.41 -3.84 -22.62
CA SER D 111 -7.01 -2.87 -21.60
C SER D 111 -7.79 -1.59 -21.77
N PRO D 112 -7.83 -0.75 -20.70
CA PRO D 112 -8.41 0.60 -20.77
C PRO D 112 -7.74 1.50 -21.82
N GLN D 113 -8.54 2.27 -22.54
CA GLN D 113 -8.05 3.14 -23.59
CA GLN D 113 -8.02 3.14 -23.59
C GLN D 113 -7.70 4.50 -22.99
N ILE D 114 -6.59 4.52 -22.25
CA ILE D 114 -6.10 5.71 -21.58
C ILE D 114 -4.63 5.88 -21.96
N ALA D 115 -4.29 7.10 -22.37
CA ALA D 115 -2.91 7.46 -22.67
C ALA D 115 -2.37 8.42 -21.60
N VAL D 116 -1.05 8.64 -21.65
CA VAL D 116 -0.40 9.62 -20.79
C VAL D 116 0.33 10.65 -21.64
N VAL D 117 -0.04 11.92 -21.48
CA VAL D 117 0.62 13.04 -22.16
C VAL D 117 1.59 13.74 -21.20
N THR D 118 2.84 13.91 -21.64
CA THR D 118 3.88 14.63 -20.90
C THR D 118 4.04 16.06 -21.43
N HIS D 119 4.54 16.95 -20.57
CA HIS D 119 4.65 18.40 -20.84
C HIS D 119 5.49 18.81 -22.06
N ASP D 120 6.39 17.93 -22.48
CA ASP D 120 7.16 18.13 -23.70
C ASP D 120 6.38 17.68 -24.94
N GLY D 121 5.13 17.29 -24.76
CA GLY D 121 4.26 16.91 -25.87
C GLY D 121 4.33 15.44 -26.27
N SER D 122 5.17 14.66 -25.60
CA SER D 122 5.23 13.22 -25.87
C SER D 122 4.01 12.51 -25.28
N VAL D 123 3.58 11.44 -25.96
CA VAL D 123 2.44 10.64 -25.56
C VAL D 123 2.87 9.18 -25.53
N MET D 124 2.42 8.43 -24.52
CA MET D 124 2.57 6.98 -24.51
C MET D 124 1.22 6.29 -24.30
N PHE D 125 1.01 5.23 -25.08
CA PHE D 125 -0.22 4.46 -25.07
C PHE D 125 0.17 3.00 -25.26
N ILE D 126 -0.38 2.12 -24.42
CA ILE D 126 0.05 0.72 -24.40
C ILE D 126 -1.15 -0.25 -24.35
N PRO D 127 -1.88 -0.37 -25.47
CA PRO D 127 -3.04 -1.25 -25.53
C PRO D 127 -2.66 -2.73 -25.52
N ALA D 128 -3.33 -3.52 -24.67
CA ALA D 128 -3.32 -4.98 -24.76
C ALA D 128 -4.40 -5.44 -25.75
N GLN D 129 -4.07 -6.45 -26.54
CA GLN D 129 -4.88 -6.86 -27.70
C GLN D 129 -4.94 -8.38 -27.84
N ARG D 130 -6.10 -8.89 -28.24
CA ARG D 130 -6.16 -10.24 -28.84
C ARG D 130 -6.31 -10.08 -30.36
N LEU D 131 -5.41 -10.73 -31.10
CA LEU D 131 -5.36 -10.64 -32.56
C LEU D 131 -5.39 -12.03 -33.19
N SER D 132 -6.33 -12.26 -34.10
CA SER D 132 -6.25 -13.40 -35.03
C SER D 132 -5.63 -12.87 -36.33
N PHE D 133 -4.62 -13.57 -36.82
CA PHE D 133 -3.94 -13.19 -38.04
C PHE D 133 -3.63 -14.42 -38.89
N MET D 134 -3.29 -14.20 -40.16
CA MET D 134 -3.05 -15.31 -41.09
C MET D 134 -1.74 -15.99 -40.80
N CYS D 135 -1.80 -17.29 -40.52
CA CYS D 135 -0.64 -18.05 -40.13
C CYS D 135 -0.87 -19.56 -40.37
N ASP D 136 0.03 -20.18 -41.14
CA ASP D 136 0.05 -21.63 -41.31
C ASP D 136 0.91 -22.26 -40.20
N PRO D 137 0.28 -22.96 -39.24
CA PRO D 137 1.00 -23.53 -38.10
C PRO D 137 1.69 -24.88 -38.37
N THR D 138 1.76 -25.29 -39.63
CA THR D 138 2.44 -26.54 -39.98
C THR D 138 3.83 -26.59 -39.35
N GLY D 139 4.19 -27.75 -38.80
CA GLY D 139 5.46 -27.93 -38.12
C GLY D 139 5.44 -27.63 -36.63
N VAL D 140 4.31 -27.13 -36.11
CA VAL D 140 4.22 -26.76 -34.70
C VAL D 140 4.43 -27.96 -33.76
N ASP D 141 4.14 -29.18 -34.25
CA ASP D 141 4.33 -30.40 -33.48
C ASP D 141 5.65 -31.13 -33.82
N SER D 142 6.68 -30.35 -34.13
CA SER D 142 8.01 -30.86 -34.37
C SER D 142 9.02 -30.04 -33.57
N GLU D 143 10.27 -30.50 -33.54
CA GLU D 143 11.31 -29.79 -32.80
C GLU D 143 11.65 -28.44 -33.44
N GLU D 144 11.44 -28.32 -34.76
CA GLU D 144 11.76 -27.11 -35.50
C GLU D 144 10.65 -26.07 -35.34
N GLY D 145 9.43 -26.52 -35.07
CA GLY D 145 8.31 -25.62 -34.78
C GLY D 145 7.68 -24.97 -36.00
N ALA D 146 6.70 -24.09 -35.78
CA ALA D 146 6.09 -23.30 -36.85
C ALA D 146 6.72 -21.92 -36.87
N THR D 147 6.52 -21.20 -37.98
CA THR D 147 7.01 -19.83 -38.11
C THR D 147 5.93 -18.98 -38.74
N CYS D 148 5.66 -17.83 -38.14
CA CYS D 148 4.68 -16.90 -38.68
C CYS D 148 5.06 -15.45 -38.47
N ALA D 149 4.42 -14.59 -39.24
CA ALA D 149 4.77 -13.18 -39.31
C ALA D 149 3.52 -12.34 -39.50
N VAL D 150 3.51 -11.18 -38.87
CA VAL D 150 2.44 -10.20 -39.08
C VAL D 150 3.05 -8.81 -38.94
N LYS D 151 2.81 -7.96 -39.93
CA LYS D 151 3.42 -6.62 -39.95
C LYS D 151 2.39 -5.57 -39.57
N PHE D 152 2.88 -4.54 -38.86
CA PHE D 152 2.04 -3.47 -38.34
C PHE D 152 2.49 -2.15 -38.93
N GLY D 153 1.52 -1.28 -39.24
CA GLY D 153 1.84 0.03 -39.78
C GLY D 153 0.63 0.92 -39.87
N SER D 154 0.89 2.18 -40.20
CA SER D 154 -0.19 3.12 -40.45
C SER D 154 -0.94 2.66 -41.69
N TRP D 155 -2.27 2.67 -41.59
CA TRP D 155 -3.11 2.29 -42.73
C TRP D 155 -3.05 3.32 -43.84
N VAL D 156 -3.15 4.61 -43.49
CA VAL D 156 -3.25 5.68 -44.50
C VAL D 156 -2.04 6.64 -44.60
N TYR D 157 -1.00 6.48 -43.78
CA TYR D 157 0.15 7.39 -43.84
C TYR D 157 1.43 6.68 -44.30
N SER D 158 2.04 7.21 -45.36
CA SER D 158 3.28 6.65 -45.91
C SER D 158 4.48 7.06 -45.07
N GLY D 159 5.65 6.52 -45.42
CA GLY D 159 6.91 6.88 -44.77
C GLY D 159 7.23 8.36 -44.74
N PHE D 160 6.60 9.13 -45.63
CA PHE D 160 6.73 10.59 -45.69
C PHE D 160 5.86 11.33 -44.68
N GLU D 161 4.89 10.63 -44.07
CA GLU D 161 3.98 11.25 -43.10
CA GLU D 161 3.98 11.24 -43.10
C GLU D 161 4.17 10.65 -41.71
N ILE D 162 4.26 9.32 -41.64
CA ILE D 162 4.56 8.62 -40.41
C ILE D 162 5.76 7.71 -40.63
N ASP D 163 6.78 7.87 -39.81
CA ASP D 163 7.89 6.94 -39.76
C ASP D 163 7.70 6.03 -38.54
N LEU D 164 8.27 4.83 -38.59
CA LEU D 164 8.25 3.94 -37.44
C LEU D 164 9.65 3.62 -36.97
N LYS D 165 9.83 3.49 -35.66
CA LYS D 165 11.12 3.10 -35.05
C LYS D 165 10.89 2.06 -33.96
N THR D 166 11.92 1.27 -33.68
CA THR D 166 11.91 0.38 -32.51
C THR D 166 13.14 0.69 -31.67
N ASP D 167 13.06 0.39 -30.37
CA ASP D 167 14.24 0.48 -29.48
C ASP D 167 15.04 -0.81 -29.53
N THR D 168 14.36 -1.92 -29.80
CA THR D 168 15.01 -3.22 -29.91
C THR D 168 14.31 -4.04 -30.97
N ASP D 169 15.03 -4.98 -31.56
CA ASP D 169 14.41 -5.93 -32.48
C ASP D 169 13.95 -7.21 -31.77
N GLN D 170 14.16 -7.27 -30.45
CA GLN D 170 13.71 -8.40 -29.62
C GLN D 170 12.35 -8.07 -29.04
N VAL D 171 11.37 -8.93 -29.34
CA VAL D 171 10.07 -8.85 -28.70
C VAL D 171 10.26 -9.21 -27.23
N ASP D 172 9.59 -8.48 -26.35
CA ASP D 172 9.69 -8.73 -24.92
C ASP D 172 8.94 -10.00 -24.58
N LEU D 173 9.67 -11.00 -24.11
CA LEU D 173 9.10 -12.30 -23.75
C LEU D 173 9.10 -12.54 -22.23
N SER D 174 9.47 -11.52 -21.46
CA SER D 174 9.52 -11.62 -19.99
C SER D 174 8.15 -11.83 -19.32
N SER D 175 7.06 -11.52 -20.03
CA SER D 175 5.69 -11.77 -19.56
C SER D 175 4.97 -12.89 -20.34
N TYR D 176 5.71 -13.71 -21.09
CA TYR D 176 5.08 -14.77 -21.86
C TYR D 176 4.57 -15.86 -20.90
N TYR D 177 3.34 -16.31 -21.11
CA TYR D 177 2.70 -17.27 -20.22
C TYR D 177 3.50 -18.56 -20.16
N ALA D 178 3.95 -18.92 -18.98
CA ALA D 178 4.87 -20.05 -18.78
C ALA D 178 4.23 -21.41 -19.05
N SER D 179 2.90 -21.47 -18.99
CA SER D 179 2.17 -22.72 -19.22
C SER D 179 1.27 -22.61 -20.45
N SER D 180 1.71 -21.86 -21.46
CA SER D 180 1.02 -21.80 -22.74
C SER D 180 1.09 -23.16 -23.40
N LYS D 181 0.15 -23.44 -24.29
CA LYS D 181 0.22 -24.63 -25.13
C LYS D 181 1.42 -24.55 -26.06
N TYR D 182 1.81 -23.33 -26.39
CA TYR D 182 2.88 -23.07 -27.34
C TYR D 182 4.06 -22.35 -26.70
N GLU D 183 5.22 -22.95 -26.88
CA GLU D 183 6.48 -22.48 -26.38
C GLU D 183 7.09 -21.61 -27.46
N ILE D 184 7.72 -20.50 -27.08
CA ILE D 184 8.31 -19.57 -28.05
C ILE D 184 9.79 -19.88 -28.27
N LEU D 185 10.15 -20.20 -29.51
CA LEU D 185 11.54 -20.42 -29.88
C LEU D 185 12.25 -19.09 -30.16
N SER D 186 11.55 -18.17 -30.81
CA SER D 186 12.05 -16.80 -30.96
C SER D 186 10.93 -15.84 -31.35
N ALA D 187 11.17 -14.56 -31.07
CA ALA D 187 10.21 -13.50 -31.39
C ALA D 187 10.99 -12.20 -31.64
N THR D 188 10.90 -11.71 -32.87
CA THR D 188 11.60 -10.50 -33.26
C THR D 188 10.63 -9.47 -33.80
N GLN D 189 11.05 -8.23 -33.80
CA GLN D 189 10.26 -7.12 -34.33
C GLN D 189 11.20 -6.27 -35.17
N THR D 190 10.92 -6.16 -36.47
CA THR D 190 11.86 -5.56 -37.41
C THR D 190 11.19 -4.55 -38.33
N ARG D 191 11.79 -3.36 -38.40
CA ARG D 191 11.32 -2.27 -39.25
C ARG D 191 11.58 -2.56 -40.73
N GLN D 192 10.57 -2.32 -41.56
CA GLN D 192 10.66 -2.56 -42.99
C GLN D 192 10.06 -1.40 -43.77
N VAL D 193 10.44 -1.33 -45.04
CA VAL D 193 10.00 -0.28 -45.96
C VAL D 193 9.52 -0.99 -47.21
N GLN D 194 8.25 -0.79 -47.58
CA GLN D 194 7.65 -1.53 -48.70
CA GLN D 194 7.64 -1.53 -48.69
C GLN D 194 6.65 -0.69 -49.48
N HIS D 195 6.44 -1.06 -50.75
CA HIS D 195 5.46 -0.40 -51.62
C HIS D 195 4.14 -1.16 -51.60
N TYR D 196 3.05 -0.43 -51.82
CA TYR D 196 1.70 -1.02 -51.89
C TYR D 196 1.01 -0.52 -53.15
N SER D 197 0.18 -1.38 -53.75
CA SER D 197 -0.43 -1.11 -55.07
C SER D 197 -1.12 0.25 -55.18
N CYS D 198 -1.75 0.67 -54.09
CA CYS D 198 -2.53 1.91 -54.06
C CYS D 198 -1.73 3.15 -54.41
N CYS D 199 -0.45 3.13 -54.03
CA CYS D 199 0.27 4.36 -53.74
C CYS D 199 1.71 4.34 -54.28
N PRO D 200 2.21 5.50 -54.75
CA PRO D 200 3.60 5.56 -55.19
C PRO D 200 4.63 5.52 -54.06
N GLU D 201 4.27 6.07 -52.90
CA GLU D 201 5.24 6.26 -51.83
C GLU D 201 5.22 5.08 -50.85
N PRO D 202 6.41 4.61 -50.41
CA PRO D 202 6.46 3.43 -49.54
C PRO D 202 5.96 3.67 -48.11
N TYR D 203 5.48 2.61 -47.48
CA TYR D 203 4.94 2.67 -46.13
C TYR D 203 5.90 1.93 -45.21
N ILE D 204 5.95 2.35 -43.94
CA ILE D 204 6.81 1.71 -42.97
C ILE D 204 6.02 0.67 -42.18
N ASP D 205 6.65 -0.48 -41.91
CA ASP D 205 6.07 -1.46 -41.04
C ASP D 205 7.06 -1.98 -40.00
N VAL D 206 6.51 -2.54 -38.93
CA VAL D 206 7.25 -3.32 -37.97
C VAL D 206 6.75 -4.77 -38.07
N ASN D 207 7.64 -5.65 -38.49
CA ASN D 207 7.32 -7.03 -38.74
C ASN D 207 7.63 -7.92 -37.55
N LEU D 208 6.58 -8.53 -37.02
CA LEU D 208 6.67 -9.43 -35.88
C LEU D 208 6.79 -10.86 -36.39
N VAL D 209 7.95 -11.48 -36.22
CA VAL D 209 8.17 -12.85 -36.67
C VAL D 209 8.29 -13.77 -35.45
N VAL D 210 7.29 -14.63 -35.26
CA VAL D 210 7.27 -15.55 -34.13
C VAL D 210 7.55 -16.99 -34.59
N LYS D 211 8.43 -17.64 -33.84
CA LYS D 211 8.81 -19.03 -34.06
C LYS D 211 8.44 -19.81 -32.81
N PHE D 212 7.61 -20.83 -32.98
CA PHE D 212 6.99 -21.51 -31.84
C PHE D 212 6.72 -22.98 -32.13
N ARG D 213 6.67 -23.79 -31.07
CA ARG D 213 6.26 -25.17 -31.18
C ARG D 213 5.38 -25.58 -30.01
N GLU D 214 4.69 -26.70 -30.17
CA GLU D 214 3.86 -27.26 -29.10
C GLU D 214 4.73 -27.61 -27.89
N ARG D 215 4.21 -27.25 -26.72
CA ARG D 215 4.86 -27.44 -25.43
CA ARG D 215 4.93 -27.42 -25.46
C ARG D 215 5.37 -28.88 -25.23
N ARG D 216 6.59 -29.02 -24.71
CA ARG D 216 7.19 -30.33 -24.42
C ARG D 216 6.95 -30.77 -22.97
N LYS E 7 -42.48 12.70 -0.06
CA LYS E 7 -41.92 12.02 -1.26
C LYS E 7 -41.35 13.03 -2.26
N LEU E 8 -42.19 13.95 -2.72
CA LEU E 8 -41.78 15.01 -3.66
C LEU E 8 -40.56 15.78 -3.19
N HIS E 9 -40.58 16.18 -1.92
CA HIS E 9 -39.49 16.96 -1.33
C HIS E 9 -38.15 16.23 -1.28
N SER E 10 -38.17 14.97 -0.84
CA SER E 10 -36.95 14.20 -0.69
C SER E 10 -36.29 13.89 -2.04
N GLN E 11 -37.09 13.86 -3.12
CA GLN E 11 -36.53 13.73 -4.47
C GLN E 11 -36.10 15.08 -5.03
N ALA E 12 -36.74 16.17 -4.58
CA ALA E 12 -36.26 17.52 -4.91
C ALA E 12 -34.84 17.73 -4.38
N ASN E 13 -34.59 17.25 -3.16
CA ASN E 13 -33.28 17.37 -2.52
C ASN E 13 -32.22 16.45 -3.14
N LEU E 14 -32.65 15.26 -3.56
CA LEU E 14 -31.72 14.33 -4.21
C LEU E 14 -31.28 14.86 -5.57
N MET E 15 -32.25 15.25 -6.40
CA MET E 15 -31.98 15.87 -7.70
C MET E 15 -31.11 17.14 -7.55
N ARG E 16 -31.26 17.83 -6.43
CA ARG E 16 -30.41 18.97 -6.09
C ARG E 16 -28.97 18.49 -5.88
N LEU E 17 -28.77 17.57 -4.94
CA LEU E 17 -27.45 17.06 -4.57
C LEU E 17 -26.63 16.61 -5.78
N LYS E 18 -27.23 15.75 -6.61
CA LYS E 18 -26.54 15.18 -7.77
C LYS E 18 -26.13 16.28 -8.76
N SER E 19 -27.08 17.19 -9.04
CA SER E 19 -26.78 18.38 -9.83
C SER E 19 -25.57 19.14 -9.25
N ASP E 20 -25.53 19.29 -7.93
CA ASP E 20 -24.48 20.07 -7.26
C ASP E 20 -23.13 19.38 -7.19
N LEU E 21 -23.13 18.04 -7.16
CA LEU E 21 -21.89 17.28 -7.09
C LEU E 21 -21.27 17.02 -8.47
N PHE E 22 -22.11 16.87 -9.50
CA PHE E 22 -21.65 16.49 -10.83
C PHE E 22 -21.31 17.66 -11.74
N ASN E 23 -21.95 18.80 -11.51
CA ASN E 23 -21.80 19.96 -12.38
C ASN E 23 -21.16 21.12 -11.63
N TYR E 28 -13.33 15.83 -11.41
CA TYR E 28 -12.24 15.06 -10.79
C TYR E 28 -11.44 14.32 -11.86
N PRO E 29 -10.17 14.73 -12.07
CA PRO E 29 -9.35 14.21 -13.17
C PRO E 29 -8.72 12.84 -12.93
N GLY E 30 -9.19 12.08 -11.96
CA GLY E 30 -8.51 10.86 -11.54
C GLY E 30 -7.38 11.19 -10.57
N PRO E 31 -6.72 10.16 -10.04
CA PRO E 31 -5.64 10.38 -9.08
C PRO E 31 -4.35 10.89 -9.72
N THR E 32 -3.57 11.64 -8.93
CA THR E 32 -2.22 12.08 -9.31
C THR E 32 -1.23 11.67 -8.21
N LYS E 33 0.05 11.95 -8.40
CA LYS E 33 1.07 11.70 -7.36
C LYS E 33 0.83 12.62 -6.16
N ASP E 34 0.33 13.82 -6.42
CA ASP E 34 0.00 14.77 -5.36
C ASP E 34 -1.30 14.43 -4.63
N ASP E 35 -2.18 13.70 -5.30
CA ASP E 35 -3.49 13.37 -4.76
C ASP E 35 -3.79 11.90 -5.08
N PRO E 36 -3.05 10.97 -4.45
CA PRO E 36 -3.22 9.56 -4.74
C PRO E 36 -4.49 8.97 -4.13
N LEU E 37 -4.83 7.76 -4.56
CA LEU E 37 -6.07 7.12 -4.17
C LEU E 37 -5.83 5.67 -3.82
N THR E 38 -6.49 5.20 -2.75
CA THR E 38 -6.43 3.79 -2.38
C THR E 38 -7.76 3.14 -2.75
N VAL E 39 -7.66 2.04 -3.49
CA VAL E 39 -8.82 1.27 -3.89
C VAL E 39 -8.76 -0.06 -3.18
N THR E 40 -9.84 -0.41 -2.47
CA THR E 40 -9.94 -1.71 -1.82
C THR E 40 -10.64 -2.67 -2.77
N LEU E 41 -10.07 -3.86 -2.94
CA LEU E 41 -10.62 -4.90 -3.82
C LEU E 41 -10.95 -6.19 -3.06
N GLY E 42 -12.07 -6.80 -3.43
CA GLY E 42 -12.43 -8.13 -2.93
C GLY E 42 -13.16 -8.89 -4.02
N PHE E 43 -12.85 -10.17 -4.16
CA PHE E 43 -13.48 -11.01 -5.17
C PHE E 43 -14.44 -12.02 -4.52
N THR E 44 -15.55 -12.25 -5.22
CA THR E 44 -16.50 -13.29 -4.87
C THR E 44 -16.59 -14.21 -6.09
N LEU E 45 -16.05 -15.43 -5.98
CA LEU E 45 -16.05 -16.36 -7.11
C LEU E 45 -17.37 -17.11 -7.18
N GLN E 46 -18.09 -16.92 -8.30
CA GLN E 46 -19.42 -17.52 -8.49
C GLN E 46 -19.36 -18.88 -9.16
N ASP E 47 -18.47 -19.02 -10.14
CA ASP E 47 -18.41 -20.25 -10.93
C ASP E 47 -17.15 -20.30 -11.77
N ILE E 48 -16.52 -21.46 -11.83
CA ILE E 48 -15.58 -21.78 -12.90
C ILE E 48 -16.42 -22.47 -13.96
N VAL E 49 -16.71 -21.75 -15.05
CA VAL E 49 -17.66 -22.21 -16.07
C VAL E 49 -17.02 -23.23 -16.99
N LYS E 50 -15.79 -22.97 -17.42
CA LYS E 50 -15.14 -23.76 -18.48
C LYS E 50 -13.63 -23.82 -18.32
N ALA E 51 -13.05 -24.99 -18.57
CA ALA E 51 -11.60 -25.12 -18.59
C ALA E 51 -11.17 -25.76 -19.91
N ASP E 52 -10.42 -25.02 -20.72
CA ASP E 52 -10.07 -25.45 -22.08
C ASP E 52 -8.59 -25.82 -22.15
N SER E 53 -8.33 -27.11 -22.19
CA SER E 53 -6.97 -27.63 -22.24
C SER E 53 -6.43 -27.70 -23.66
N SER E 54 -7.19 -27.26 -24.65
CA SER E 54 -6.67 -27.15 -26.02
C SER E 54 -6.05 -25.78 -26.24
N THR E 55 -6.49 -24.79 -25.47
CA THR E 55 -5.96 -23.44 -25.54
C THR E 55 -5.38 -22.93 -24.22
N ASN E 56 -5.49 -23.74 -23.15
CA ASN E 56 -5.16 -23.31 -21.78
C ASN E 56 -5.78 -21.95 -21.43
N GLU E 57 -7.11 -21.93 -21.47
CA GLU E 57 -7.91 -20.77 -21.05
C GLU E 57 -8.99 -21.29 -20.10
N VAL E 58 -9.25 -20.54 -19.04
CA VAL E 58 -10.30 -20.86 -18.11
C VAL E 58 -11.22 -19.65 -18.00
N ASP E 59 -12.51 -19.91 -17.87
CA ASP E 59 -13.52 -18.87 -17.76
C ASP E 59 -14.09 -18.84 -16.35
N LEU E 60 -14.07 -17.65 -15.72
CA LEU E 60 -14.64 -17.45 -14.39
C LEU E 60 -15.79 -16.48 -14.46
N VAL E 61 -16.81 -16.72 -13.62
CA VAL E 61 -17.80 -15.70 -13.29
C VAL E 61 -17.56 -15.33 -11.82
N TYR E 62 -17.52 -14.02 -11.56
CA TYR E 62 -17.19 -13.47 -10.25
C TYR E 62 -17.75 -12.08 -10.21
N TYR E 63 -17.91 -11.53 -9.01
CA TYR E 63 -18.05 -10.08 -8.91
C TYR E 63 -16.92 -9.47 -8.10
N GLU E 64 -16.63 -8.21 -8.40
CA GLU E 64 -15.43 -7.54 -7.93
C GLU E 64 -15.88 -6.35 -7.12
N GLN E 65 -15.77 -6.46 -5.80
CA GLN E 65 -16.13 -5.33 -4.94
C GLN E 65 -15.01 -4.28 -4.99
N GLN E 66 -15.39 -3.04 -5.32
CA GLN E 66 -14.45 -1.93 -5.37
C GLN E 66 -14.94 -0.82 -4.45
N ARG E 67 -14.04 -0.34 -3.58
CA ARG E 67 -14.33 0.79 -2.70
CA ARG E 67 -14.32 0.79 -2.68
C ARG E 67 -13.19 1.81 -2.77
N TRP E 68 -13.55 3.09 -2.86
CA TRP E 68 -12.61 4.19 -2.82
C TRP E 68 -13.34 5.40 -2.24
N LYS E 69 -12.59 6.48 -1.98
CA LYS E 69 -13.17 7.67 -1.34
C LYS E 69 -12.62 8.96 -1.94
N LEU E 70 -13.50 9.91 -2.21
CA LEU E 70 -13.14 11.21 -2.79
C LEU E 70 -13.71 12.36 -1.97
N ASN E 71 -12.86 13.35 -1.68
CA ASN E 71 -13.32 14.55 -1.01
C ASN E 71 -14.26 15.37 -1.88
N SER E 72 -14.12 15.26 -3.21
CA SER E 72 -15.03 15.95 -4.13
C SER E 72 -16.47 15.42 -4.14
N LEU E 73 -16.67 14.20 -3.62
CA LEU E 73 -18.03 13.62 -3.53
C LEU E 73 -18.62 13.72 -2.11
N MET E 74 -17.99 14.51 -1.25
CA MET E 74 -18.44 14.67 0.14
C MET E 74 -19.58 15.70 0.22
N TRP E 75 -20.51 15.49 1.16
CA TRP E 75 -21.56 16.47 1.43
C TRP E 75 -22.08 16.38 2.87
N ASP E 76 -22.82 17.41 3.28
CA ASP E 76 -23.47 17.45 4.58
C ASP E 76 -24.92 16.99 4.42
N PRO E 77 -25.28 15.82 5.00
CA PRO E 77 -26.66 15.31 4.95
C PRO E 77 -27.72 16.32 5.43
N ASN E 78 -27.36 17.14 6.41
CA ASN E 78 -28.29 18.10 6.99
C ASN E 78 -28.63 19.23 6.02
N GLU E 79 -27.74 19.52 5.07
CA GLU E 79 -28.01 20.57 4.08
C GLU E 79 -28.68 20.01 2.82
N TYR E 80 -29.04 18.72 2.84
CA TYR E 80 -29.72 18.08 1.70
C TYR E 80 -30.78 17.07 2.19
N GLY E 81 -31.56 17.46 3.19
CA GLY E 81 -32.70 16.67 3.67
C GLY E 81 -32.37 15.30 4.26
N ASN E 82 -31.28 15.21 5.02
CA ASN E 82 -30.83 13.95 5.66
C ASN E 82 -30.62 12.81 4.65
N ILE E 83 -30.15 13.13 3.45
CA ILE E 83 -29.72 12.10 2.50
C ILE E 83 -28.31 11.68 2.89
N THR E 84 -28.09 10.38 3.05
CA THR E 84 -26.77 9.87 3.47
C THR E 84 -26.05 9.08 2.37
N ASP E 85 -26.79 8.71 1.32
CA ASP E 85 -26.19 8.09 0.15
C ASP E 85 -27.11 8.21 -1.08
N PHE E 86 -26.61 7.79 -2.23
CA PHE E 86 -27.44 7.65 -3.43
C PHE E 86 -26.84 6.67 -4.43
N ARG E 87 -27.71 6.11 -5.26
CA ARG E 87 -27.31 5.25 -6.38
C ARG E 87 -27.02 6.15 -7.58
N THR E 88 -25.99 5.82 -8.34
CA THR E 88 -25.69 6.56 -9.57
C THR E 88 -25.02 5.69 -10.60
N SER E 89 -25.35 5.95 -11.87
CA SER E 89 -24.68 5.33 -13.00
C SER E 89 -23.16 5.39 -12.82
N ALA E 90 -22.48 4.27 -13.02
CA ALA E 90 -21.02 4.25 -12.94
C ALA E 90 -20.34 5.20 -13.94
N ALA E 91 -21.07 5.64 -14.97
CA ALA E 91 -20.57 6.58 -15.96
C ALA E 91 -20.64 8.02 -15.48
N ASP E 92 -21.51 8.30 -14.51
CA ASP E 92 -21.65 9.66 -13.97
C ASP E 92 -20.53 10.03 -13.01
N ILE E 93 -19.63 9.10 -12.72
CA ILE E 93 -18.53 9.32 -11.79
C ILE E 93 -17.23 8.69 -12.32
N TRP E 94 -16.11 9.06 -11.69
CA TRP E 94 -14.83 8.44 -11.98
C TRP E 94 -14.81 7.06 -11.36
N THR E 95 -14.32 6.07 -12.10
CA THR E 95 -14.14 4.75 -11.57
C THR E 95 -12.73 4.30 -11.93
N PRO E 96 -12.15 3.40 -11.11
CA PRO E 96 -10.78 2.94 -11.36
C PRO E 96 -10.70 1.94 -12.51
N ASP E 97 -9.56 1.98 -13.20
CA ASP E 97 -9.35 1.17 -14.41
C ASP E 97 -8.75 -0.17 -14.05
N ILE E 98 -9.40 -0.87 -13.13
CA ILE E 98 -8.90 -2.16 -12.64
C ILE E 98 -9.09 -3.18 -13.74
N THR E 99 -8.00 -3.87 -14.05
CA THR E 99 -7.92 -4.71 -15.24
C THR E 99 -7.17 -6.00 -14.87
N ALA E 100 -7.58 -7.12 -15.48
CA ALA E 100 -6.83 -8.37 -15.37
C ALA E 100 -5.63 -8.33 -16.30
N TYR E 101 -4.49 -8.84 -15.85
CA TYR E 101 -3.23 -8.77 -16.60
C TYR E 101 -3.17 -9.80 -17.71
N SER E 102 -3.78 -10.97 -17.46
CA SER E 102 -3.69 -12.12 -18.37
C SER E 102 -5.06 -12.58 -18.93
N SER E 103 -5.98 -11.66 -19.18
CA SER E 103 -7.18 -12.00 -19.92
C SER E 103 -6.81 -12.35 -21.36
N THR E 104 -7.63 -13.20 -21.98
CA THR E 104 -7.45 -13.61 -23.37
C THR E 104 -8.61 -13.12 -24.24
N ARG E 105 -9.57 -12.43 -23.62
CA ARG E 105 -10.74 -11.91 -24.29
C ARG E 105 -11.25 -10.72 -23.50
N PRO E 106 -11.97 -9.79 -24.17
CA PRO E 106 -12.54 -8.74 -23.38
C PRO E 106 -13.51 -9.28 -22.33
N VAL E 107 -13.44 -8.71 -21.13
CA VAL E 107 -14.38 -9.00 -20.07
C VAL E 107 -15.83 -8.71 -20.48
N GLN E 108 -16.74 -9.58 -20.06
CA GLN E 108 -18.17 -9.41 -20.31
C GLN E 108 -18.86 -9.03 -19.01
N VAL E 109 -19.58 -7.93 -19.05
CA VAL E 109 -20.24 -7.40 -17.86
C VAL E 109 -21.61 -8.05 -17.70
N LEU E 110 -21.83 -8.63 -16.51
CA LEU E 110 -23.06 -9.38 -16.24
C LEU E 110 -24.06 -8.65 -15.34
N SER E 111 -23.71 -7.45 -14.86
CA SER E 111 -24.59 -6.71 -13.96
C SER E 111 -24.70 -5.25 -14.36
N PRO E 112 -25.77 -4.56 -13.90
CA PRO E 112 -25.90 -3.13 -14.08
C PRO E 112 -24.66 -2.39 -13.60
N GLN E 113 -24.35 -1.29 -14.27
CA GLN E 113 -23.17 -0.50 -13.95
CA GLN E 113 -23.17 -0.49 -13.96
C GLN E 113 -23.60 0.72 -13.16
N ILE E 114 -23.92 0.47 -11.89
CA ILE E 114 -24.46 1.45 -10.95
C ILE E 114 -23.67 1.35 -9.65
N ALA E 115 -23.27 2.50 -9.12
CA ALA E 115 -22.49 2.59 -7.88
C ALA E 115 -23.29 3.29 -6.80
N VAL E 116 -22.82 3.18 -5.56
CA VAL E 116 -23.43 3.90 -4.45
C VAL E 116 -22.40 4.85 -3.84
N VAL E 117 -22.78 6.12 -3.76
CA VAL E 117 -21.95 7.17 -3.16
C VAL E 117 -22.53 7.53 -1.78
N THR E 118 -21.68 7.54 -0.77
CA THR E 118 -22.06 7.90 0.60
C THR E 118 -21.57 9.32 0.92
N HIS E 119 -22.19 9.95 1.91
CA HIS E 119 -21.93 11.37 2.25
C HIS E 119 -20.49 11.70 2.66
N ASP E 120 -19.76 10.70 3.14
CA ASP E 120 -18.34 10.88 3.47
C ASP E 120 -17.43 10.81 2.24
N GLY E 121 -18.02 10.77 1.04
CA GLY E 121 -17.27 10.75 -0.20
C GLY E 121 -16.88 9.36 -0.67
N SER E 122 -17.23 8.33 0.11
CA SER E 122 -16.88 6.96 -0.24
C SER E 122 -17.83 6.40 -1.29
N VAL E 123 -17.28 5.56 -2.17
CA VAL E 123 -18.04 4.95 -3.27
C VAL E 123 -17.85 3.44 -3.21
N MET E 124 -18.93 2.69 -3.45
CA MET E 124 -18.83 1.24 -3.63
C MET E 124 -19.45 0.83 -4.95
N PHE E 125 -18.78 -0.11 -5.62
CA PHE E 125 -19.17 -0.58 -6.95
C PHE E 125 -18.84 -2.06 -7.03
N ILE E 126 -19.82 -2.88 -7.38
CA ILE E 126 -19.67 -4.33 -7.36
C ILE E 126 -20.17 -4.97 -8.68
N PRO E 127 -19.38 -4.83 -9.75
CA PRO E 127 -19.75 -5.39 -11.05
C PRO E 127 -19.52 -6.90 -11.13
N ALA E 128 -20.47 -7.62 -11.72
CA ALA E 128 -20.28 -9.05 -12.04
C ALA E 128 -19.75 -9.15 -13.47
N GLN E 129 -18.80 -10.07 -13.67
CA GLN E 129 -18.08 -10.22 -14.92
C GLN E 129 -17.86 -11.68 -15.27
N ARG E 130 -17.81 -11.98 -16.57
CA ARG E 130 -17.18 -13.20 -17.04
C ARG E 130 -15.80 -12.86 -17.64
N LEU E 131 -14.78 -13.63 -17.25
CA LEU E 131 -13.40 -13.42 -17.69
C LEU E 131 -12.77 -14.72 -18.19
N SER E 132 -12.21 -14.71 -19.41
CA SER E 132 -11.31 -15.78 -19.87
C SER E 132 -9.88 -15.31 -19.63
N PHE E 133 -9.08 -16.16 -18.99
CA PHE E 133 -7.72 -15.79 -18.67
C PHE E 133 -6.83 -17.00 -18.87
N MET E 134 -5.52 -16.75 -18.90
CA MET E 134 -4.54 -17.80 -19.18
C MET E 134 -4.41 -18.72 -17.99
N CYS E 135 -4.60 -20.01 -18.24
CA CYS E 135 -4.68 -21.02 -17.18
C CYS E 135 -4.57 -22.42 -17.77
N ASP E 136 -3.53 -23.15 -17.37
CA ASP E 136 -3.36 -24.53 -17.75
C ASP E 136 -4.10 -25.43 -16.75
N PRO E 137 -5.24 -26.02 -17.16
CA PRO E 137 -6.03 -26.86 -16.25
C PRO E 137 -5.45 -28.26 -16.02
N THR E 138 -4.22 -28.50 -16.41
CA THR E 138 -3.62 -29.84 -16.26
C THR E 138 -3.69 -30.31 -14.80
N GLY E 139 -4.26 -31.49 -14.58
CA GLY E 139 -4.43 -32.04 -13.24
C GLY E 139 -5.78 -31.74 -12.59
N VAL E 140 -6.69 -31.14 -13.34
CA VAL E 140 -8.04 -30.88 -12.83
C VAL E 140 -8.79 -32.22 -12.56
N ASP E 141 -8.35 -33.28 -13.25
CA ASP E 141 -8.90 -34.63 -13.09
C ASP E 141 -8.09 -35.52 -12.14
N SER E 142 -7.44 -34.90 -11.15
CA SER E 142 -6.69 -35.62 -10.14
C SER E 142 -7.20 -35.17 -8.78
N GLU E 143 -6.81 -35.86 -7.73
CA GLU E 143 -7.20 -35.45 -6.38
C GLU E 143 -6.57 -34.12 -5.98
N GLU E 144 -5.38 -33.83 -6.51
CA GLU E 144 -4.65 -32.61 -6.18
C GLU E 144 -5.20 -31.41 -6.91
N GLY E 145 -5.81 -31.64 -8.07
CA GLY E 145 -6.47 -30.58 -8.83
C GLY E 145 -5.51 -29.73 -9.63
N ALA E 146 -6.03 -28.63 -10.19
CA ALA E 146 -5.22 -27.68 -10.95
C ALA E 146 -5.09 -26.38 -10.17
N THR E 147 -4.05 -25.61 -10.48
CA THR E 147 -3.83 -24.30 -9.86
C THR E 147 -3.60 -23.25 -10.94
N CYS E 148 -4.27 -22.11 -10.81
CA CYS E 148 -4.07 -20.99 -11.70
C CYS E 148 -4.15 -19.66 -10.95
N ALA E 149 -3.60 -18.62 -11.57
CA ALA E 149 -3.53 -17.30 -10.97
C ALA E 149 -3.76 -16.22 -12.02
N VAL E 150 -4.40 -15.15 -11.60
CA VAL E 150 -4.58 -13.99 -12.42
C VAL E 150 -4.54 -12.76 -11.51
N LYS E 151 -3.75 -11.75 -11.89
CA LYS E 151 -3.61 -10.53 -11.09
C LYS E 151 -4.40 -9.37 -11.69
N PHE E 152 -4.87 -8.51 -10.80
CA PHE E 152 -5.75 -7.42 -11.15
C PHE E 152 -5.11 -6.12 -10.69
N GLY E 153 -5.22 -5.08 -11.51
CA GLY E 153 -4.62 -3.81 -11.16
C GLY E 153 -4.98 -2.68 -12.10
N SER E 154 -4.60 -1.48 -11.72
CA SER E 154 -4.78 -0.33 -12.59
C SER E 154 -3.86 -0.51 -13.79
N TRP E 155 -4.40 -0.33 -14.99
CA TRP E 155 -3.61 -0.46 -16.19
C TRP E 155 -2.60 0.67 -16.30
N VAL E 156 -3.03 1.90 -16.03
CA VAL E 156 -2.20 3.08 -16.30
C VAL E 156 -1.71 3.85 -15.08
N TYR E 157 -2.19 3.53 -13.88
CA TYR E 157 -1.74 4.21 -12.67
C TYR E 157 -0.77 3.38 -11.83
N SER E 158 0.40 3.94 -11.54
CA SER E 158 1.41 3.26 -10.72
C SER E 158 1.04 3.33 -9.23
N GLY E 159 1.84 2.65 -8.41
CA GLY E 159 1.69 2.66 -6.95
C GLY E 159 1.79 4.03 -6.30
N PHE E 160 2.36 5.00 -7.01
CA PHE E 160 2.38 6.40 -6.59
C PHE E 160 1.01 7.09 -6.76
N GLU E 161 0.17 6.57 -7.65
CA GLU E 161 -1.14 7.20 -7.96
C GLU E 161 -2.32 6.43 -7.37
N ILE E 162 -2.32 5.11 -7.59
CA ILE E 162 -3.30 4.23 -6.99
C ILE E 162 -2.60 3.14 -6.18
N ASP E 163 -3.03 3.01 -4.94
CA ASP E 163 -2.64 1.89 -4.09
C ASP E 163 -3.82 0.93 -4.01
N LEU E 164 -3.52 -0.36 -3.89
CA LEU E 164 -4.57 -1.37 -3.75
C LEU E 164 -4.48 -2.01 -2.37
N LYS E 165 -5.63 -2.33 -1.78
CA LYS E 165 -5.65 -3.17 -0.60
C LYS E 165 -6.81 -4.15 -0.62
N THR E 166 -6.69 -5.20 0.18
CA THR E 166 -7.77 -6.15 0.42
C THR E 166 -8.16 -6.06 1.89
N ASP E 167 -9.39 -6.45 2.21
CA ASP E 167 -9.82 -6.58 3.61
C ASP E 167 -9.47 -7.96 4.16
N THR E 168 -9.37 -8.94 3.27
CA THR E 168 -9.02 -10.30 3.62
C THR E 168 -8.25 -10.91 2.47
N ASP E 169 -7.45 -11.92 2.75
CA ASP E 169 -6.79 -12.66 1.67
C ASP E 169 -7.63 -13.86 1.20
N GLN E 170 -8.83 -14.02 1.77
CA GLN E 170 -9.75 -15.08 1.39
C GLN E 170 -10.76 -14.57 0.38
N VAL E 171 -10.80 -15.21 -0.78
CA VAL E 171 -11.83 -14.95 -1.77
C VAL E 171 -13.15 -15.48 -1.21
N ASP E 172 -14.22 -14.70 -1.36
CA ASP E 172 -15.53 -15.08 -0.87
C ASP E 172 -16.10 -16.21 -1.73
N LEU E 173 -16.28 -17.38 -1.12
CA LEU E 173 -16.79 -18.58 -1.79
C LEU E 173 -18.22 -18.93 -1.34
N SER E 174 -18.86 -18.04 -0.59
CA SER E 174 -20.18 -18.35 -0.02
C SER E 174 -21.31 -18.42 -1.06
N SER E 175 -21.07 -17.86 -2.25
CA SER E 175 -22.02 -17.92 -3.37
C SER E 175 -21.47 -18.73 -4.56
N TYR E 176 -20.50 -19.61 -4.32
CA TYR E 176 -19.99 -20.45 -5.39
C TYR E 176 -21.03 -21.50 -5.78
N TYR E 177 -21.24 -21.65 -7.10
CA TYR E 177 -22.29 -22.51 -7.62
C TYR E 177 -22.07 -23.96 -7.21
N ALA E 178 -23.01 -24.50 -6.44
CA ALA E 178 -22.84 -25.80 -5.80
C ALA E 178 -22.83 -26.98 -6.77
N SER E 179 -23.35 -26.79 -7.98
CA SER E 179 -23.33 -27.84 -8.99
C SER E 179 -22.44 -27.50 -10.20
N SER E 180 -21.41 -26.69 -9.96
CA SER E 180 -20.42 -26.39 -10.99
C SER E 180 -19.71 -27.66 -11.41
N LYS E 181 -19.15 -27.66 -12.62
CA LYS E 181 -18.34 -28.78 -13.08
C LYS E 181 -17.05 -28.90 -12.25
N TYR E 182 -16.65 -27.79 -11.63
CA TYR E 182 -15.40 -27.71 -10.87
C TYR E 182 -15.63 -27.24 -9.44
N GLU E 183 -15.09 -27.99 -8.48
CA GLU E 183 -15.11 -27.60 -7.07
C GLU E 183 -13.84 -26.86 -6.69
N ILE E 184 -14.00 -25.86 -5.83
CA ILE E 184 -12.90 -25.03 -5.37
C ILE E 184 -12.23 -25.67 -4.16
N LEU E 185 -10.93 -25.92 -4.28
CA LEU E 185 -10.13 -26.41 -3.17
C LEU E 185 -9.65 -25.24 -2.31
N SER E 186 -9.17 -24.18 -2.96
CA SER E 186 -8.88 -22.92 -2.27
C SER E 186 -8.88 -21.73 -3.22
N ALA E 187 -9.09 -20.54 -2.67
CA ALA E 187 -9.09 -19.32 -3.46
C ALA E 187 -8.66 -18.15 -2.58
N THR E 188 -7.54 -17.53 -2.95
CA THR E 188 -6.95 -16.43 -2.15
C THR E 188 -6.69 -15.19 -3.00
N GLN E 189 -6.68 -14.03 -2.34
CA GLN E 189 -6.44 -12.75 -3.00
C GLN E 189 -5.35 -11.99 -2.24
N THR E 190 -4.22 -11.72 -2.91
CA THR E 190 -3.02 -11.21 -2.26
C THR E 190 -2.44 -10.00 -3.00
N ARG E 191 -2.25 -8.91 -2.26
CA ARG E 191 -1.62 -7.70 -2.79
C ARG E 191 -0.15 -7.94 -3.11
N GLN E 192 0.29 -7.49 -4.30
CA GLN E 192 1.69 -7.57 -4.69
C GLN E 192 2.19 -6.24 -5.29
N VAL E 193 3.51 -6.11 -5.39
CA VAL E 193 4.16 -4.95 -5.99
C VAL E 193 5.14 -5.47 -7.02
N GLN E 194 5.12 -4.90 -8.23
CA GLN E 194 5.92 -5.38 -9.34
C GLN E 194 6.32 -4.24 -10.27
N HIS E 195 7.44 -4.42 -10.98
CA HIS E 195 7.86 -3.50 -12.03
C HIS E 195 7.42 -3.99 -13.40
N TYR E 196 7.21 -3.03 -14.30
CA TYR E 196 6.86 -3.30 -15.70
C TYR E 196 7.80 -2.50 -16.61
N SER E 197 8.06 -3.04 -17.81
CA SER E 197 9.04 -2.48 -18.74
C SER E 197 8.86 -1.01 -19.10
N CYS E 198 7.61 -0.60 -19.29
CA CYS E 198 7.26 0.75 -19.71
C CYS E 198 7.78 1.85 -18.81
N CYS E 199 7.91 1.54 -17.52
CA CYS E 199 7.83 2.52 -16.47
C CYS E 199 8.79 2.21 -15.32
N PRO E 200 9.47 3.24 -14.78
CA PRO E 200 10.32 3.02 -13.61
C PRO E 200 9.56 2.79 -12.29
N GLU E 201 8.32 3.26 -12.21
CA GLU E 201 7.49 3.15 -11.00
C GLU E 201 6.87 1.76 -10.90
N PRO E 202 6.89 1.15 -9.71
CA PRO E 202 6.21 -0.13 -9.57
C PRO E 202 4.68 0.02 -9.55
N TYR E 203 3.99 -1.05 -9.94
CA TYR E 203 2.54 -1.08 -9.99
C TYR E 203 2.03 -2.09 -8.97
N ILE E 204 0.87 -1.78 -8.41
CA ILE E 204 0.24 -2.66 -7.43
C ILE E 204 -0.77 -3.57 -8.14
N ASP E 205 -0.84 -4.81 -7.66
CA ASP E 205 -1.87 -5.75 -8.08
C ASP E 205 -2.39 -6.57 -6.91
N VAL E 206 -3.62 -7.07 -7.06
CA VAL E 206 -4.16 -8.11 -6.19
C VAL E 206 -4.21 -9.41 -7.00
N ASN E 207 -3.41 -10.39 -6.57
CA ASN E 207 -3.25 -11.66 -7.25
C ASN E 207 -4.26 -12.68 -6.72
N LEU E 208 -5.12 -13.15 -7.62
CA LEU E 208 -6.15 -14.14 -7.30
C LEU E 208 -5.62 -15.52 -7.66
N VAL E 209 -5.38 -16.37 -6.66
CA VAL E 209 -4.88 -17.75 -6.87
C VAL E 209 -5.99 -18.77 -6.53
N VAL E 210 -6.37 -19.58 -7.53
CA VAL E 210 -7.44 -20.55 -7.38
C VAL E 210 -6.93 -21.98 -7.61
N LYS E 211 -7.22 -22.87 -6.68
CA LYS E 211 -7.01 -24.29 -6.87
C LYS E 211 -8.36 -24.98 -6.97
N PHE E 212 -8.51 -25.81 -8.00
CA PHE E 212 -9.79 -26.41 -8.35
C PHE E 212 -9.62 -27.79 -8.98
N ARG E 213 -10.67 -28.58 -8.94
CA ARG E 213 -10.70 -29.87 -9.63
C ARG E 213 -12.11 -30.22 -10.07
N GLU E 214 -12.21 -31.20 -10.96
CA GLU E 214 -13.49 -31.74 -11.40
C GLU E 214 -14.31 -32.30 -10.23
N ARG E 215 -15.60 -32.01 -10.22
CA ARG E 215 -16.53 -32.57 -9.23
CA ARG E 215 -16.54 -32.56 -9.23
C ARG E 215 -16.72 -34.06 -9.51
N ARG E 216 -16.79 -34.86 -8.45
CA ARG E 216 -16.93 -36.32 -8.61
C ARG E 216 -17.74 -36.94 -7.47
N SER F 10 51.39 -16.85 43.34
CA SER F 10 50.45 -15.95 44.07
C SER F 10 49.13 -15.69 43.34
N GLN F 11 49.19 -15.54 42.02
CA GLN F 11 47.98 -15.36 41.21
C GLN F 11 47.16 -16.66 41.19
N ALA F 12 47.84 -17.80 41.18
CA ALA F 12 47.17 -19.10 41.19
C ALA F 12 46.43 -19.34 42.51
N ASN F 13 47.02 -18.88 43.61
CA ASN F 13 46.38 -18.94 44.93
C ASN F 13 45.14 -18.05 45.04
N LEU F 14 45.24 -16.83 44.52
CA LEU F 14 44.13 -15.88 44.58
C LEU F 14 42.95 -16.37 43.77
N MET F 15 43.17 -16.66 42.49
CA MET F 15 42.13 -17.21 41.62
C MET F 15 41.56 -18.54 42.17
N ARG F 16 42.38 -19.29 42.90
CA ARG F 16 41.92 -20.49 43.60
C ARG F 16 41.00 -20.14 44.77
N LEU F 17 41.37 -19.11 45.52
CA LEU F 17 40.55 -18.63 46.65
C LEU F 17 39.21 -18.04 46.21
N LYS F 18 39.24 -17.15 45.22
CA LYS F 18 38.00 -16.54 44.70
C LYS F 18 37.07 -17.61 44.16
N SER F 19 37.63 -18.60 43.47
CA SER F 19 36.90 -19.78 42.99
C SER F 19 36.25 -20.57 44.13
N ASP F 20 37.04 -20.86 45.16
CA ASP F 20 36.54 -21.60 46.34
C ASP F 20 35.42 -20.84 47.06
N LEU F 21 35.61 -19.54 47.26
CA LEU F 21 34.63 -18.72 47.97
C LEU F 21 33.34 -18.59 47.15
N PHE F 22 33.48 -18.16 45.89
CA PHE F 22 32.34 -17.77 45.07
C PHE F 22 31.71 -18.92 44.31
N ASN F 23 32.54 -19.68 43.59
CA ASN F 23 32.03 -20.79 42.76
C ASN F 23 31.60 -22.01 43.58
N ARG F 24 31.64 -21.88 44.91
CA ARG F 24 31.00 -22.82 45.83
C ARG F 24 30.06 -22.00 46.71
N TYR F 28 25.24 -16.26 48.97
CA TYR F 28 24.66 -15.71 50.18
C TYR F 28 23.27 -15.14 49.89
N PRO F 29 22.23 -15.67 50.55
CA PRO F 29 20.86 -15.23 50.30
C PRO F 29 20.48 -13.88 50.94
N GLY F 30 21.44 -13.14 51.48
CA GLY F 30 21.15 -11.94 52.25
C GLY F 30 20.80 -12.31 53.69
N PRO F 31 20.63 -11.30 54.55
CA PRO F 31 20.34 -11.56 55.96
C PRO F 31 18.90 -12.02 56.19
N THR F 32 18.70 -12.81 57.25
CA THR F 32 17.38 -13.23 57.69
C THR F 32 17.22 -12.91 59.17
N LYS F 33 16.03 -13.12 59.70
CA LYS F 33 15.79 -12.91 61.13
C LYS F 33 16.66 -13.84 61.96
N ASP F 34 16.88 -15.05 61.46
CA ASP F 34 17.73 -16.04 62.13
C ASP F 34 19.22 -15.73 62.00
N ASP F 35 19.58 -14.99 60.95
CA ASP F 35 20.97 -14.68 60.65
C ASP F 35 21.07 -13.21 60.26
N PRO F 36 20.91 -12.30 61.25
CA PRO F 36 20.91 -10.88 60.94
C PRO F 36 22.31 -10.35 60.73
N LEU F 37 22.40 -9.14 60.20
CA LEU F 37 23.68 -8.55 59.82
C LEU F 37 23.71 -7.11 60.30
N THR F 38 24.86 -6.67 60.81
CA THR F 38 25.05 -5.27 61.18
C THR F 38 25.97 -4.63 60.15
N VAL F 39 25.51 -3.49 59.61
CA VAL F 39 26.28 -2.71 58.65
C VAL F 39 26.72 -1.41 59.32
N THR F 40 28.01 -1.12 59.26
CA THR F 40 28.52 0.17 59.76
C THR F 40 28.55 1.16 58.61
N LEU F 41 28.00 2.36 58.85
CA LEU F 41 27.96 3.42 57.86
C LEU F 41 28.73 4.65 58.32
N GLY F 42 29.43 5.27 57.38
CA GLY F 42 30.07 6.56 57.62
C GLY F 42 30.09 7.37 56.33
N PHE F 43 29.81 8.66 56.45
CA PHE F 43 29.77 9.55 55.30
C PHE F 43 30.95 10.54 55.28
N THR F 44 31.46 10.77 54.07
CA THR F 44 32.49 11.75 53.84
C THR F 44 31.89 12.75 52.84
N LEU F 45 31.58 13.95 53.29
CA LEU F 45 30.95 14.95 52.40
C LEU F 45 32.03 15.69 51.59
N GLN F 46 31.95 15.59 50.26
CA GLN F 46 32.94 16.19 49.35
CA GLN F 46 32.95 16.21 49.39
C GLN F 46 32.52 17.58 48.88
N ASP F 47 31.24 17.73 48.60
CA ASP F 47 30.76 18.98 48.04
C ASP F 47 29.26 19.07 48.10
N ILE F 48 28.76 20.25 48.43
CA ILE F 48 27.40 20.63 48.11
C ILE F 48 27.50 21.35 46.79
N VAL F 49 27.03 20.72 45.72
CA VAL F 49 27.22 21.24 44.37
C VAL F 49 26.19 22.33 44.06
N LYS F 50 24.94 22.06 44.40
CA LYS F 50 23.83 22.90 43.96
C LYS F 50 22.72 22.95 45.01
N ALA F 51 22.14 24.13 45.19
CA ALA F 51 20.94 24.28 46.02
C ALA F 51 19.89 25.01 45.20
N ASP F 52 18.78 24.33 44.94
CA ASP F 52 17.72 24.83 44.07
C ASP F 52 16.51 25.20 44.91
N SER F 53 16.28 26.48 45.03
CA SER F 53 15.17 27.01 45.82
C SER F 53 13.87 27.15 45.02
N SER F 54 13.89 26.83 43.73
CA SER F 54 12.67 26.77 42.94
C SER F 54 11.99 25.42 43.08
N THR F 55 12.78 24.38 43.39
CA THR F 55 12.25 23.03 43.58
C THR F 55 12.53 22.43 44.96
N ASN F 56 13.29 23.16 45.79
CA ASN F 56 13.77 22.67 47.09
C ASN F 56 14.43 21.30 46.96
N GLU F 57 15.48 21.26 46.14
CA GLU F 57 16.36 20.10 46.02
C GLU F 57 17.79 20.57 46.22
N VAL F 58 18.59 19.73 46.87
CA VAL F 58 20.01 19.99 47.04
C VAL F 58 20.79 18.76 46.55
N ASP F 59 21.92 19.02 45.89
CA ASP F 59 22.75 17.98 45.31
C ASP F 59 24.06 17.88 46.10
N LEU F 60 24.38 16.66 46.55
CA LEU F 60 25.60 16.39 47.32
C LEU F 60 26.48 15.42 46.58
N VAL F 61 27.80 15.61 46.68
CA VAL F 61 28.76 14.56 46.35
C VAL F 61 29.39 14.10 47.67
N TYR F 62 29.48 12.78 47.84
CA TYR F 62 29.90 12.19 49.12
C TYR F 62 30.38 10.74 48.92
N TYR F 63 31.13 10.21 49.90
CA TYR F 63 31.36 8.76 50.04
C TYR F 63 30.46 8.17 51.09
N GLU F 64 30.14 6.91 50.88
CA GLU F 64 29.40 6.13 51.83
C GLU F 64 30.33 4.97 52.18
N GLN F 65 31.02 5.05 53.30
CA GLN F 65 31.84 3.93 53.76
C GLN F 65 30.90 2.87 54.36
N GLN F 66 31.01 1.64 53.86
CA GLN F 66 30.17 0.55 54.28
C GLN F 66 31.02 -0.61 54.78
N ARG F 67 30.62 -1.18 55.91
CA ARG F 67 31.30 -2.32 56.48
C ARG F 67 30.31 -3.37 56.97
N TRP F 68 30.60 -4.63 56.69
CA TRP F 68 29.85 -5.75 57.24
C TRP F 68 30.73 -6.99 57.23
N LYS F 69 30.25 -8.07 57.84
CA LYS F 69 31.06 -9.29 57.98
C LYS F 69 30.20 -10.54 57.78
N LEU F 70 30.74 -11.49 57.01
CA LEU F 70 30.05 -12.75 56.69
C LEU F 70 30.93 -13.95 57.00
N ASN F 71 30.36 -14.93 57.70
CA ASN F 71 31.04 -16.21 57.93
C ASN F 71 31.34 -16.93 56.64
N SER F 72 30.45 -16.79 55.65
CA SER F 72 30.62 -17.44 54.35
C SER F 72 31.81 -16.91 53.55
N LEU F 73 32.31 -15.72 53.92
CA LEU F 73 33.49 -15.12 53.26
C LEU F 73 34.79 -15.31 54.05
N MET F 74 34.78 -16.16 55.07
CA MET F 74 35.99 -16.41 55.88
C MET F 74 36.89 -17.46 55.24
N TRP F 75 38.20 -17.31 55.43
CA TRP F 75 39.17 -18.32 55.04
C TRP F 75 40.43 -18.30 55.90
N ASP F 76 41.23 -19.35 55.78
CA ASP F 76 42.52 -19.46 56.48
C ASP F 76 43.64 -19.07 55.50
N PRO F 77 44.36 -17.97 55.77
CA PRO F 77 45.50 -17.57 54.94
C PRO F 77 46.54 -18.68 54.70
N ASN F 78 46.75 -19.55 55.68
CA ASN F 78 47.66 -20.71 55.52
C ASN F 78 47.32 -21.57 54.31
N GLU F 79 46.02 -21.78 54.09
CA GLU F 79 45.56 -22.64 53.01
C GLU F 79 45.60 -21.97 51.64
N TYR F 80 45.95 -20.67 51.59
CA TYR F 80 46.04 -19.92 50.33
C TYR F 80 47.23 -18.96 50.27
N GLY F 81 48.42 -19.45 50.63
CA GLY F 81 49.67 -18.69 50.51
C GLY F 81 49.71 -17.39 51.28
N ASN F 82 49.19 -17.42 52.50
CA ASN F 82 49.10 -16.25 53.37
C ASN F 82 48.45 -15.02 52.70
N ILE F 83 47.44 -15.27 51.86
CA ILE F 83 46.57 -14.20 51.38
C ILE F 83 45.66 -13.83 52.54
N THR F 84 45.48 -12.52 52.74
CA THR F 84 44.67 -12.01 53.86
C THR F 84 43.49 -11.15 53.41
N ASP F 85 43.54 -10.64 52.18
CA ASP F 85 42.40 -9.98 51.55
C ASP F 85 42.55 -9.96 50.04
N PHE F 86 41.48 -9.54 49.37
CA PHE F 86 41.49 -9.34 47.93
C PHE F 86 40.47 -8.28 47.51
N ARG F 87 40.73 -7.60 46.39
CA ARG F 87 39.76 -6.72 45.75
C ARG F 87 38.84 -7.58 44.91
N THR F 88 37.56 -7.22 44.88
CA THR F 88 36.62 -7.89 43.99
C THR F 88 35.50 -6.95 43.59
N SER F 89 34.94 -7.16 42.41
CA SER F 89 33.80 -6.38 41.96
C SER F 89 32.64 -6.53 42.94
N ALA F 90 31.92 -5.44 43.19
CA ALA F 90 30.75 -5.48 44.07
C ALA F 90 29.73 -6.54 43.65
N ALA F 91 29.61 -6.79 42.34
CA ALA F 91 28.64 -7.76 41.82
C ALA F 91 28.99 -9.20 42.18
N ASP F 92 30.26 -9.47 42.46
CA ASP F 92 30.71 -10.81 42.87
C ASP F 92 30.17 -11.24 44.24
N ILE F 93 29.68 -10.28 45.02
CA ILE F 93 29.27 -10.52 46.39
C ILE F 93 27.94 -9.83 46.70
N TRP F 94 27.34 -10.22 47.83
CA TRP F 94 26.17 -9.55 48.34
C TRP F 94 26.58 -8.19 48.89
N THR F 95 25.78 -7.17 48.58
CA THR F 95 25.97 -5.86 49.16
C THR F 95 24.63 -5.37 49.70
N PRO F 96 24.68 -4.55 50.77
CA PRO F 96 23.46 -4.05 51.36
C PRO F 96 22.72 -2.99 50.52
N ASP F 97 21.41 -3.01 50.59
CA ASP F 97 20.57 -2.13 49.78
C ASP F 97 20.34 -0.79 50.47
N ILE F 98 21.45 -0.14 50.83
CA ILE F 98 21.37 1.13 51.56
C ILE F 98 20.91 2.22 50.62
N THR F 99 19.84 2.89 51.01
CA THR F 99 19.10 3.81 50.17
C THR F 99 18.81 5.10 50.93
N ALA F 100 18.86 6.23 50.23
CA ALA F 100 18.40 7.52 50.76
C ALA F 100 16.89 7.58 50.70
N TYR F 101 16.28 8.02 51.79
CA TYR F 101 14.85 8.00 51.93
C TYR F 101 14.16 9.08 51.10
N SER F 102 14.84 10.22 50.93
CA SER F 102 14.22 11.41 50.34
C SER F 102 14.95 11.88 49.09
N SER F 103 15.55 10.97 48.34
CA SER F 103 16.14 11.30 47.05
C SER F 103 15.05 11.72 46.06
N THR F 104 15.41 12.57 45.11
CA THR F 104 14.50 13.05 44.07
C THR F 104 14.91 12.59 42.66
N ARG F 105 16.14 12.09 42.52
CA ARG F 105 16.62 11.51 41.28
CA ARG F 105 16.64 11.52 41.27
C ARG F 105 17.36 10.23 41.63
N PRO F 106 17.52 9.32 40.66
CA PRO F 106 18.37 8.19 40.94
C PRO F 106 19.80 8.64 41.26
N VAL F 107 20.40 7.97 42.23
CA VAL F 107 21.79 8.20 42.59
C VAL F 107 22.68 7.97 41.38
N GLN F 108 23.71 8.82 41.25
CA GLN F 108 24.71 8.65 40.21
C GLN F 108 26.01 8.20 40.83
N VAL F 109 26.53 7.08 40.36
CA VAL F 109 27.74 6.51 40.93
C VAL F 109 28.98 7.12 40.27
N LEU F 110 29.89 7.61 41.12
CA LEU F 110 31.06 8.35 40.63
C LEU F 110 32.36 7.58 40.76
N SER F 111 32.31 6.37 41.32
CA SER F 111 33.51 5.57 41.51
C SER F 111 33.32 4.11 41.08
N PRO F 112 34.43 3.40 40.80
CA PRO F 112 34.39 1.96 40.53
C PRO F 112 33.65 1.19 41.61
N GLN F 113 32.94 0.14 41.22
CA GLN F 113 32.19 -0.69 42.16
CA GLN F 113 32.22 -0.67 42.20
C GLN F 113 33.01 -1.92 42.51
N ILE F 114 33.98 -1.72 43.40
CA ILE F 114 34.92 -2.74 43.81
C ILE F 114 35.00 -2.67 45.33
N ALA F 115 34.94 -3.83 45.97
CA ALA F 115 35.01 -3.96 47.43
C ALA F 115 36.27 -4.73 47.80
N VAL F 116 36.62 -4.70 49.08
CA VAL F 116 37.74 -5.48 49.60
C VAL F 116 37.25 -6.45 50.67
N VAL F 117 37.53 -7.74 50.47
CA VAL F 117 37.14 -8.78 51.41
C VAL F 117 38.38 -9.23 52.17
N THR F 118 38.29 -9.28 53.50
CA THR F 118 39.39 -9.73 54.35
C THR F 118 39.11 -11.16 54.85
N HIS F 119 40.16 -11.88 55.26
CA HIS F 119 40.07 -13.30 55.61
C HIS F 119 39.15 -13.64 56.80
N ASP F 120 38.88 -12.66 57.65
CA ASP F 120 37.93 -12.82 58.74
C ASP F 120 36.47 -12.69 58.28
N GLY F 121 36.26 -12.57 56.98
CA GLY F 121 34.93 -12.47 56.41
C GLY F 121 34.39 -11.06 56.30
N SER F 122 35.17 -10.08 56.76
CA SER F 122 34.73 -8.70 56.74
C SER F 122 34.92 -8.08 55.36
N VAL F 123 33.99 -7.19 54.99
CA VAL F 123 34.00 -6.52 53.68
C VAL F 123 33.95 -5.02 53.89
N MET F 124 34.71 -4.27 53.08
CA MET F 124 34.57 -2.81 53.04
C MET F 124 34.31 -2.31 51.62
N PHE F 125 33.40 -1.35 51.51
CA PHE F 125 32.97 -0.83 50.23
C PHE F 125 32.73 0.66 50.39
N ILE F 126 33.36 1.47 49.54
CA ILE F 126 33.31 2.92 49.70
C ILE F 126 32.96 3.62 48.37
N PRO F 127 31.69 3.53 47.96
CA PRO F 127 31.25 4.15 46.71
C PRO F 127 31.07 5.66 46.83
N ALA F 128 31.53 6.40 45.83
CA ALA F 128 31.24 7.84 45.70
C ALA F 128 29.98 8.05 44.86
N GLN F 129 29.19 9.06 45.23
CA GLN F 129 27.86 9.25 44.66
C GLN F 129 27.50 10.72 44.63
N ARG F 130 26.75 11.12 43.59
CA ARG F 130 25.97 12.37 43.60
C ARG F 130 24.50 12.05 43.85
N LEU F 131 23.91 12.75 44.81
CA LEU F 131 22.52 12.56 45.23
C LEU F 131 21.78 13.90 45.21
N SER F 132 20.60 13.93 44.56
CA SER F 132 19.63 15.02 44.75
C SER F 132 18.62 14.56 45.79
N PHE F 133 18.38 15.38 46.82
CA PHE F 133 17.43 15.04 47.87
C PHE F 133 16.61 16.25 48.26
N MET F 134 15.52 16.00 48.99
CA MET F 134 14.57 17.05 49.38
C MET F 134 15.14 17.96 50.47
N CYS F 135 15.13 19.27 50.20
CA CYS F 135 15.84 20.24 51.02
C CYS F 135 15.42 21.67 50.69
N ASP F 136 14.80 22.36 51.66
CA ASP F 136 14.53 23.80 51.55
C ASP F 136 15.76 24.58 51.97
N PRO F 137 16.45 25.22 51.01
CA PRO F 137 17.67 25.97 51.33
C PRO F 137 17.43 27.39 51.88
N THR F 138 16.21 27.70 52.30
CA THR F 138 15.93 29.00 52.92
C THR F 138 16.93 29.27 54.05
N GLY F 139 17.53 30.45 54.02
CA GLY F 139 18.52 30.87 55.03
C GLY F 139 19.96 30.70 54.60
N VAL F 140 20.18 30.06 53.45
CA VAL F 140 21.54 29.74 52.99
C VAL F 140 22.31 31.04 52.67
N ASP F 141 21.59 32.08 52.29
CA ASP F 141 22.17 33.40 52.04
C ASP F 141 22.24 34.24 53.32
N SER F 142 22.51 33.61 54.46
CA SER F 142 22.59 34.34 55.72
C SER F 142 23.61 33.69 56.66
N GLU F 143 24.00 34.45 57.68
CA GLU F 143 25.00 33.99 58.64
C GLU F 143 24.62 32.67 59.35
N GLU F 144 23.33 32.46 59.54
CA GLU F 144 22.83 31.27 60.22
C GLU F 144 22.86 30.05 59.31
N GLY F 145 22.68 30.27 58.01
CA GLY F 145 22.74 29.21 57.02
C GLY F 145 21.44 28.42 56.94
N ALA F 146 21.45 27.41 56.07
CA ALA F 146 20.31 26.52 55.90
C ALA F 146 20.62 25.19 56.57
N THR F 147 19.58 24.43 56.89
CA THR F 147 19.73 23.11 57.49
C THR F 147 18.92 22.11 56.71
N CYS F 148 19.54 20.97 56.40
CA CYS F 148 18.84 19.88 55.74
C CYS F 148 19.26 18.54 56.28
N ALA F 149 18.38 17.56 56.10
CA ALA F 149 18.59 16.22 56.60
C ALA F 149 18.13 15.22 55.55
N VAL F 150 18.83 14.08 55.51
CA VAL F 150 18.46 12.97 54.68
C VAL F 150 18.93 11.68 55.38
N LYS F 151 18.01 10.73 55.53
CA LYS F 151 18.31 9.46 56.21
C LYS F 151 18.59 8.35 55.21
N PHE F 152 19.45 7.43 55.62
CA PHE F 152 19.93 6.33 54.79
C PHE F 152 19.66 5.02 55.51
N GLY F 153 19.16 4.03 54.78
CA GLY F 153 18.85 2.75 55.40
C GLY F 153 18.53 1.68 54.36
N SER F 154 18.38 0.45 54.84
CA SER F 154 17.98 -0.63 53.97
C SER F 154 16.54 -0.37 53.53
N TRP F 155 16.28 -0.52 52.23
CA TRP F 155 14.94 -0.32 51.71
C TRP F 155 14.00 -1.43 52.17
N VAL F 156 14.46 -2.68 52.12
CA VAL F 156 13.59 -3.83 52.33
C VAL F 156 13.85 -4.64 53.58
N TYR F 157 14.96 -4.41 54.28
CA TYR F 157 15.27 -5.18 55.50
C TYR F 157 15.01 -4.34 56.74
N SER F 158 14.21 -4.91 57.66
CA SER F 158 13.89 -4.26 58.93
C SER F 158 15.03 -4.43 59.91
N GLY F 159 14.87 -3.82 61.09
CA GLY F 159 15.84 -3.94 62.18
C GLY F 159 16.19 -5.36 62.62
N PHE F 160 15.30 -6.31 62.35
CA PHE F 160 15.55 -7.72 62.68
C PHE F 160 16.42 -8.45 61.66
N GLU F 161 16.67 -7.82 60.52
CA GLU F 161 17.48 -8.43 59.46
C GLU F 161 18.75 -7.63 59.19
N ILE F 162 18.60 -6.31 59.08
CA ILE F 162 19.75 -5.42 58.96
C ILE F 162 19.70 -4.34 60.03
N ASP F 163 20.70 -4.35 60.89
CA ASP F 163 20.96 -3.26 61.82
C ASP F 163 22.06 -2.38 61.25
N LEU F 164 22.08 -1.14 61.67
CA LEU F 164 23.08 -0.16 61.25
C LEU F 164 23.78 0.38 62.47
N LYS F 165 25.05 0.73 62.32
CA LYS F 165 25.77 1.46 63.35
C LYS F 165 26.74 2.46 62.74
N THR F 166 27.16 3.41 63.57
CA THR F 166 28.14 4.40 63.20
C THR F 166 29.38 4.22 64.06
N ASP F 167 30.51 4.64 63.51
CA ASP F 167 31.76 4.65 64.28
CA ASP F 167 31.79 4.67 64.21
C ASP F 167 31.97 6.01 64.94
N THR F 168 31.25 7.02 64.45
CA THR F 168 31.31 8.39 65.00
C THR F 168 30.04 9.16 64.59
N ASP F 169 29.68 10.18 65.37
CA ASP F 169 28.58 11.07 64.97
C ASP F 169 29.04 12.11 63.95
N GLN F 170 30.35 12.23 63.76
CA GLN F 170 30.90 13.29 62.92
C GLN F 170 31.02 12.85 61.48
N VAL F 171 30.39 13.58 60.57
CA VAL F 171 30.59 13.37 59.15
C VAL F 171 32.01 13.84 58.83
N ASP F 172 32.73 13.05 58.03
CA ASP F 172 34.11 13.37 57.69
C ASP F 172 34.13 14.53 56.70
N LEU F 173 34.65 15.67 57.16
CA LEU F 173 34.70 16.89 56.36
C LEU F 173 36.13 17.22 55.91
N SER F 174 37.06 16.28 56.10
CA SER F 174 38.46 16.55 55.81
C SER F 174 38.79 16.71 54.32
N SER F 175 37.89 16.30 53.44
CA SER F 175 38.08 16.43 52.00
C SER F 175 37.04 17.33 51.34
N TYR F 176 36.27 18.04 52.16
CA TYR F 176 35.27 18.92 51.60
C TYR F 176 35.95 19.98 50.70
N TYR F 177 35.38 20.17 49.51
CA TYR F 177 35.93 21.06 48.48
C TYR F 177 36.04 22.49 49.01
N ALA F 178 37.28 22.98 49.09
CA ALA F 178 37.56 24.26 49.75
C ALA F 178 37.01 25.46 49.01
N SER F 179 36.76 25.33 47.72
CA SER F 179 36.18 26.43 46.95
C SER F 179 34.74 26.16 46.48
N SER F 180 34.01 25.34 47.23
CA SER F 180 32.59 25.10 46.98
C SER F 180 31.81 26.40 47.09
N LYS F 181 30.64 26.45 46.46
CA LYS F 181 29.75 27.62 46.61
C LYS F 181 29.18 27.70 48.03
N TYR F 182 29.20 26.57 48.75
CA TYR F 182 28.64 26.47 50.10
C TYR F 182 29.69 25.96 51.09
N GLU F 183 29.83 26.67 52.20
CA GLU F 183 30.68 26.21 53.30
C GLU F 183 29.83 25.47 54.34
N ILE F 184 30.41 24.43 54.92
CA ILE F 184 29.73 23.57 55.89
C ILE F 184 29.93 24.16 57.28
N LEU F 185 28.82 24.41 57.97
CA LEU F 185 28.84 24.86 59.34
C LEU F 185 28.91 23.66 60.29
N SER F 186 28.09 22.64 60.02
CA SER F 186 28.23 21.35 60.72
C SER F 186 27.63 20.23 59.89
N ALA F 187 28.04 19.00 60.21
CA ALA F 187 27.54 17.82 59.54
C ALA F 187 27.65 16.61 60.48
N THR F 188 26.50 16.04 60.83
CA THR F 188 26.45 14.90 61.75
C THR F 188 25.71 13.70 61.15
N GLN F 189 26.02 12.52 61.68
CA GLN F 189 25.41 11.26 61.25
C GLN F 189 24.92 10.49 62.48
N THR F 190 23.62 10.24 62.56
CA THR F 190 22.98 9.71 63.76
C THR F 190 22.04 8.54 63.46
N ARG F 191 22.27 7.41 64.13
CA ARG F 191 21.40 6.23 64.02
C ARG F 191 20.01 6.51 64.63
N GLN F 192 18.97 6.14 63.90
CA GLN F 192 17.59 6.26 64.38
C GLN F 192 16.79 4.99 64.10
N VAL F 193 15.67 4.86 64.82
CA VAL F 193 14.75 3.73 64.67
C VAL F 193 13.36 4.30 64.41
N GLN F 194 12.69 3.76 63.39
CA GLN F 194 11.44 4.32 62.87
C GLN F 194 10.55 3.18 62.38
N HIS F 195 9.24 3.40 62.41
CA HIS F 195 8.27 2.46 61.85
C HIS F 195 7.68 3.04 60.57
N TYR F 196 7.35 2.15 59.63
CA TYR F 196 6.80 2.54 58.34
C TYR F 196 5.51 1.79 58.06
N SER F 197 4.63 2.42 57.29
CA SER F 197 3.25 1.98 57.12
C SER F 197 3.09 0.54 56.64
N CYS F 198 4.01 0.08 55.81
CA CYS F 198 3.94 -1.27 55.22
C CYS F 198 3.98 -2.39 56.25
N CYS F 199 4.68 -2.14 57.36
CA CYS F 199 5.32 -3.19 58.13
C CYS F 199 5.23 -2.92 59.64
N PRO F 200 5.06 -3.98 60.45
CA PRO F 200 5.08 -3.82 61.91
C PRO F 200 6.49 -3.73 62.52
N GLU F 201 7.51 -4.20 61.80
CA GLU F 201 8.88 -4.17 62.31
C GLU F 201 9.49 -2.79 62.10
N PRO F 202 10.37 -2.35 63.02
CA PRO F 202 11.02 -1.07 62.84
C PRO F 202 12.16 -1.17 61.84
N TYR F 203 12.45 -0.07 61.16
CA TYR F 203 13.56 -0.01 60.21
C TYR F 203 14.61 0.96 60.72
N ILE F 204 15.88 0.60 60.55
CA ILE F 204 16.98 1.41 61.06
C ILE F 204 17.45 2.39 59.98
N ASP F 205 17.82 3.60 60.41
CA ASP F 205 18.46 4.54 59.51
C ASP F 205 19.62 5.28 60.19
N VAL F 206 20.53 5.80 59.37
CA VAL F 206 21.52 6.79 59.80
C VAL F 206 21.11 8.11 59.15
N ASN F 207 20.78 9.08 59.99
CA ASN F 207 20.32 10.40 59.57
C ASN F 207 21.48 11.39 59.45
N LEU F 208 21.67 11.91 58.25
CA LEU F 208 22.73 12.86 57.96
C LEU F 208 22.16 14.28 58.02
N VAL F 209 22.60 15.08 58.99
CA VAL F 209 22.12 16.46 59.18
C VAL F 209 23.22 17.46 58.87
N VAL F 210 22.99 18.31 57.87
CA VAL F 210 24.02 19.22 57.36
C VAL F 210 23.53 20.67 57.48
N LYS F 211 24.33 21.49 58.15
CA LYS F 211 24.10 22.93 58.23
C LYS F 211 25.13 23.63 57.36
N PHE F 212 24.66 24.51 56.49
CA PHE F 212 25.52 25.11 55.46
C PHE F 212 25.04 26.49 55.03
N ARG F 213 25.94 27.25 54.42
CA ARG F 213 25.59 28.57 53.90
C ARG F 213 26.43 28.97 52.69
N GLU F 214 25.93 29.93 51.93
CA GLU F 214 26.67 30.49 50.81
C GLU F 214 27.99 31.04 51.34
N ARG F 215 29.08 30.70 50.66
CA ARG F 215 30.40 31.19 51.07
C ARG F 215 30.42 32.71 50.92
N ARG F 216 31.31 33.35 51.66
CA ARG F 216 31.47 34.81 51.56
C ARG F 216 32.93 35.18 51.74
N HIS G 9 44.57 -18.08 7.03
CA HIS G 9 45.74 -18.55 7.83
C HIS G 9 46.05 -17.59 8.96
N SER G 10 46.06 -16.29 8.64
CA SER G 10 46.39 -15.25 9.62
C SER G 10 45.24 -15.04 10.63
N GLN G 11 44.01 -14.99 10.13
CA GLN G 11 42.83 -14.88 10.98
C GLN G 11 42.74 -16.02 11.99
N ALA G 12 42.98 -17.25 11.51
CA ALA G 12 43.02 -18.43 12.36
C ALA G 12 44.14 -18.35 13.42
N ASN G 13 45.25 -17.73 13.06
CA ASN G 13 46.38 -17.52 13.98
C ASN G 13 46.02 -16.55 15.11
N LEU G 14 45.35 -15.46 14.76
CA LEU G 14 44.98 -14.44 15.73
C LEU G 14 44.00 -14.96 16.78
N MET G 15 42.95 -15.65 16.32
CA MET G 15 41.91 -16.12 17.22
C MET G 15 42.38 -17.30 18.08
N ARG G 16 43.40 -18.03 17.62
CA ARG G 16 44.04 -19.05 18.44
C ARG G 16 44.83 -18.41 19.59
N LEU G 17 45.50 -17.30 19.29
CA LEU G 17 46.18 -16.51 20.32
C LEU G 17 45.16 -15.94 21.32
N LYS G 18 44.19 -15.18 20.80
CA LYS G 18 43.13 -14.62 21.65
C LYS G 18 42.45 -15.71 22.48
N SER G 19 42.16 -16.85 21.85
CA SER G 19 41.63 -18.02 22.55
C SER G 19 42.52 -18.42 23.72
N ASP G 20 43.81 -18.65 23.43
CA ASP G 20 44.78 -19.10 24.43
C ASP G 20 44.92 -18.12 25.60
N LEU G 21 45.11 -16.85 25.28
CA LEU G 21 45.31 -15.83 26.32
C LEU G 21 44.03 -15.66 27.13
N PHE G 22 42.96 -15.23 26.45
CA PHE G 22 41.69 -14.90 27.11
C PHE G 22 40.92 -16.18 27.47
N TYR G 28 43.97 -13.26 35.23
CA TYR G 28 44.58 -12.18 36.01
C TYR G 28 43.52 -11.54 36.90
N PRO G 29 43.59 -11.80 38.22
CA PRO G 29 42.63 -11.25 39.19
C PRO G 29 42.95 -9.82 39.65
N GLY G 30 43.67 -9.07 38.82
CA GLY G 30 44.12 -7.73 39.18
C GLY G 30 45.44 -7.79 39.93
N PRO G 31 46.04 -6.62 40.19
CA PRO G 31 47.33 -6.52 40.88
C PRO G 31 47.23 -6.79 42.38
N THR G 32 48.36 -7.15 42.99
CA THR G 32 48.44 -7.35 44.43
C THR G 32 49.72 -6.75 45.00
N LYS G 33 49.77 -6.72 46.32
CA LYS G 33 50.97 -6.34 47.07
C LYS G 33 52.19 -7.15 46.60
N ASP G 34 52.00 -8.45 46.43
CA ASP G 34 53.08 -9.35 45.98
C ASP G 34 53.23 -9.40 44.45
N ASP G 35 52.30 -8.78 43.72
CA ASP G 35 52.40 -8.65 42.26
C ASP G 35 51.91 -7.26 41.86
N PRO G 36 52.74 -6.22 42.11
CA PRO G 36 52.30 -4.85 41.92
C PRO G 36 52.34 -4.43 40.46
N LEU G 37 51.70 -3.31 40.15
CA LEU G 37 51.61 -2.84 38.79
C LEU G 37 51.84 -1.34 38.70
N THR G 38 52.42 -0.90 37.59
CA THR G 38 52.66 0.51 37.34
C THR G 38 51.92 0.93 36.06
N VAL G 39 51.11 1.98 36.18
CA VAL G 39 50.35 2.52 35.06
C VAL G 39 50.92 3.87 34.68
N THR G 40 51.27 4.04 33.40
CA THR G 40 51.73 5.33 32.93
C THR G 40 50.51 6.11 32.40
N LEU G 41 50.37 7.36 32.83
CA LEU G 41 49.24 8.20 32.46
C LEU G 41 49.70 9.47 31.78
N GLY G 42 48.90 9.98 30.85
CA GLY G 42 49.16 11.25 30.20
C GLY G 42 47.89 11.80 29.58
N PHE G 43 47.66 13.09 29.73
CA PHE G 43 46.43 13.71 29.30
C PHE G 43 46.64 14.61 28.09
N THR G 44 45.67 14.57 27.18
CA THR G 44 45.58 15.45 26.03
C THR G 44 44.29 16.25 26.18
N LEU G 45 44.41 17.51 26.59
CA LEU G 45 43.23 18.35 26.79
C LEU G 45 42.73 18.91 25.46
N GLN G 46 41.54 18.50 25.06
CA GLN G 46 40.98 18.95 23.79
C GLN G 46 40.17 20.22 23.95
N ASP G 47 39.51 20.39 25.10
CA ASP G 47 38.60 21.52 25.28
C ASP G 47 38.19 21.72 26.73
N ILE G 48 38.02 22.99 27.11
CA ILE G 48 37.21 23.36 28.26
C ILE G 48 35.89 23.83 27.67
N VAL G 49 34.84 23.03 27.88
CA VAL G 49 33.57 23.27 27.20
C VAL G 49 32.74 24.32 27.93
N LYS G 50 32.71 24.21 29.25
CA LYS G 50 31.78 24.97 30.07
C LYS G 50 32.35 25.28 31.46
N ALA G 51 32.07 26.49 31.95
CA ALA G 51 32.41 26.86 33.32
C ALA G 51 31.16 27.44 33.98
N ASP G 52 30.74 26.81 35.08
CA ASP G 52 29.50 27.15 35.76
C ASP G 52 29.79 27.76 37.13
N SER G 53 29.59 29.07 37.25
CA SER G 53 29.92 29.77 38.48
C SER G 53 28.77 29.80 39.51
N SER G 54 27.63 29.24 39.16
CA SER G 54 26.53 29.08 40.11
C SER G 54 26.68 27.80 40.94
N THR G 55 27.43 26.84 40.38
CA THR G 55 27.68 25.57 41.06
C THR G 55 29.17 25.23 41.23
N ASN G 56 30.06 26.07 40.67
CA ASN G 56 31.50 25.81 40.62
C ASN G 56 31.84 24.43 40.07
N GLU G 57 31.33 24.18 38.86
CA GLU G 57 31.66 23.01 38.08
C GLU G 57 32.22 23.48 36.75
N VAL G 58 33.27 22.79 36.30
CA VAL G 58 33.83 23.03 34.98
C VAL G 58 33.87 21.69 34.26
N ASP G 59 33.56 21.71 32.96
CA ASP G 59 33.50 20.49 32.14
C ASP G 59 34.67 20.46 31.15
N LEU G 60 35.44 19.38 31.18
CA LEU G 60 36.57 19.19 30.29
C LEU G 60 36.29 18.07 29.28
N VAL G 61 36.86 18.22 28.08
CA VAL G 61 36.97 17.11 27.14
C VAL G 61 38.47 16.84 26.90
N TYR G 62 38.86 15.58 27.08
CA TYR G 62 40.26 15.19 26.96
C TYR G 62 40.34 13.72 26.62
N TYR G 63 41.52 13.26 26.22
CA TYR G 63 41.79 11.83 26.27
C TYR G 63 42.99 11.47 27.13
N GLU G 64 42.86 10.32 27.78
CA GLU G 64 43.74 9.87 28.81
C GLU G 64 44.46 8.64 28.29
N GLN G 65 45.75 8.78 28.00
CA GLN G 65 46.56 7.64 27.54
C GLN G 65 47.03 6.81 28.73
N GLN G 66 46.70 5.53 28.71
CA GLN G 66 47.03 4.61 29.79
C GLN G 66 47.91 3.52 29.26
N ARG G 67 48.97 3.20 29.99
CA ARG G 67 49.92 2.15 29.63
CA ARG G 67 49.92 2.16 29.62
C ARG G 67 50.22 1.29 30.83
N TRP G 68 50.25 -0.02 30.62
CA TRP G 68 50.66 -0.96 31.66
C TRP G 68 51.13 -2.26 30.99
N LYS G 69 51.70 -3.16 31.77
CA LYS G 69 52.29 -4.39 31.24
C LYS G 69 52.03 -5.55 32.20
N LEU G 70 51.64 -6.71 31.64
CA LEU G 70 51.37 -7.92 32.41
C LEU G 70 52.11 -9.10 31.81
N ASN G 71 52.63 -9.97 32.66
CA ASN G 71 53.23 -11.22 32.19
C ASN G 71 52.16 -12.23 31.75
N SER G 72 50.94 -12.03 32.24
CA SER G 72 49.80 -12.86 31.84
C SER G 72 49.41 -12.72 30.36
N LEU G 73 49.92 -11.68 29.70
CA LEU G 73 49.54 -11.40 28.32
C LEU G 73 50.70 -11.51 27.33
N MET G 74 51.80 -12.14 27.74
CA MET G 74 52.96 -12.30 26.86
C MET G 74 52.79 -13.48 25.91
N TRP G 75 53.31 -13.32 24.69
CA TRP G 75 53.41 -14.44 23.74
C TRP G 75 54.65 -14.32 22.84
N ASP G 76 54.99 -15.42 22.19
CA ASP G 76 56.10 -15.47 21.24
C ASP G 76 55.54 -15.31 19.83
N PRO G 77 55.83 -14.18 19.15
CA PRO G 77 55.29 -13.95 17.80
C PRO G 77 55.58 -15.06 16.81
N ASN G 78 56.75 -15.68 16.93
CA ASN G 78 57.16 -16.75 16.02
C ASN G 78 56.31 -18.03 16.16
N GLU G 79 55.59 -18.16 17.28
CA GLU G 79 54.63 -19.26 17.48
C GLU G 79 53.21 -18.95 17.01
N TYR G 80 52.96 -17.73 16.55
CA TYR G 80 51.61 -17.31 16.15
C TYR G 80 51.63 -16.58 14.79
N GLY G 81 52.47 -17.06 13.87
CA GLY G 81 52.60 -16.44 12.54
C GLY G 81 53.10 -15.01 12.56
N ASN G 82 53.99 -14.69 13.50
CA ASN G 82 54.55 -13.34 13.63
C ASN G 82 53.51 -12.24 13.91
N ILE G 83 52.51 -12.58 14.73
CA ILE G 83 51.60 -11.57 15.25
C ILE G 83 52.34 -10.91 16.41
N THR G 84 52.50 -9.58 16.34
CA THR G 84 53.19 -8.83 17.39
C THR G 84 52.22 -8.09 18.29
N ASP G 85 50.99 -7.91 17.82
CA ASP G 85 49.96 -7.23 18.59
C ASP G 85 48.56 -7.47 18.00
N PHE G 86 47.56 -7.01 18.74
CA PHE G 86 46.18 -7.03 18.27
C PHE G 86 45.35 -6.06 19.09
N ARG G 87 44.32 -5.47 18.47
CA ARG G 87 43.34 -4.72 19.25
C ARG G 87 42.23 -5.65 19.74
N THR G 88 41.68 -5.31 20.89
CA THR G 88 40.67 -6.12 21.55
C THR G 88 39.80 -5.23 22.42
N SER G 89 38.61 -5.72 22.78
CA SER G 89 37.73 -4.95 23.63
C SER G 89 38.38 -4.76 24.99
N ALA G 90 38.19 -3.60 25.58
CA ALA G 90 38.67 -3.34 26.94
C ALA G 90 37.97 -4.27 27.96
N ALA G 91 36.78 -4.72 27.61
CA ALA G 91 36.03 -5.67 28.42
C ALA G 91 36.69 -7.05 28.48
N ASP G 92 37.41 -7.42 27.42
CA ASP G 92 38.06 -8.74 27.34
C ASP G 92 39.37 -8.83 28.13
N ILE G 93 39.83 -7.71 28.70
CA ILE G 93 41.07 -7.69 29.48
C ILE G 93 40.88 -6.91 30.78
N TRP G 94 41.81 -7.10 31.71
CA TRP G 94 41.84 -6.28 32.91
C TRP G 94 42.28 -4.86 32.55
N THR G 95 41.55 -3.87 33.06
CA THR G 95 41.96 -2.47 32.93
C THR G 95 41.95 -1.82 34.31
N PRO G 96 42.78 -0.78 34.52
CA PRO G 96 42.85 -0.14 35.82
C PRO G 96 41.69 0.83 36.07
N ASP G 97 41.33 0.98 37.35
CA ASP G 97 40.16 1.77 37.75
C ASP G 97 40.56 3.22 38.01
N ILE G 98 41.19 3.83 37.02
CA ILE G 98 41.69 5.20 37.14
C ILE G 98 40.49 6.14 37.16
N THR G 99 40.35 6.85 38.28
CA THR G 99 39.17 7.66 38.59
C THR G 99 39.58 9.10 38.89
N ALA G 100 38.74 10.06 38.52
CA ALA G 100 38.88 11.45 38.95
C ALA G 100 38.32 11.60 40.37
N TYR G 101 39.05 12.31 41.22
CA TYR G 101 38.71 12.40 42.64
C TYR G 101 37.54 13.34 42.91
N SER G 102 37.47 14.44 42.15
CA SER G 102 36.51 15.51 42.40
C SER G 102 35.50 15.67 41.26
N SER G 103 35.11 14.57 40.63
CA SER G 103 34.03 14.62 39.63
C SER G 103 32.70 14.91 40.31
N THR G 104 31.83 15.65 39.62
CA THR G 104 30.49 15.94 40.12
C THR G 104 29.39 15.18 39.37
N ARG G 105 29.75 14.58 38.22
CA ARG G 105 28.84 13.74 37.44
CA ARG G 105 28.84 13.74 37.43
C ARG G 105 29.63 12.51 36.95
N PRO G 106 28.93 11.41 36.62
CA PRO G 106 29.64 10.29 36.01
C PRO G 106 30.32 10.68 34.70
N VAL G 107 31.49 10.11 34.45
CA VAL G 107 32.21 10.39 33.23
C VAL G 107 31.42 9.92 32.01
N GLN G 108 31.45 10.72 30.95
CA GLN G 108 30.84 10.35 29.67
C GLN G 108 31.93 9.93 28.68
N VAL G 109 31.84 8.69 28.23
CA VAL G 109 32.84 8.10 27.35
C VAL G 109 32.56 8.48 25.90
N LEU G 110 33.58 9.02 25.23
CA LEU G 110 33.42 9.58 23.89
C LEU G 110 34.10 8.76 22.78
N SER G 111 34.81 7.69 23.15
CA SER G 111 35.53 6.89 22.16
C SER G 111 35.24 5.40 22.32
N PRO G 112 35.46 4.61 21.25
CA PRO G 112 35.37 3.15 21.34
C PRO G 112 36.18 2.62 22.51
N GLN G 113 35.64 1.62 23.20
CA GLN G 113 36.35 1.04 24.35
CA GLN G 113 36.31 1.03 24.35
C GLN G 113 37.15 -0.16 23.87
N ILE G 114 38.19 0.14 23.09
CA ILE G 114 39.05 -0.85 22.47
C ILE G 114 40.49 -0.53 22.84
N ALA G 115 41.25 -1.58 23.20
CA ALA G 115 42.64 -1.45 23.62
C ALA G 115 43.56 -2.27 22.72
N VAL G 116 44.85 -2.03 22.80
CA VAL G 116 45.84 -2.75 22.00
C VAL G 116 46.85 -3.47 22.90
N VAL G 117 47.01 -4.77 22.65
CA VAL G 117 47.92 -5.62 23.40
C VAL G 117 49.10 -6.00 22.52
N THR G 118 50.31 -5.92 23.07
CA THR G 118 51.54 -6.28 22.33
C THR G 118 52.17 -7.54 22.95
N HIS G 119 52.95 -8.26 22.15
CA HIS G 119 53.47 -9.60 22.52
C HIS G 119 54.32 -9.63 23.80
N ASP G 120 54.93 -8.51 24.15
CA ASP G 120 55.66 -8.41 25.41
C ASP G 120 54.74 -8.22 26.63
N GLY G 121 53.43 -8.26 26.40
CA GLY G 121 52.45 -8.21 27.49
C GLY G 121 52.01 -6.81 27.84
N SER G 122 52.46 -5.84 27.05
CA SER G 122 52.12 -4.44 27.29
C SER G 122 50.81 -4.07 26.63
N VAL G 123 50.01 -3.26 27.34
CA VAL G 123 48.71 -2.81 26.87
C VAL G 123 48.71 -1.30 26.78
N MET G 124 47.95 -0.76 25.83
CA MET G 124 47.66 0.67 25.77
C MET G 124 46.18 0.95 25.48
N PHE G 125 45.61 1.86 26.25
CA PHE G 125 44.20 2.21 26.15
C PHE G 125 44.09 3.73 26.30
N ILE G 126 43.41 4.38 25.34
CA ILE G 126 43.33 5.84 25.29
C ILE G 126 41.87 6.30 25.16
N PRO G 127 41.10 6.21 26.27
CA PRO G 127 39.72 6.70 26.29
C PRO G 127 39.58 8.23 26.26
N ALA G 128 38.69 8.72 25.40
CA ALA G 128 38.28 10.11 25.40
C ALA G 128 37.04 10.25 26.29
N GLN G 129 37.02 11.29 27.11
CA GLN G 129 36.02 11.47 28.15
C GLN G 129 35.59 12.93 28.26
N ARG G 130 34.33 13.12 28.65
CA ARG G 130 33.87 14.39 29.16
C ARG G 130 33.69 14.28 30.66
N LEU G 131 34.26 15.24 31.38
CA LEU G 131 34.28 15.22 32.84
C LEU G 131 33.80 16.54 33.40
N SER G 132 32.81 16.48 34.28
CA SER G 132 32.46 17.61 35.15
C SER G 132 33.20 17.43 36.47
N PHE G 133 33.99 18.44 36.86
CA PHE G 133 34.71 18.37 38.13
C PHE G 133 34.57 19.67 38.93
N MET G 134 34.89 19.59 40.22
CA MET G 134 34.80 20.73 41.14
C MET G 134 35.85 21.77 40.81
N CYS G 135 35.38 22.97 40.46
CA CYS G 135 36.25 24.02 40.02
C CYS G 135 35.58 25.38 40.12
N ASP G 136 36.20 26.28 40.88
CA ASP G 136 35.78 27.66 41.02
C ASP G 136 36.39 28.51 39.90
N PRO G 137 35.57 28.95 38.92
CA PRO G 137 36.09 29.74 37.79
C PRO G 137 36.25 31.24 38.05
N THR G 138 36.22 31.67 39.31
CA THR G 138 36.43 33.07 39.63
C THR G 138 37.74 33.58 39.01
N GLY G 139 37.65 34.70 38.30
CA GLY G 139 38.83 35.31 37.69
C GLY G 139 39.04 34.94 36.25
N VAL G 140 38.16 34.10 35.70
CA VAL G 140 38.28 33.62 34.33
C VAL G 140 38.04 34.76 33.33
N ASP G 141 37.28 35.76 33.76
CA ASP G 141 37.03 36.96 32.95
C ASP G 141 38.09 38.05 33.14
N SER G 142 39.24 37.69 33.72
CA SER G 142 40.34 38.62 33.92
C SER G 142 41.56 38.12 33.14
N GLU G 143 42.64 38.89 33.19
CA GLU G 143 43.87 38.56 32.47
C GLU G 143 44.69 37.48 33.19
N GLU G 144 44.57 37.40 34.52
CA GLU G 144 45.23 36.34 35.28
C GLU G 144 44.55 34.98 35.10
N GLY G 145 43.27 34.98 34.75
CA GLY G 145 42.51 33.73 34.57
C GLY G 145 42.22 33.01 35.89
N ALA G 146 41.73 31.79 35.77
CA ALA G 146 41.39 30.96 36.93
C ALA G 146 42.23 29.69 36.91
N THR G 147 42.56 29.15 38.08
CA THR G 147 43.29 27.88 38.20
C THR G 147 42.42 26.86 38.93
N CYS G 148 42.31 25.68 38.34
CA CYS G 148 41.65 24.54 38.99
C CYS G 148 42.53 23.30 38.89
N ALA G 149 42.25 22.31 39.73
CA ALA G 149 42.98 21.03 39.72
C ALA G 149 42.05 19.83 39.88
N VAL G 150 42.50 18.69 39.35
CA VAL G 150 41.77 17.44 39.48
C VAL G 150 42.77 16.28 39.40
N LYS G 151 42.75 15.42 40.41
CA LYS G 151 43.67 14.29 40.47
C LYS G 151 42.97 13.00 40.06
N PHE G 152 43.76 12.10 39.47
CA PHE G 152 43.29 10.84 38.91
C PHE G 152 44.13 9.73 39.53
N GLY G 153 43.47 8.67 39.99
CA GLY G 153 44.14 7.57 40.68
C GLY G 153 43.27 6.34 40.71
N SER G 154 43.84 5.21 41.11
CA SER G 154 43.04 4.02 41.35
C SER G 154 42.14 4.29 42.55
N TRP G 155 40.86 3.95 42.43
CA TRP G 155 39.94 4.15 43.53
C TRP G 155 40.23 3.17 44.66
N VAL G 156 40.52 1.92 44.33
CA VAL G 156 40.63 0.85 45.36
C VAL G 156 42.03 0.28 45.56
N TYR G 157 43.00 0.66 44.74
CA TYR G 157 44.35 0.11 44.85
C TYR G 157 45.35 1.15 45.33
N SER G 158 46.03 0.81 46.44
CA SER G 158 47.02 1.70 47.04
C SER G 158 48.34 1.59 46.29
N GLY G 159 49.29 2.46 46.67
CA GLY G 159 50.63 2.46 46.10
C GLY G 159 51.32 1.10 46.04
N PHE G 160 50.96 0.21 46.97
CA PHE G 160 51.55 -1.14 47.01
C PHE G 160 50.99 -2.07 45.92
N GLU G 161 49.84 -1.73 45.35
CA GLU G 161 49.21 -2.55 44.31
C GLU G 161 49.29 -1.86 42.95
N ILE G 162 48.98 -0.56 42.93
CA ILE G 162 49.06 0.24 41.71
C ILE G 162 49.90 1.50 41.96
N ASP G 163 50.96 1.65 41.18
CA ASP G 163 51.76 2.86 41.17
C ASP G 163 51.52 3.58 39.84
N LEU G 164 51.68 4.90 39.85
CA LEU G 164 51.45 5.72 38.65
C LEU G 164 52.72 6.44 38.24
N LYS G 165 52.82 6.71 36.94
CA LYS G 165 53.90 7.56 36.42
C LYS G 165 53.45 8.35 35.20
N THR G 166 54.21 9.39 34.88
CA THR G 166 53.98 10.20 33.70
C THR G 166 55.26 10.20 32.86
N ASP G 167 55.12 10.40 31.56
CA ASP G 167 56.29 10.56 30.69
C ASP G 167 56.72 12.03 30.63
N THR G 168 55.81 12.93 31.01
CA THR G 168 56.07 14.36 31.01
C THR G 168 55.15 15.08 31.99
N ASP G 169 55.56 16.27 32.43
CA ASP G 169 54.72 17.07 33.33
CA ASP G 169 54.74 17.09 33.33
C ASP G 169 53.84 18.05 32.58
N GLN G 170 53.98 18.11 31.26
CA GLN G 170 53.18 18.99 30.42
C GLN G 170 52.02 18.21 29.83
N VAL G 171 50.81 18.70 30.08
CA VAL G 171 49.62 18.21 29.41
C VAL G 171 49.75 18.51 27.92
N ASP G 172 49.38 17.55 27.09
CA ASP G 172 49.44 17.74 25.64
C ASP G 172 48.34 18.71 25.23
N LEU G 173 48.74 19.84 24.65
CA LEU G 173 47.82 20.90 24.24
C LEU G 173 47.79 21.07 22.71
N SER G 174 48.40 20.13 21.98
CA SER G 174 48.49 20.23 20.52
C SER G 174 47.16 19.94 19.79
N SER G 175 46.20 19.34 20.50
CA SER G 175 44.83 19.14 19.99
C SER G 175 43.83 20.05 20.70
N TYR G 176 44.28 21.05 21.43
CA TYR G 176 43.35 21.93 22.13
C TYR G 176 42.56 22.76 21.12
N TYR G 177 41.24 22.79 21.27
CA TYR G 177 40.35 23.44 20.31
C TYR G 177 40.65 24.93 20.25
N ALA G 178 41.15 25.37 19.11
CA ALA G 178 41.63 26.74 18.91
C ALA G 178 40.57 27.81 19.08
N SER G 179 39.29 27.44 18.90
CA SER G 179 38.18 28.39 19.06
C SER G 179 37.30 28.08 20.30
N SER G 180 37.89 27.43 21.30
CA SER G 180 37.23 27.23 22.59
C SER G 180 36.83 28.57 23.19
N LYS G 181 35.84 28.59 24.08
CA LYS G 181 35.53 29.81 24.83
C LYS G 181 36.70 30.18 25.74
N TYR G 182 37.48 29.18 26.14
CA TYR G 182 38.57 29.37 27.09
C TYR G 182 39.93 29.04 26.50
N GLU G 183 40.86 29.96 26.69
CA GLU G 183 42.26 29.83 26.32
C GLU G 183 43.03 29.18 27.49
N ILE G 184 43.95 28.28 27.17
CA ILE G 184 44.78 27.63 28.19
C ILE G 184 46.05 28.43 28.42
N LEU G 185 46.28 28.81 29.68
CA LEU G 185 47.47 29.56 30.09
C LEU G 185 48.59 28.64 30.59
N SER G 186 48.21 27.55 31.25
CA SER G 186 49.14 26.47 31.57
C SER G 186 48.37 25.18 31.85
N ALA G 187 49.04 24.06 31.71
CA ALA G 187 48.44 22.78 32.02
C ALA G 187 49.52 21.77 32.35
N THR G 188 49.55 21.34 33.61
CA THR G 188 50.53 20.36 34.05
C THR G 188 49.89 19.09 34.62
N GLN G 189 50.66 18.01 34.60
CA GLN G 189 50.25 16.72 35.15
C GLN G 189 51.38 16.16 36.01
N THR G 190 51.12 15.95 37.30
CA THR G 190 52.19 15.65 38.26
C THR G 190 51.81 14.54 39.26
N ARG G 191 52.69 13.55 39.37
CA ARG G 191 52.51 12.44 40.30
C ARG G 191 52.57 12.91 41.75
N GLN G 192 51.61 12.44 42.55
CA GLN G 192 51.59 12.72 43.98
C GLN G 192 51.33 11.46 44.78
N VAL G 193 51.64 11.53 46.07
CA VAL G 193 51.36 10.45 47.03
C VAL G 193 50.65 11.08 48.22
N GLN G 194 49.45 10.59 48.53
CA GLN G 194 48.61 11.17 49.58
CA GLN G 194 48.62 11.17 49.59
C GLN G 194 48.03 10.06 50.45
N HIS G 195 47.56 10.41 51.65
CA HIS G 195 46.91 9.46 52.54
C HIS G 195 45.42 9.76 52.65
N TYR G 196 44.64 8.73 52.99
CA TYR G 196 43.19 8.83 53.04
C TYR G 196 42.66 8.15 54.30
N SER G 197 41.51 8.62 54.78
CA SER G 197 40.94 8.21 56.08
C SER G 197 40.71 6.71 56.22
N CYS G 198 40.32 6.08 55.12
CA CYS G 198 39.98 4.65 55.10
C CYS G 198 41.13 3.74 55.52
N CYS G 199 42.35 4.17 55.20
CA CYS G 199 43.44 3.24 54.94
C CYS G 199 44.79 3.76 55.43
N PRO G 200 45.59 2.89 56.07
CA PRO G 200 47.00 3.22 56.38
C PRO G 200 47.84 3.48 55.13
N GLU G 201 47.56 2.73 54.07
CA GLU G 201 48.39 2.74 52.86
C GLU G 201 48.20 4.01 52.05
N PRO G 202 49.29 4.54 51.48
CA PRO G 202 49.18 5.71 50.62
C PRO G 202 48.64 5.36 49.23
N TYR G 203 47.94 6.31 48.63
CA TYR G 203 47.40 6.17 47.28
C TYR G 203 48.09 7.15 46.33
N ILE G 204 48.37 6.69 45.12
CA ILE G 204 49.07 7.49 44.13
C ILE G 204 48.05 8.19 43.24
N ASP G 205 48.32 9.46 42.91
CA ASP G 205 47.54 10.17 41.92
C ASP G 205 48.42 10.91 40.93
N VAL G 206 47.85 11.22 39.77
CA VAL G 206 48.42 12.18 38.86
C VAL G 206 47.50 13.39 38.89
N ASN G 207 48.07 14.54 39.25
CA ASN G 207 47.29 15.76 39.48
C ASN G 207 47.33 16.70 38.27
N LEU G 208 46.15 17.02 37.77
CA LEU G 208 46.01 17.83 36.57
C LEU G 208 45.65 19.25 37.00
N VAL G 209 46.57 20.19 36.76
CA VAL G 209 46.37 21.60 37.15
C VAL G 209 46.30 22.45 35.89
N VAL G 210 45.22 23.23 35.77
CA VAL G 210 44.96 24.04 34.57
CA VAL G 210 44.96 24.03 34.58
C VAL G 210 44.59 25.47 34.94
N LYS G 211 45.33 26.43 34.37
CA LYS G 211 44.97 27.83 34.44
C LYS G 211 44.40 28.21 33.07
N PHE G 212 43.28 28.95 33.09
CA PHE G 212 42.54 29.27 31.88
C PHE G 212 41.76 30.56 32.03
N ARG G 213 41.41 31.17 30.90
CA ARG G 213 40.62 32.40 30.90
C ARG G 213 39.81 32.51 29.61
N GLU G 214 38.84 33.42 29.60
CA GLU G 214 37.97 33.60 28.44
C GLU G 214 38.79 34.15 27.27
N ARG G 215 38.54 33.62 26.07
CA ARG G 215 39.28 33.99 24.88
CA ARG G 215 39.28 34.01 24.87
C ARG G 215 38.82 35.38 24.41
N ARG G 216 39.77 36.24 24.03
CA ARG G 216 39.52 37.62 23.54
C ARG G 216 38.02 37.99 23.45
N HIS H 9 10.85 -21.68 2.17
CA HIS H 9 12.03 -22.02 1.33
C HIS H 9 12.95 -20.82 1.08
N SER H 10 12.36 -19.70 0.67
CA SER H 10 13.06 -18.42 0.69
C SER H 10 13.53 -18.12 2.11
N GLN H 11 12.71 -18.54 3.09
CA GLN H 11 13.04 -18.37 4.50
C GLN H 11 14.04 -19.44 4.96
N ALA H 12 13.81 -20.69 4.55
CA ALA H 12 14.73 -21.78 4.88
C ALA H 12 16.16 -21.46 4.42
N ASN H 13 16.30 -21.07 3.16
CA ASN H 13 17.60 -20.75 2.55
C ASN H 13 18.29 -19.55 3.20
N LEU H 14 17.48 -18.60 3.70
CA LEU H 14 18.02 -17.40 4.35
C LEU H 14 18.49 -17.72 5.78
N MET H 15 17.69 -18.51 6.50
CA MET H 15 18.06 -18.94 7.85
C MET H 15 19.29 -19.86 7.80
N ARG H 16 19.41 -20.65 6.73
CA ARG H 16 20.57 -21.52 6.54
C ARG H 16 21.81 -20.71 6.20
N LEU H 17 21.63 -19.65 5.41
CA LEU H 17 22.75 -18.77 5.02
C LEU H 17 23.37 -18.06 6.21
N LYS H 18 22.54 -17.46 7.05
CA LYS H 18 23.02 -16.68 8.19
C LYS H 18 23.74 -17.59 9.19
N SER H 19 23.11 -18.70 9.56
CA SER H 19 23.74 -19.68 10.44
C SER H 19 25.08 -20.16 9.87
N ASP H 20 25.12 -20.38 8.55
CA ASP H 20 26.36 -20.77 7.85
C ASP H 20 27.46 -19.71 7.89
N LEU H 21 27.08 -18.44 7.70
CA LEU H 21 28.08 -17.37 7.66
C LEU H 21 28.53 -16.99 9.07
N PHE H 22 27.61 -16.95 10.02
CA PHE H 22 27.88 -16.36 11.32
C PHE H 22 28.64 -17.27 12.28
N ASN H 23 28.16 -18.49 12.46
CA ASN H 23 28.87 -19.44 13.33
C ASN H 23 29.94 -20.20 12.57
N ARG H 24 30.62 -19.50 11.65
CA ARG H 24 31.73 -20.06 10.90
C ARG H 24 32.68 -18.97 10.42
N TYR H 28 35.91 -13.08 11.65
CA TYR H 28 36.65 -11.85 11.39
C TYR H 28 36.99 -11.12 12.69
N PRO H 29 38.29 -11.04 13.04
CA PRO H 29 38.73 -10.31 14.21
C PRO H 29 39.07 -8.84 13.91
N GLY H 30 38.39 -8.23 12.95
CA GLY H 30 38.70 -6.87 12.51
C GLY H 30 39.91 -6.86 11.59
N PRO H 31 40.24 -5.70 11.02
CA PRO H 31 41.35 -5.60 10.08
C PRO H 31 42.70 -5.64 10.76
N THR H 32 43.70 -6.15 10.03
CA THR H 32 45.10 -6.16 10.47
C THR H 32 45.99 -5.52 9.40
N LYS H 33 47.27 -5.38 9.74
CA LYS H 33 48.30 -4.92 8.79
C LYS H 33 48.31 -5.79 7.53
N ASP H 34 48.18 -7.10 7.73
CA ASP H 34 48.20 -8.10 6.66
C ASP H 34 46.90 -8.16 5.88
N ASP H 35 45.80 -7.76 6.51
CA ASP H 35 44.47 -7.85 5.92
C ASP H 35 43.74 -6.55 6.20
N PRO H 36 44.17 -5.45 5.54
CA PRO H 36 43.56 -4.15 5.77
C PRO H 36 42.18 -4.03 5.12
N LEU H 37 41.46 -2.98 5.49
CA LEU H 37 40.11 -2.77 5.05
C LEU H 37 39.93 -1.31 4.65
N THR H 38 39.20 -1.07 3.56
CA THR H 38 38.84 0.29 3.16
C THR H 38 37.35 0.49 3.43
N VAL H 39 37.05 1.57 4.16
CA VAL H 39 35.67 1.93 4.48
C VAL H 39 35.33 3.21 3.72
N THR H 40 34.23 3.17 2.98
CA THR H 40 33.76 4.35 2.27
C THR H 40 32.75 5.08 3.15
N LEU H 41 32.94 6.39 3.30
CA LEU H 41 32.08 7.22 4.14
C LEU H 41 31.40 8.31 3.32
N GLY H 42 30.14 8.55 3.63
CA GLY H 42 29.39 9.67 3.06
C GLY H 42 28.41 10.19 4.10
N PHE H 43 28.31 11.51 4.21
CA PHE H 43 27.42 12.14 5.18
C PHE H 43 26.23 12.79 4.50
N THR H 44 25.08 12.67 5.14
CA THR H 44 23.85 13.35 4.76
C THR H 44 23.49 14.23 5.94
N LEU H 45 23.53 15.55 5.76
CA LEU H 45 23.19 16.47 6.84
C LEU H 45 21.70 16.73 6.84
N GLN H 46 21.04 16.36 7.95
CA GLN H 46 19.59 16.49 8.06
CA GLN H 46 19.59 16.48 8.10
C GLN H 46 19.17 17.80 8.74
N ASP H 47 19.93 18.24 9.74
CA ASP H 47 19.58 19.43 10.52
C ASP H 47 20.75 19.91 11.36
N ILE H 48 20.93 21.23 11.41
CA ILE H 48 21.70 21.87 12.47
C ILE H 48 20.66 22.31 13.49
N VAL H 49 20.60 21.59 14.61
CA VAL H 49 19.53 21.76 15.58
C VAL H 49 19.79 22.97 16.48
N LYS H 50 21.02 23.07 16.98
CA LYS H 50 21.36 24.04 18.01
C LYS H 50 22.79 24.55 17.83
N ALA H 51 22.97 25.86 18.06
CA ALA H 51 24.31 26.45 18.11
C ALA H 51 24.44 27.24 19.41
N ASP H 52 25.34 26.78 20.28
CA ASP H 52 25.48 27.33 21.62
C ASP H 52 26.77 28.14 21.70
N SER H 53 26.60 29.46 21.73
CA SER H 53 27.73 30.38 21.76
C SER H 53 28.21 30.68 23.18
N SER H 54 27.56 30.11 24.19
CA SER H 54 28.06 30.20 25.57
C SER H 54 29.09 29.10 25.86
N THR H 55 29.01 27.99 25.11
CA THR H 55 29.95 26.85 25.26
C THR H 55 30.71 26.50 23.97
N ASN H 56 30.36 27.17 22.87
CA ASN H 56 30.86 26.84 21.53
C ASN H 56 30.71 25.35 21.19
N GLU H 57 29.46 24.90 21.23
CA GLU H 57 29.05 23.58 20.80
C GLU H 57 27.93 23.73 19.80
N VAL H 58 27.95 22.87 18.78
CA VAL H 58 26.87 22.80 17.79
C VAL H 58 26.38 21.35 17.68
N ASP H 59 25.07 21.20 17.54
CA ASP H 59 24.44 19.88 17.47
C ASP H 59 23.93 19.61 16.06
N LEU H 60 24.36 18.48 15.49
CA LEU H 60 23.98 18.07 14.13
C LEU H 60 23.18 16.78 14.17
N VAL H 61 22.17 16.70 13.32
CA VAL H 61 21.54 15.42 13.00
C VAL H 61 21.93 15.08 11.55
N TYR H 62 22.41 13.87 11.34
CA TYR H 62 22.99 13.45 10.06
C TYR H 62 22.96 11.92 9.92
N TYR H 63 23.16 11.43 8.69
CA TYR H 63 23.50 10.01 8.46
C TYR H 63 24.99 9.85 8.25
N GLU H 64 25.48 8.67 8.61
CA GLU H 64 26.84 8.29 8.36
C GLU H 64 26.80 7.01 7.54
N GLN H 65 26.71 7.15 6.21
CA GLN H 65 26.71 6.00 5.32
C GLN H 65 28.09 5.34 5.35
N GLN H 66 28.12 4.06 5.69
CA GLN H 66 29.36 3.30 5.79
C GLN H 66 29.29 2.08 4.89
N ARG H 67 30.34 1.88 4.11
CA ARG H 67 30.43 0.75 3.19
CA ARG H 67 30.44 0.74 3.19
C ARG H 67 31.79 0.07 3.33
N TRP H 68 31.80 -1.26 3.38
CA TRP H 68 33.03 -2.04 3.42
C TRP H 68 32.77 -3.45 2.87
N LYS H 69 33.82 -4.24 2.67
CA LYS H 69 33.69 -5.55 2.01
C LYS H 69 34.59 -6.58 2.69
N LEU H 70 34.02 -7.76 2.97
CA LEU H 70 34.76 -8.85 3.63
C LEU H 70 34.61 -10.16 2.85
N ASN H 71 35.73 -10.83 2.60
CA ASN H 71 35.73 -12.16 1.97
C ASN H 71 35.01 -13.20 2.83
N SER H 72 35.06 -13.03 4.15
CA SER H 72 34.39 -13.93 5.08
C SER H 72 32.85 -13.83 5.03
N LEU H 73 32.33 -12.77 4.40
CA LEU H 73 30.88 -12.58 4.23
C LEU H 73 30.40 -12.90 2.81
N MET H 74 31.22 -13.51 1.96
CA MET H 74 30.74 -13.84 0.61
C MET H 74 30.11 -15.23 0.55
N TRP H 75 29.20 -15.38 -0.41
CA TRP H 75 28.54 -16.66 -0.67
C TRP H 75 28.09 -16.76 -2.13
N ASP H 76 27.74 -17.96 -2.55
CA ASP H 76 27.19 -18.20 -3.89
C ASP H 76 25.67 -18.25 -3.77
N PRO H 77 24.96 -17.31 -4.44
CA PRO H 77 23.49 -17.33 -4.39
C PRO H 77 22.89 -18.68 -4.79
N ASN H 78 23.56 -19.42 -5.67
CA ASN H 78 23.10 -20.75 -6.11
C ASN H 78 23.05 -21.81 -5.02
N GLU H 79 23.98 -21.74 -4.06
CA GLU H 79 23.94 -22.63 -2.90
C GLU H 79 22.80 -22.28 -1.93
N TYR H 80 22.19 -21.11 -2.11
CA TYR H 80 21.23 -20.59 -1.14
C TYR H 80 19.96 -20.02 -1.79
N GLY H 81 19.42 -20.75 -2.77
CA GLY H 81 18.16 -20.37 -3.41
C GLY H 81 18.12 -18.97 -3.98
N ASN H 82 19.20 -18.56 -4.63
CA ASN H 82 19.33 -17.24 -5.26
C ASN H 82 19.13 -16.01 -4.36
N ILE H 83 19.46 -16.14 -3.08
CA ILE H 83 19.50 -14.98 -2.19
C ILE H 83 20.76 -14.18 -2.51
N THR H 84 20.59 -12.90 -2.82
CA THR H 84 21.71 -12.05 -3.21
C THR H 84 22.13 -11.07 -2.10
N ASP H 85 21.23 -10.78 -1.16
CA ASP H 85 21.55 -9.94 0.00
C ASP H 85 20.61 -10.22 1.17
N PHE H 86 20.91 -9.66 2.34
CA PHE H 86 20.01 -9.77 3.49
C PHE H 86 20.26 -8.69 4.56
N ARG H 87 19.18 -8.35 5.27
CA ARG H 87 19.23 -7.45 6.42
C ARG H 87 19.70 -8.18 7.66
N THR H 88 20.53 -7.54 8.47
CA THR H 88 20.92 -8.11 9.75
C THR H 88 21.30 -7.02 10.76
N SER H 89 21.10 -7.33 12.03
CA SER H 89 21.52 -6.44 13.09
C SER H 89 23.03 -6.16 12.98
N ALA H 90 23.42 -4.91 13.19
CA ALA H 90 24.83 -4.54 13.18
C ALA H 90 25.63 -5.30 14.25
N ALA H 91 24.95 -5.73 15.32
CA ALA H 91 25.57 -6.56 16.35
C ALA H 91 25.96 -7.94 15.85
N ASP H 92 25.32 -8.40 14.77
CA ASP H 92 25.61 -9.71 14.19
C ASP H 92 26.92 -9.74 13.39
N ILE H 93 27.45 -8.57 13.03
CA ILE H 93 28.65 -8.48 12.21
C ILE H 93 29.63 -7.46 12.78
N TRP H 94 30.89 -7.55 12.33
CA TRP H 94 31.89 -6.56 12.66
C TRP H 94 31.52 -5.25 11.98
N THR H 95 31.63 -4.15 12.72
CA THR H 95 31.43 -2.83 12.15
C THR H 95 32.61 -1.95 12.53
N PRO H 96 32.95 -0.97 11.68
CA PRO H 96 34.09 -0.11 11.95
C PRO H 96 33.82 0.88 13.09
N ASP H 97 34.88 1.23 13.83
CA ASP H 97 34.76 2.11 15.00
C ASP H 97 34.90 3.59 14.61
N ILE H 98 34.12 4.02 13.62
CA ILE H 98 34.20 5.37 13.09
C ILE H 98 33.67 6.35 14.14
N THR H 99 34.51 7.32 14.50
CA THR H 99 34.29 8.20 15.64
C THR H 99 34.60 9.63 15.25
N ALA H 100 33.83 10.58 15.77
CA ALA H 100 34.14 12.01 15.64
C ALA H 100 35.28 12.38 16.60
N TYR H 101 36.25 13.16 16.09
CA TYR H 101 37.45 13.55 16.86
C TYR H 101 37.14 14.59 17.94
N SER H 102 36.22 15.50 17.64
CA SER H 102 35.92 16.65 18.49
C SER H 102 34.47 16.67 19.00
N SER H 103 33.91 15.49 19.32
CA SER H 103 32.61 15.43 20.00
C SER H 103 32.74 15.92 21.45
N THR H 104 31.68 16.53 21.97
CA THR H 104 31.64 16.99 23.36
C THR H 104 30.71 16.14 24.24
N ARG H 105 29.84 15.33 23.62
CA ARG H 105 28.99 14.38 24.34
CA ARG H 105 29.01 14.37 24.36
C ARG H 105 28.92 13.06 23.58
N PRO H 106 28.51 11.96 24.26
CA PRO H 106 28.31 10.73 23.51
C PRO H 106 27.27 10.88 22.41
N VAL H 107 27.56 10.27 21.26
CA VAL H 107 26.62 10.28 20.14
C VAL H 107 25.31 9.59 20.54
N GLN H 108 24.20 10.15 20.07
CA GLN H 108 22.89 9.58 20.28
C GLN H 108 22.38 8.97 18.97
N VAL H 109 22.04 7.69 19.02
CA VAL H 109 21.62 6.94 17.85
C VAL H 109 20.13 7.13 17.63
N LEU H 110 19.74 7.54 16.42
CA LEU H 110 18.36 7.88 16.11
C LEU H 110 17.67 6.88 15.17
N SER H 111 18.37 5.83 14.77
CA SER H 111 17.79 4.83 13.87
C SER H 111 18.13 3.42 14.34
N PRO H 112 17.37 2.42 13.85
CA PRO H 112 17.72 1.02 14.04
C PRO H 112 19.15 0.74 13.59
N GLN H 113 19.82 -0.18 14.28
CA GLN H 113 21.20 -0.56 13.94
C GLN H 113 21.16 -1.86 13.17
N ILE H 114 20.81 -1.74 11.90
CA ILE H 114 20.62 -2.87 11.01
C ILE H 114 21.38 -2.59 9.72
N ALA H 115 22.18 -3.57 9.28
CA ALA H 115 22.98 -3.44 8.06
C ALA H 115 22.48 -4.39 6.99
N VAL H 116 22.93 -4.19 5.76
CA VAL H 116 22.60 -5.08 4.66
C VAL H 116 23.88 -5.71 4.10
N VAL H 117 23.95 -7.03 4.10
CA VAL H 117 25.09 -7.77 3.55
C VAL H 117 24.71 -8.34 2.18
N THR H 118 25.57 -8.12 1.19
CA THR H 118 25.35 -8.63 -0.17
C THR H 118 26.30 -9.82 -0.41
N HIS H 119 25.96 -10.66 -1.40
CA HIS H 119 26.67 -11.93 -1.64
C HIS H 119 28.15 -11.81 -2.02
N ASP H 120 28.56 -10.66 -2.52
CA ASP H 120 29.97 -10.38 -2.81
C ASP H 120 30.77 -10.00 -1.55
N GLY H 121 30.13 -10.09 -0.38
CA GLY H 121 30.77 -9.79 0.89
C GLY H 121 30.68 -8.33 1.30
N SER H 122 30.04 -7.50 0.48
CA SER H 122 29.93 -6.07 0.78
C SER H 122 28.83 -5.80 1.80
N VAL H 123 29.07 -4.81 2.65
CA VAL H 123 28.13 -4.43 3.70
C VAL H 123 27.81 -2.94 3.56
N MET H 124 26.54 -2.59 3.76
CA MET H 124 26.15 -1.19 3.86
C MET H 124 25.36 -0.94 5.15
N PHE H 125 25.72 0.16 5.81
CA PHE H 125 25.16 0.52 7.10
C PHE H 125 24.98 2.03 7.11
N ILE H 126 23.77 2.50 7.44
CA ILE H 126 23.47 3.93 7.37
C ILE H 126 22.75 4.40 8.65
N PRO H 127 23.50 4.52 9.77
CA PRO H 127 22.92 4.99 11.01
C PRO H 127 22.66 6.50 11.04
N ALA H 128 21.52 6.91 11.59
CA ALA H 128 21.25 8.31 11.90
C ALA H 128 21.69 8.63 13.33
N GLN H 129 22.29 9.79 13.51
CA GLN H 129 22.90 10.17 14.80
C GLN H 129 22.72 11.65 15.11
N ARG H 130 22.71 11.98 16.40
CA ARG H 130 22.82 13.36 16.86
C ARG H 130 24.17 13.55 17.54
N LEU H 131 24.93 14.54 17.08
CA LEU H 131 26.28 14.80 17.57
C LEU H 131 26.43 16.24 18.05
N SER H 132 26.90 16.41 19.29
CA SER H 132 27.40 17.70 19.75
C SER H 132 28.91 17.72 19.54
N PHE H 133 29.42 18.76 18.88
CA PHE H 133 30.84 18.85 18.61
C PHE H 133 31.34 20.28 18.80
N MET H 134 32.66 20.42 18.87
CA MET H 134 33.30 21.70 19.13
C MET H 134 33.19 22.65 17.93
N CYS H 135 32.52 23.78 18.15
CA CYS H 135 32.21 24.70 17.07
C CYS H 135 31.88 26.11 17.59
N ASP H 136 32.68 27.11 17.18
CA ASP H 136 32.39 28.51 17.50
C ASP H 136 31.42 29.07 16.46
N PRO H 137 30.16 29.33 16.85
CA PRO H 137 29.18 29.82 15.88
C PRO H 137 29.23 31.33 15.56
N THR H 138 30.29 32.04 15.95
CA THR H 138 30.36 33.48 15.69
C THR H 138 30.18 33.77 14.20
N GLY H 139 29.39 34.78 13.91
CA GLY H 139 29.10 35.18 12.54
C GLY H 139 27.88 34.48 11.94
N VAL H 140 27.23 33.63 12.71
CA VAL H 140 26.09 32.86 12.21
C VAL H 140 24.90 33.78 11.90
N ASP H 141 24.81 34.88 12.63
CA ASP H 141 23.78 35.90 12.40
C ASP H 141 24.27 36.99 11.43
N SER H 142 24.99 36.58 10.39
CA SER H 142 25.47 37.49 9.36
C SER H 142 25.27 36.88 7.96
N GLU H 143 25.55 37.68 6.93
CA GLU H 143 25.47 37.24 5.53
C GLU H 143 26.48 36.13 5.23
N GLU H 144 27.65 36.19 5.87
CA GLU H 144 28.75 35.28 5.55
C GLU H 144 28.71 34.01 6.41
N GLY H 145 28.00 34.06 7.53
CA GLY H 145 27.73 32.86 8.32
C GLY H 145 28.91 32.37 9.13
N ALA H 146 28.70 31.25 9.81
CA ALA H 146 29.73 30.60 10.62
C ALA H 146 30.29 29.41 9.86
N THR H 147 31.52 29.03 10.20
CA THR H 147 32.17 27.87 9.59
C THR H 147 32.70 26.96 10.69
N CYS H 148 32.39 25.67 10.57
CA CYS H 148 32.88 24.69 11.52
C CYS H 148 33.30 23.41 10.82
N ALA H 149 34.12 22.63 11.51
CA ALA H 149 34.64 21.39 10.98
C ALA H 149 34.71 20.34 12.07
N VAL H 150 34.50 19.09 11.66
CA VAL H 150 34.64 17.95 12.53
C VAL H 150 35.08 16.76 11.68
N LYS H 151 36.13 16.07 12.11
CA LYS H 151 36.67 14.94 11.36
C LYS H 151 36.28 13.61 11.98
N PHE H 152 36.10 12.62 11.12
CA PHE H 152 35.60 11.31 11.50
C PHE H 152 36.63 10.28 11.09
N GLY H 153 36.85 9.27 11.93
CA GLY H 153 37.82 8.23 11.62
C GLY H 153 37.78 7.10 12.61
N SER H 154 38.53 6.05 12.32
CA SER H 154 38.69 4.94 13.25
C SER H 154 39.46 5.46 14.44
N TRP H 155 38.98 5.17 15.64
CA TRP H 155 39.68 5.59 16.84
C TRP H 155 40.97 4.80 17.03
N VAL H 156 40.93 3.49 16.80
CA VAL H 156 42.08 2.62 17.15
C VAL H 156 42.82 2.00 15.97
N TYR H 157 42.31 2.12 14.75
CA TYR H 157 43.00 1.56 13.59
C TYR H 157 43.65 2.64 12.73
N SER H 158 44.96 2.49 12.51
CA SER H 158 45.74 3.42 11.68
C SER H 158 45.48 3.16 10.20
N GLY H 159 46.08 3.98 9.34
CA GLY H 159 45.96 3.81 7.89
C GLY H 159 46.41 2.44 7.38
N PHE H 160 47.25 1.75 8.15
CA PHE H 160 47.69 0.39 7.82
C PHE H 160 46.62 -0.68 8.09
N GLU H 161 45.59 -0.35 8.87
CA GLU H 161 44.52 -1.32 9.16
C GLU H 161 43.19 -0.92 8.53
N ILE H 162 42.82 0.35 8.69
CA ILE H 162 41.62 0.90 8.07
C ILE H 162 41.99 2.11 7.23
N ASP H 163 41.67 2.04 5.94
CA ASP H 163 41.74 3.21 5.08
C ASP H 163 40.32 3.70 4.86
N LEU H 164 40.19 4.98 4.53
CA LEU H 164 38.91 5.61 4.29
C LEU H 164 38.88 6.16 2.87
N LYS H 165 37.68 6.22 2.31
CA LYS H 165 37.47 6.95 1.07
C LYS H 165 36.08 7.55 1.02
N THR H 166 35.95 8.61 0.22
CA THR H 166 34.66 9.17 -0.13
C THR H 166 34.44 8.85 -1.60
N ASP H 167 33.19 8.91 -2.04
CA ASP H 167 32.91 8.92 -3.46
C ASP H 167 32.88 10.37 -3.92
N THR H 168 32.12 11.18 -3.20
CA THR H 168 31.95 12.59 -3.53
C THR H 168 32.47 13.40 -2.35
N ASP H 169 33.06 14.56 -2.63
CA ASP H 169 33.51 15.43 -1.55
C ASP H 169 32.39 16.40 -1.14
N GLN H 170 31.20 16.18 -1.68
CA GLN H 170 30.03 16.99 -1.39
C GLN H 170 29.12 16.23 -0.43
N VAL H 171 28.78 16.86 0.69
CA VAL H 171 27.84 16.31 1.67
C VAL H 171 26.43 16.38 1.07
N ASP H 172 25.66 15.30 1.27
CA ASP H 172 24.31 15.25 0.74
C ASP H 172 23.38 16.17 1.54
N LEU H 173 22.85 17.20 0.86
CA LEU H 173 21.97 18.19 1.49
C LEU H 173 20.54 18.09 0.99
N SER H 174 20.24 17.03 0.24
CA SER H 174 18.93 16.90 -0.42
C SER H 174 17.76 16.66 0.55
N SER H 175 18.03 16.26 1.79
CA SER H 175 16.97 16.10 2.79
C SER H 175 17.12 17.08 3.95
N TYR H 176 18.01 18.07 3.82
CA TYR H 176 18.22 19.02 4.90
C TYR H 176 16.87 19.67 5.23
N TYR H 177 16.58 19.80 6.53
CA TYR H 177 15.29 20.29 6.99
C TYR H 177 15.10 21.73 6.53
N ALA H 178 14.06 21.94 5.73
CA ALA H 178 13.84 23.23 5.07
C ALA H 178 13.46 24.36 6.02
N SER H 179 12.94 24.03 7.19
CA SER H 179 12.58 25.07 8.16
C SER H 179 13.48 25.04 9.40
N SER H 180 14.73 24.59 9.23
CA SER H 180 15.72 24.64 10.30
C SER H 180 15.98 26.08 10.71
N LYS H 181 16.52 26.29 11.91
CA LYS H 181 16.93 27.66 12.31
C LYS H 181 18.10 28.16 11.47
N TYR H 182 18.88 27.23 10.93
CA TYR H 182 20.10 27.53 10.19
C TYR H 182 20.06 26.97 8.78
N GLU H 183 20.34 27.82 7.81
CA GLU H 183 20.50 27.39 6.42
C GLU H 183 21.96 27.07 6.12
N ILE H 184 22.17 26.07 5.28
CA ILE H 184 23.51 25.60 4.91
C ILE H 184 23.99 26.36 3.68
N LEU H 185 25.12 27.04 3.82
CA LEU H 185 25.75 27.73 2.70
C LEU H 185 26.58 26.76 1.89
N SER H 186 27.36 25.93 2.59
CA SER H 186 28.05 24.79 1.95
C SER H 186 28.37 23.70 2.97
N ALA H 187 28.61 22.49 2.46
CA ALA H 187 29.02 21.36 3.28
C ALA H 187 29.84 20.38 2.45
N THR H 188 31.10 20.16 2.85
CA THR H 188 32.01 19.28 2.14
C THR H 188 32.58 18.19 3.04
N GLN H 189 33.02 17.10 2.42
CA GLN H 189 33.64 15.99 3.12
C GLN H 189 34.94 15.62 2.39
N THR H 190 36.06 15.67 3.10
CA THR H 190 37.37 15.51 2.49
C THR H 190 38.24 14.57 3.30
N ARG H 191 38.82 13.58 2.63
CA ARG H 191 39.77 12.65 3.25
C ARG H 191 41.08 13.35 3.59
N GLN H 192 41.58 13.11 4.80
CA GLN H 192 42.87 13.63 5.25
C GLN H 192 43.71 12.55 5.89
N VAL H 193 45.01 12.82 6.01
CA VAL H 193 45.96 11.92 6.68
C VAL H 193 46.67 12.75 7.74
N GLN H 194 46.72 12.21 8.96
CA GLN H 194 47.13 12.95 10.14
CA GLN H 194 47.23 12.97 10.10
C GLN H 194 47.93 12.03 11.06
N HIS H 195 48.87 12.57 11.83
CA HIS H 195 49.63 11.81 12.81
C HIS H 195 49.17 12.18 14.22
N TYR H 196 49.33 11.25 15.16
CA TYR H 196 48.90 11.47 16.55
C TYR H 196 50.00 11.03 17.52
N SER H 197 50.05 11.68 18.69
CA SER H 197 51.14 11.49 19.66
C SER H 197 51.35 10.04 20.10
N CYS H 198 50.27 9.28 20.25
CA CYS H 198 50.35 7.89 20.70
C CYS H 198 51.25 7.03 19.83
N CYS H 199 51.24 7.32 18.53
CA CYS H 199 51.52 6.33 17.51
C CYS H 199 52.37 6.87 16.37
N PRO H 200 53.35 6.07 15.90
CA PRO H 200 54.10 6.45 14.69
C PRO H 200 53.29 6.40 13.38
N GLU H 201 52.27 5.54 13.34
CA GLU H 201 51.50 5.33 12.10
C GLU H 201 50.45 6.43 11.93
N PRO H 202 50.25 6.90 10.68
CA PRO H 202 49.19 7.90 10.44
C PRO H 202 47.79 7.29 10.52
N TYR H 203 46.82 8.12 10.88
CA TYR H 203 45.42 7.71 10.93
C TYR H 203 44.65 8.48 9.87
N ILE H 204 43.65 7.84 9.27
CA ILE H 204 42.88 8.46 8.20
C ILE H 204 41.60 9.08 8.78
N ASP H 205 41.21 10.23 8.23
CA ASP H 205 39.91 10.82 8.57
C ASP H 205 39.21 11.41 7.36
N VAL H 206 37.90 11.52 7.47
CA VAL H 206 37.10 12.33 6.56
C VAL H 206 36.62 13.57 7.32
N ASN H 207 37.08 14.73 6.87
CA ASN H 207 36.79 15.99 7.51
C ASN H 207 35.54 16.63 6.91
N LEU H 208 34.57 16.89 7.77
CA LEU H 208 33.30 17.49 7.38
C LEU H 208 33.35 18.99 7.71
N VAL H 209 33.31 19.84 6.68
CA VAL H 209 33.37 21.30 6.84
C VAL H 209 32.03 21.89 6.45
N VAL H 210 31.38 22.58 7.38
CA VAL H 210 30.04 23.12 7.17
C VAL H 210 30.01 24.63 7.34
N LYS H 211 29.50 25.33 6.32
CA LYS H 211 29.23 26.76 6.37
C LYS H 211 27.74 26.99 6.49
N PHE H 212 27.33 27.76 7.50
CA PHE H 212 25.91 27.94 7.79
C PHE H 212 25.63 29.29 8.44
N ARG H 213 24.37 29.70 8.41
CA ARG H 213 23.91 30.94 9.01
C ARG H 213 22.44 30.84 9.41
N GLU H 214 21.96 31.80 10.21
CA GLU H 214 20.55 31.86 10.60
C GLU H 214 19.70 32.25 9.40
N ARG H 215 18.49 31.66 9.28
CA ARG H 215 17.61 31.92 8.14
CA ARG H 215 17.61 31.93 8.13
C ARG H 215 17.06 33.35 8.13
N LEU I 8 -3.42 -24.17 36.22
CA LEU I 8 -2.34 -25.17 36.50
C LEU I 8 -2.02 -25.99 35.25
N HIS I 9 -3.05 -26.60 34.68
CA HIS I 9 -2.91 -27.36 33.43
C HIS I 9 -2.67 -26.42 32.25
N SER I 10 -3.51 -25.40 32.13
CA SER I 10 -3.38 -24.38 31.08
C SER I 10 -2.09 -23.58 31.20
N GLN I 11 -1.65 -23.38 32.44
CA GLN I 11 -0.35 -22.78 32.74
C GLN I 11 0.73 -23.58 32.00
N ALA I 12 0.66 -24.90 32.10
CA ALA I 12 1.61 -25.79 31.42
C ALA I 12 1.41 -25.79 29.89
N ASN I 13 0.17 -25.63 29.45
CA ASN I 13 -0.13 -25.54 28.01
C ASN I 13 0.49 -24.31 27.36
N LEU I 14 0.52 -23.20 28.10
CA LEU I 14 1.07 -21.95 27.59
C LEU I 14 2.59 -21.96 27.55
N MET I 15 3.20 -22.64 28.53
CA MET I 15 4.66 -22.76 28.59
C MET I 15 5.19 -23.66 27.47
N ARG I 16 4.43 -24.70 27.14
CA ARG I 16 4.76 -25.58 26.04
C ARG I 16 4.62 -24.88 24.69
N LEU I 17 3.58 -24.07 24.54
CA LEU I 17 3.34 -23.33 23.28
C LEU I 17 4.48 -22.36 22.97
N LYS I 18 4.80 -21.52 23.95
CA LYS I 18 5.89 -20.54 23.82
C LYS I 18 7.23 -21.22 23.54
N SER I 19 7.49 -22.32 24.26
CA SER I 19 8.65 -23.15 23.99
C SER I 19 8.65 -23.53 22.51
N ASP I 20 7.60 -24.25 22.10
CA ASP I 20 7.46 -24.77 20.72
C ASP I 20 7.62 -23.69 19.67
N LEU I 21 7.06 -22.50 19.93
CA LEU I 21 7.11 -21.39 18.97
C LEU I 21 8.47 -20.70 18.95
N PHE I 22 8.94 -20.25 20.11
CA PHE I 22 10.16 -19.43 20.20
C PHE I 22 11.46 -20.20 20.02
N ASN I 23 11.39 -21.52 19.94
CA ASN I 23 12.54 -22.31 19.50
C ASN I 23 12.25 -23.10 18.22
N ARG I 24 11.51 -22.48 17.29
CA ARG I 24 11.43 -23.00 15.92
C ARG I 24 12.70 -22.59 15.15
N TYR I 28 12.65 -16.56 12.51
CA TYR I 28 12.13 -15.64 11.50
C TYR I 28 13.17 -14.59 11.14
N PRO I 29 13.69 -14.62 9.90
CA PRO I 29 14.79 -13.75 9.53
C PRO I 29 14.35 -12.37 9.04
N GLY I 30 13.12 -11.96 9.38
CA GLY I 30 12.56 -10.71 8.87
C GLY I 30 12.00 -10.84 7.46
N PRO I 31 11.25 -9.82 7.00
CA PRO I 31 10.62 -9.81 5.67
C PRO I 31 11.60 -9.77 4.49
N THR I 32 11.20 -10.38 3.39
CA THR I 32 11.94 -10.34 2.13
C THR I 32 10.99 -9.96 0.99
N LYS I 33 11.54 -9.79 -0.21
CA LYS I 33 10.74 -9.53 -1.39
C LYS I 33 9.87 -10.74 -1.71
N ASP I 34 10.33 -11.93 -1.33
CA ASP I 34 9.58 -13.16 -1.50
C ASP I 34 8.52 -13.37 -0.43
N ASP I 35 8.85 -13.03 0.82
CA ASP I 35 7.89 -13.12 1.94
CA ASP I 35 7.92 -13.13 1.94
C ASP I 35 7.70 -11.74 2.56
N PRO I 36 6.99 -10.85 1.84
CA PRO I 36 6.77 -9.50 2.35
C PRO I 36 5.78 -9.42 3.52
N LEU I 37 5.69 -8.24 4.11
CA LEU I 37 4.95 -8.05 5.36
C LEU I 37 4.22 -6.71 5.37
N THR I 38 2.99 -6.71 5.88
CA THR I 38 2.20 -5.50 6.00
C THR I 38 2.07 -5.11 7.48
N VAL I 39 2.48 -3.89 7.80
CA VAL I 39 2.30 -3.34 9.14
C VAL I 39 1.26 -2.24 9.10
N THR I 40 0.22 -2.38 9.91
CA THR I 40 -0.81 -1.36 10.03
C THR I 40 -0.50 -0.46 11.25
N LEU I 41 -0.55 0.85 11.03
CA LEU I 41 -0.21 1.84 12.04
C LEU I 41 -1.36 2.79 12.33
N GLY I 42 -1.46 3.21 13.57
CA GLY I 42 -2.38 4.27 13.97
C GLY I 42 -1.80 4.99 15.16
N PHE I 43 -2.04 6.29 15.23
CA PHE I 43 -1.52 7.11 16.30
C PHE I 43 -2.65 7.69 17.14
N THR I 44 -2.42 7.66 18.46
CA THR I 44 -3.24 8.37 19.42
C THR I 44 -2.36 9.42 20.07
N LEU I 45 -2.58 10.68 19.71
CA LEU I 45 -1.79 11.80 20.23
C LEU I 45 -2.33 12.24 21.59
N GLN I 46 -1.49 12.15 22.62
CA GLN I 46 -1.90 12.55 23.98
C GLN I 46 -1.54 13.98 24.33
N ASP I 47 -0.41 14.46 23.81
CA ASP I 47 0.08 15.78 24.16
C ASP I 47 1.14 16.30 23.20
N ILE I 48 1.04 17.58 22.87
CA ILE I 48 2.19 18.38 22.49
C ILE I 48 2.72 19.01 23.79
N VAL I 49 3.87 18.53 24.24
CA VAL I 49 4.42 18.92 25.54
C VAL I 49 5.16 20.25 25.48
N LYS I 50 5.90 20.49 24.40
CA LYS I 50 6.83 21.61 24.30
C LYS I 50 7.12 21.95 22.83
N ALA I 51 7.11 23.24 22.50
CA ALA I 51 7.57 23.74 21.20
C ALA I 51 8.73 24.72 21.38
N ASP I 52 9.90 24.37 20.84
CA ASP I 52 11.10 25.18 21.04
C ASP I 52 11.46 25.93 19.75
N SER I 53 11.20 27.22 19.74
CA SER I 53 11.45 28.07 18.58
C SER I 53 12.90 28.54 18.45
N SER I 54 13.72 28.25 19.46
CA SER I 54 15.16 28.55 19.40
C SER I 54 15.93 27.42 18.70
N THR I 55 15.34 26.23 18.66
CA THR I 55 15.94 25.08 17.96
C THR I 55 15.04 24.47 16.90
N ASN I 56 13.79 24.93 16.82
CA ASN I 56 12.77 24.31 15.97
C ASN I 56 12.65 22.80 16.21
N GLU I 57 12.35 22.47 17.45
CA GLU I 57 12.08 21.11 17.90
C GLU I 57 10.76 21.13 18.64
N VAL I 58 9.90 20.17 18.34
CA VAL I 58 8.65 20.01 19.08
C VAL I 58 8.62 18.61 19.68
N ASP I 59 8.10 18.50 20.90
CA ASP I 59 8.01 17.23 21.61
C ASP I 59 6.57 16.77 21.69
N LEU I 60 6.31 15.53 21.27
CA LEU I 60 4.98 14.93 21.35
C LEU I 60 4.99 13.74 22.28
N VAL I 61 3.87 13.53 22.96
CA VAL I 61 3.58 12.25 23.60
C VAL I 61 2.39 11.60 22.88
N TYR I 62 2.58 10.36 22.46
CA TYR I 62 1.56 9.61 21.73
C TYR I 62 1.76 8.13 21.99
N TYR I 63 0.73 7.32 21.70
CA TYR I 63 0.97 5.90 21.52
C TYR I 63 0.64 5.44 20.08
N GLU I 64 1.39 4.41 19.66
CA GLU I 64 1.43 3.95 18.28
C GLU I 64 1.03 2.47 18.18
N GLN I 65 -0.18 2.22 17.68
CA GLN I 65 -0.67 0.86 17.49
C GLN I 65 -0.06 0.24 16.23
N GLN I 66 0.67 -0.86 16.41
CA GLN I 66 1.30 -1.59 15.33
C GLN I 66 0.66 -2.97 15.23
N ARG I 67 0.30 -3.38 14.01
CA ARG I 67 -0.26 -4.71 13.75
CA ARG I 67 -0.25 -4.71 13.75
C ARG I 67 0.43 -5.36 12.55
N TRP I 68 0.75 -6.65 12.69
CA TRP I 68 1.31 -7.43 11.60
C TRP I 68 0.98 -8.91 11.82
N LYS I 69 1.31 -9.76 10.87
CA LYS I 69 0.96 -11.18 10.93
C LYS I 69 2.05 -12.06 10.33
N LEU I 70 2.50 -13.04 11.12
CA LEU I 70 3.48 -14.04 10.67
C LEU I 70 2.88 -15.43 10.68
N ASN I 71 3.05 -16.16 9.58
CA ASN I 71 2.66 -17.57 9.52
C ASN I 71 3.48 -18.42 10.49
N SER I 72 4.69 -17.96 10.80
CA SER I 72 5.56 -18.65 11.76
C SER I 72 5.07 -18.56 13.21
N LEU I 73 4.06 -17.71 13.47
CA LEU I 73 3.45 -17.60 14.80
C LEU I 73 2.05 -18.20 14.88
N MET I 74 1.68 -19.01 13.89
CA MET I 74 0.37 -19.64 13.88
C MET I 74 0.38 -20.92 14.72
N TRP I 75 -0.75 -21.21 15.34
CA TRP I 75 -0.95 -22.49 16.00
C TRP I 75 -2.43 -22.82 16.07
N ASP I 76 -2.72 -24.07 16.38
CA ASP I 76 -4.09 -24.56 16.52
C ASP I 76 -4.43 -24.63 18.01
N PRO I 77 -5.39 -23.78 18.47
CA PRO I 77 -5.81 -23.74 19.87
C PRO I 77 -6.20 -25.10 20.45
N ASN I 78 -6.72 -26.00 19.62
CA ASN I 78 -7.12 -27.33 20.06
C ASN I 78 -5.93 -28.22 20.46
N GLU I 79 -4.77 -27.96 19.87
CA GLU I 79 -3.54 -28.65 20.25
C GLU I 79 -2.90 -28.06 21.50
N TYR I 80 -3.36 -26.88 21.92
CA TYR I 80 -2.81 -26.19 23.09
C TYR I 80 -3.89 -25.72 24.07
N GLY I 81 -4.86 -26.58 24.36
CA GLY I 81 -5.85 -26.34 25.41
C GLY I 81 -6.79 -25.15 25.21
N ASN I 82 -7.15 -24.89 23.95
CA ASN I 82 -7.99 -23.75 23.57
C ASN I 82 -7.41 -22.35 23.85
N ILE I 83 -6.09 -22.27 24.01
CA ILE I 83 -5.42 -20.97 24.12
C ILE I 83 -5.46 -20.29 22.75
N THR I 84 -6.02 -19.09 22.69
CA THR I 84 -6.15 -18.36 21.43
C THR I 84 -5.10 -17.26 21.28
N ASP I 85 -4.46 -16.88 22.38
CA ASP I 85 -3.47 -15.81 22.36
C ASP I 85 -2.61 -15.79 23.62
N PHE I 86 -1.57 -14.96 23.61
CA PHE I 86 -0.73 -14.78 24.79
C PHE I 86 0.09 -13.49 24.78
N ARG I 87 0.39 -12.99 25.97
CA ARG I 87 1.29 -11.87 26.16
C ARG I 87 2.74 -12.35 26.09
N THR I 88 3.58 -11.59 25.42
CA THR I 88 5.01 -11.89 25.35
C THR I 88 5.82 -10.60 25.31
N SER I 89 7.01 -10.65 25.90
CA SER I 89 7.97 -9.55 25.77
C SER I 89 8.20 -9.29 24.29
N ALA I 90 8.31 -8.01 23.93
CA ALA I 90 8.59 -7.63 22.55
C ALA I 90 9.97 -8.11 22.08
N ALA I 91 10.87 -8.36 23.03
CA ALA I 91 12.20 -8.90 22.74
C ALA I 91 12.16 -10.37 22.37
N ASP I 92 11.11 -11.07 22.81
CA ASP I 92 10.95 -12.49 22.50
C ASP I 92 10.42 -12.77 21.08
N ILE I 93 9.97 -11.72 20.38
CA ILE I 93 9.50 -11.84 19.01
C ILE I 93 10.15 -10.81 18.11
N TRP I 94 9.99 -11.00 16.80
CA TRP I 94 10.43 -10.05 15.80
C TRP I 94 9.47 -8.87 15.82
N THR I 95 10.01 -7.66 15.77
CA THR I 95 9.21 -6.43 15.68
C THR I 95 9.72 -5.58 14.51
N PRO I 96 8.81 -4.81 13.89
CA PRO I 96 9.19 -3.96 12.76
C PRO I 96 9.98 -2.70 13.18
N ASP I 97 10.90 -2.28 12.32
CA ASP I 97 11.79 -1.15 12.64
C ASP I 97 11.18 0.18 12.25
N ILE I 98 9.95 0.43 12.71
CA ILE I 98 9.25 1.65 12.38
C ILE I 98 9.88 2.82 13.14
N THR I 99 10.36 3.79 12.38
CA THR I 99 11.20 4.87 12.88
C THR I 99 10.64 6.20 12.38
N ALA I 100 10.63 7.21 13.25
CA ALA I 100 10.31 8.59 12.83
C ALA I 100 11.50 9.17 12.08
N TYR I 101 11.23 9.69 10.88
CA TYR I 101 12.26 10.17 9.97
C TYR I 101 13.02 11.40 10.49
N SER I 102 12.30 12.32 11.13
CA SER I 102 12.88 13.61 11.52
C SER I 102 13.06 13.78 13.03
N SER I 103 13.34 12.67 13.74
CA SER I 103 13.61 12.77 15.17
C SER I 103 14.93 13.49 15.41
N THR I 104 14.99 14.21 16.52
CA THR I 104 16.19 14.95 16.92
C THR I 104 16.82 14.41 18.22
N ARG I 105 16.05 13.60 18.95
CA ARG I 105 16.53 12.88 20.14
CA ARG I 105 16.55 12.88 20.14
C ARG I 105 16.13 11.41 20.02
N PRO I 106 16.85 10.50 20.69
CA PRO I 106 16.33 9.14 20.77
C PRO I 106 14.93 9.07 21.38
N VAL I 107 14.10 8.18 20.85
CA VAL I 107 12.74 8.00 21.34
C VAL I 107 12.76 7.42 22.74
N GLN I 108 11.96 8.04 23.62
CA GLN I 108 11.86 7.63 25.02
C GLN I 108 10.60 6.80 25.20
N VAL I 109 10.80 5.55 25.62
CA VAL I 109 9.70 4.60 25.75
C VAL I 109 8.97 4.78 27.07
N LEU I 110 7.66 4.98 27.00
CA LEU I 110 6.85 5.29 28.19
C LEU I 110 6.00 4.11 28.69
N SER I 111 5.95 3.01 27.92
CA SER I 111 5.12 1.87 28.27
C SER I 111 5.92 0.56 28.31
N PRO I 112 5.38 -0.48 28.96
CA PRO I 112 5.98 -1.80 28.93
C PRO I 112 6.09 -2.38 27.52
N GLN I 113 7.24 -3.00 27.26
CA GLN I 113 7.52 -3.57 25.95
CA GLN I 113 7.53 -3.56 25.95
C GLN I 113 7.01 -5.00 25.89
N ILE I 114 5.68 -5.10 25.83
CA ILE I 114 4.97 -6.37 25.80
C ILE I 114 3.99 -6.33 24.62
N ALA I 115 4.05 -7.37 23.80
CA ALA I 115 3.12 -7.56 22.69
C ALA I 115 2.16 -8.70 23.01
N VAL I 116 1.14 -8.83 22.17
CA VAL I 116 0.18 -9.92 22.24
C VAL I 116 0.14 -10.67 20.90
N VAL I 117 0.42 -11.98 20.95
CA VAL I 117 0.37 -12.85 19.78
C VAL I 117 -0.93 -13.68 19.80
N THR I 118 -1.66 -13.66 18.69
CA THR I 118 -2.90 -14.43 18.51
C THR I 118 -2.61 -15.68 17.66
N HIS I 119 -3.45 -16.71 17.84
CA HIS I 119 -3.26 -18.05 17.23
C HIS I 119 -3.20 -18.08 15.68
N ASP I 120 -3.78 -17.07 15.05
CA ASP I 120 -3.69 -16.91 13.61
C ASP I 120 -2.36 -16.27 13.18
N GLY I 121 -1.47 -16.01 14.14
CA GLY I 121 -0.16 -15.44 13.83
C GLY I 121 -0.11 -13.92 13.83
N SER I 122 -1.24 -13.26 14.06
CA SER I 122 -1.26 -11.79 14.16
C SER I 122 -0.66 -11.32 15.49
N VAL I 123 0.01 -10.17 15.43
CA VAL I 123 0.65 -9.55 16.59
C VAL I 123 0.13 -8.12 16.72
N MET I 124 -0.11 -7.67 17.94
CA MET I 124 -0.34 -6.26 18.21
C MET I 124 0.60 -5.75 19.31
N PHE I 125 1.15 -4.57 19.06
CA PHE I 125 2.09 -3.91 19.94
C PHE I 125 1.76 -2.42 19.94
N ILE I 126 1.64 -1.82 21.12
CA ILE I 126 1.18 -0.42 21.22
C ILE I 126 2.07 0.39 22.17
N PRO I 127 3.30 0.73 21.73
CA PRO I 127 4.20 1.53 22.55
C PRO I 127 3.78 3.00 22.67
N ALA I 128 3.77 3.50 23.90
CA ALA I 128 3.70 4.95 24.18
C ALA I 128 5.11 5.53 24.13
N GLN I 129 5.25 6.71 23.53
CA GLN I 129 6.56 7.30 23.24
C GLN I 129 6.57 8.81 23.45
N ARG I 130 7.69 9.34 23.94
CA ARG I 130 7.98 10.79 23.82
C ARG I 130 8.99 10.98 22.70
N LEU I 131 8.63 11.83 21.74
CA LEU I 131 9.43 12.10 20.55
C LEU I 131 9.71 13.59 20.40
N SER I 132 10.99 13.96 20.28
CA SER I 132 11.37 15.28 19.77
C SER I 132 11.66 15.16 18.27
N PHE I 133 11.05 16.02 17.48
CA PHE I 133 11.21 16.00 16.03
C PHE I 133 11.33 17.42 15.47
N MET I 134 11.75 17.52 14.21
CA MET I 134 12.05 18.82 13.60
C MET I 134 10.76 19.52 13.24
N CYS I 135 10.56 20.70 13.83
CA CYS I 135 9.33 21.45 13.66
C CYS I 135 9.53 22.93 13.94
N ASP I 136 9.22 23.78 12.96
CA ASP I 136 9.21 25.23 13.14
C ASP I 136 7.83 25.67 13.68
N PRO I 137 7.75 26.05 14.96
CA PRO I 137 6.46 26.37 15.55
C PRO I 137 5.95 27.78 15.25
N THR I 138 6.59 28.49 14.32
CA THR I 138 6.14 29.82 13.91
C THR I 138 4.64 29.82 13.62
N GLY I 139 3.93 30.83 14.13
CA GLY I 139 2.49 30.95 13.95
C GLY I 139 1.65 30.39 15.09
N VAL I 140 2.28 29.63 15.99
CA VAL I 140 1.56 28.98 17.10
C VAL I 140 0.82 30.00 18.00
N ASP I 141 1.35 31.22 18.09
CA ASP I 141 0.67 32.29 18.83
C ASP I 141 -0.32 33.10 17.97
N SER I 142 -0.81 32.48 16.90
CA SER I 142 -1.82 33.09 16.04
C SER I 142 -3.00 32.12 15.87
N GLU I 143 -4.11 32.65 15.36
CA GLU I 143 -5.35 31.88 15.21
C GLU I 143 -5.24 30.77 14.17
N GLU I 144 -4.34 30.93 13.20
CA GLU I 144 -4.11 29.90 12.18
C GLU I 144 -3.18 28.83 12.71
N GLY I 145 -2.41 29.15 13.74
CA GLY I 145 -1.56 28.18 14.43
C GLY I 145 -0.32 27.79 13.65
N ALA I 146 0.41 26.82 14.20
CA ALA I 146 1.58 26.25 13.54
C ALA I 146 1.19 24.95 12.85
N THR I 147 2.03 24.50 11.93
CA THR I 147 1.81 23.23 11.22
C THR I 147 3.13 22.49 11.15
N CYS I 148 3.09 21.20 11.49
CA CYS I 148 4.27 20.36 11.43
C CYS I 148 3.94 18.95 11.03
N ALA I 149 4.97 18.23 10.57
CA ALA I 149 4.82 16.91 10.03
C ALA I 149 6.02 16.06 10.40
N VAL I 150 5.78 14.77 10.62
CA VAL I 150 6.83 13.79 10.84
C VAL I 150 6.35 12.47 10.27
N LYS I 151 7.19 11.84 9.46
CA LYS I 151 6.80 10.60 8.78
C LYS I 151 7.50 9.41 9.41
N PHE I 152 6.78 8.29 9.45
CA PHE I 152 7.23 7.07 10.10
C PHE I 152 7.29 5.95 9.07
N GLY I 153 8.31 5.12 9.17
CA GLY I 153 8.45 3.99 8.26
C GLY I 153 9.58 3.08 8.66
N SER I 154 9.68 1.95 7.98
CA SER I 154 10.79 1.03 8.17
C SER I 154 12.07 1.74 7.76
N TRP I 155 13.10 1.62 8.59
CA TRP I 155 14.41 2.19 8.26
C TRP I 155 15.08 1.42 7.11
N VAL I 156 15.00 0.09 7.13
CA VAL I 156 15.75 -0.72 6.16
C VAL I 156 14.91 -1.56 5.17
N TYR I 157 13.58 -1.51 5.25
CA TYR I 157 12.75 -2.30 4.33
C TYR I 157 11.90 -1.42 3.40
N SER I 158 12.05 -1.64 2.10
CA SER I 158 11.32 -0.88 1.09
C SER I 158 9.89 -1.37 0.96
N GLY I 159 9.11 -0.70 0.13
CA GLY I 159 7.72 -1.11 -0.15
C GLY I 159 7.57 -2.51 -0.72
N PHE I 160 8.65 -3.07 -1.26
CA PHE I 160 8.68 -4.46 -1.71
C PHE I 160 8.83 -5.49 -0.58
N GLU I 161 9.18 -5.03 0.62
CA GLU I 161 9.42 -5.93 1.77
C GLU I 161 8.48 -5.64 2.94
N ILE I 162 8.31 -4.36 3.25
CA ILE I 162 7.33 -3.93 4.22
C ILE I 162 6.42 -2.89 3.59
N ASP I 163 5.12 -3.17 3.62
CA ASP I 163 4.10 -2.22 3.23
C ASP I 163 3.49 -1.65 4.50
N LEU I 164 3.00 -0.43 4.43
CA LEU I 164 2.28 0.18 5.53
C LEU I 164 0.83 0.44 5.16
N LYS I 165 -0.06 0.32 6.13
CA LYS I 165 -1.48 0.60 5.95
C LYS I 165 -2.03 1.35 7.16
N THR I 166 -3.13 2.05 6.97
CA THR I 166 -3.88 2.63 8.08
C THR I 166 -5.35 2.25 7.97
N ASP I 167 -6.05 2.19 9.09
CA ASP I 167 -7.51 2.00 9.08
C ASP I 167 -8.24 3.33 8.94
N THR I 168 -7.55 4.41 9.31
CA THR I 168 -8.11 5.74 9.17
C THR I 168 -6.99 6.76 8.94
N ASP I 169 -7.34 7.89 8.35
CA ASP I 169 -6.39 8.98 8.15
C ASP I 169 -6.50 10.04 9.25
N GLN I 170 -7.42 9.82 10.19
CA GLN I 170 -7.60 10.70 11.35
C GLN I 170 -6.83 10.15 12.54
N VAL I 171 -5.92 10.96 13.07
CA VAL I 171 -5.22 10.65 14.32
C VAL I 171 -6.25 10.68 15.44
N ASP I 172 -6.15 9.70 16.35
CA ASP I 172 -7.10 9.59 17.46
C ASP I 172 -6.77 10.68 18.48
N LEU I 173 -7.70 11.61 18.65
CA LEU I 173 -7.52 12.73 19.56
C LEU I 173 -8.40 12.60 20.80
N SER I 174 -9.07 11.46 20.97
CA SER I 174 -9.97 11.24 22.10
C SER I 174 -9.24 11.18 23.47
N SER I 175 -7.93 10.97 23.45
CA SER I 175 -7.09 11.00 24.65
C SER I 175 -6.18 12.23 24.74
N TYR I 176 -6.39 13.23 23.88
CA TYR I 176 -5.51 14.40 23.90
C TYR I 176 -5.72 15.18 25.18
N TYR I 177 -4.64 15.57 25.84
CA TYR I 177 -4.69 16.25 27.13
C TYR I 177 -5.49 17.55 27.03
N ALA I 178 -6.57 17.64 27.80
CA ALA I 178 -7.53 18.75 27.68
C ALA I 178 -6.98 20.08 28.19
N SER I 179 -5.91 20.04 28.97
CA SER I 179 -5.29 21.25 29.49
C SER I 179 -3.84 21.39 29.04
N SER I 180 -3.56 20.93 27.82
CA SER I 180 -2.25 21.11 27.21
C SER I 180 -2.00 22.60 26.96
N LYS I 181 -0.73 22.97 26.85
CA LYS I 181 -0.39 24.33 26.43
C LYS I 181 -0.80 24.57 25.00
N TYR I 182 -0.88 23.49 24.22
CA TYR I 182 -1.18 23.56 22.79
C TYR I 182 -2.45 22.80 22.42
N GLU I 183 -3.34 23.53 21.77
CA GLU I 183 -4.64 23.04 21.33
C GLU I 183 -4.51 22.51 19.91
N ILE I 184 -5.14 21.38 19.63
CA ILE I 184 -5.02 20.73 18.33
C ILE I 184 -6.11 21.22 17.38
N LEU I 185 -5.70 21.84 16.27
CA LEU I 185 -6.63 22.25 15.23
C LEU I 185 -6.96 21.08 14.31
N SER I 186 -5.97 20.28 13.97
CA SER I 186 -6.19 19.04 13.23
C SER I 186 -4.96 18.14 13.31
N ALA I 187 -5.20 16.84 13.12
CA ALA I 187 -4.16 15.84 13.18
C ALA I 187 -4.53 14.68 12.24
N THR I 188 -3.72 14.47 11.21
CA THR I 188 -3.96 13.41 10.23
C THR I 188 -2.77 12.47 10.10
N GLN I 189 -3.04 11.28 9.59
CA GLN I 189 -2.02 10.26 9.36
C GLN I 189 -2.25 9.70 7.97
N THR I 190 -1.28 9.89 7.08
CA THR I 190 -1.47 9.62 5.66
C THR I 190 -0.32 8.79 5.08
N ARG I 191 -0.68 7.69 4.41
CA ARG I 191 0.27 6.82 3.76
C ARG I 191 0.87 7.48 2.52
N GLN I 192 2.20 7.38 2.38
CA GLN I 192 2.93 7.96 1.26
C GLN I 192 3.97 6.98 0.75
N VAL I 193 4.39 7.20 -0.49
CA VAL I 193 5.37 6.38 -1.19
C VAL I 193 6.40 7.35 -1.74
N GLN I 194 7.65 7.22 -1.30
CA GLN I 194 8.70 8.16 -1.69
C GLN I 194 10.02 7.46 -1.96
N HIS I 195 10.89 8.12 -2.71
CA HIS I 195 12.24 7.64 -2.99
C HIS I 195 13.26 8.22 -2.01
N TYR I 196 14.32 7.46 -1.76
CA TYR I 196 15.41 7.90 -0.88
C TYR I 196 16.75 7.67 -1.61
N SER I 197 17.68 8.59 -1.40
CA SER I 197 18.98 8.59 -2.10
C SER I 197 19.70 7.24 -2.15
N CYS I 198 19.66 6.51 -1.04
CA CYS I 198 20.37 5.23 -0.88
C CYS I 198 20.01 4.19 -1.91
N CYS I 199 18.74 4.19 -2.33
CA CYS I 199 18.09 2.98 -2.79
C CYS I 199 17.22 3.22 -4.02
N PRO I 200 17.18 2.27 -4.97
CA PRO I 200 16.30 2.39 -6.14
C PRO I 200 14.81 2.26 -5.84
N GLU I 201 14.48 1.41 -4.86
CA GLU I 201 13.08 1.04 -4.60
C GLU I 201 12.45 1.97 -3.54
N PRO I 202 11.20 2.40 -3.77
CA PRO I 202 10.58 3.34 -2.84
C PRO I 202 10.19 2.72 -1.48
N TYR I 203 10.14 3.57 -0.47
CA TYR I 203 9.81 3.18 0.89
C TYR I 203 8.44 3.75 1.23
N ILE I 204 7.71 3.03 2.08
CA ILE I 204 6.39 3.48 2.51
C ILE I 204 6.52 4.25 3.83
N ASP I 205 5.74 5.31 3.96
CA ASP I 205 5.66 6.02 5.22
C ASP I 205 4.23 6.37 5.57
N VAL I 206 4.02 6.61 6.86
CA VAL I 206 2.79 7.23 7.36
C VAL I 206 3.17 8.61 7.89
N ASN I 207 2.60 9.64 7.25
CA ASN I 207 2.90 11.02 7.57
C ASN I 207 1.90 11.60 8.55
N LEU I 208 2.42 11.99 9.71
CA LEU I 208 1.63 12.59 10.76
C LEU I 208 1.74 14.10 10.63
N VAL I 209 0.65 14.76 10.25
CA VAL I 209 0.62 16.21 10.08
C VAL I 209 -0.25 16.81 11.18
N VAL I 210 0.36 17.58 12.08
CA VAL I 210 -0.35 18.23 13.18
C VAL I 210 -0.42 19.75 12.97
N LYS I 211 -1.64 20.29 13.04
CA LYS I 211 -1.84 21.74 13.08
C LYS I 211 -2.25 22.08 14.51
N PHE I 212 -1.65 23.13 15.06
CA PHE I 212 -1.82 23.43 16.49
C PHE I 212 -1.50 24.89 16.85
N ARG I 213 -2.06 25.34 17.95
CA ARG I 213 -1.81 26.69 18.46
C ARG I 213 -1.81 26.72 19.98
N GLU I 214 -1.36 27.83 20.55
CA GLU I 214 -1.33 28.00 22.00
C GLU I 214 -2.76 27.98 22.55
N ARG I 215 -3.01 27.10 23.52
CA ARG I 215 -4.31 27.03 24.16
CA ARG I 215 -4.30 27.01 24.20
C ARG I 215 -4.66 28.40 24.71
N ARG I 216 -5.64 29.03 24.08
CA ARG I 216 -5.91 30.45 24.26
C ARG I 216 -6.51 30.78 25.63
N SER J 10 19.93 -22.79 58.40
CA SER J 10 18.81 -21.91 57.93
C SER J 10 19.13 -21.22 56.59
N GLN J 11 20.41 -20.98 56.33
CA GLN J 11 20.85 -20.50 55.02
C GLN J 11 20.61 -21.55 53.94
N ALA J 12 20.96 -22.80 54.24
CA ALA J 12 20.76 -23.91 53.30
C ALA J 12 19.28 -24.17 53.06
N ASN J 13 18.46 -24.02 54.11
CA ASN J 13 17.01 -24.13 54.00
C ASN J 13 16.43 -23.09 53.05
N LEU J 14 16.93 -21.86 53.15
CA LEU J 14 16.44 -20.76 52.30
C LEU J 14 16.93 -20.91 50.87
N MET J 15 18.21 -21.23 50.70
CA MET J 15 18.77 -21.48 49.37
C MET J 15 18.10 -22.68 48.67
N ARG J 16 17.71 -23.68 49.45
CA ARG J 16 16.94 -24.81 48.91
C ARG J 16 15.56 -24.35 48.44
N LEU J 17 14.89 -23.53 49.27
CA LEU J 17 13.55 -23.03 48.97
C LEU J 17 13.50 -22.24 47.66
N LYS J 18 14.38 -21.24 47.55
CA LYS J 18 14.39 -20.33 46.40
C LYS J 18 14.68 -21.07 45.10
N SER J 19 15.69 -21.94 45.12
CA SER J 19 15.99 -22.78 43.96
C SER J 19 14.83 -23.71 43.64
N ASP J 20 14.24 -24.33 44.66
CA ASP J 20 13.07 -25.20 44.48
C ASP J 20 11.89 -24.46 43.86
N LEU J 21 11.75 -23.17 44.17
CA LEU J 21 10.66 -22.35 43.63
C LEU J 21 10.92 -21.79 42.23
N PHE J 22 12.12 -21.24 42.02
CA PHE J 22 12.45 -20.56 40.75
C PHE J 22 12.82 -21.55 39.65
N ASN J 23 13.40 -22.68 40.05
CA ASN J 23 13.60 -23.80 39.13
C ASN J 23 12.46 -24.83 39.27
N ARG J 24 11.22 -24.34 39.38
CA ARG J 24 10.03 -25.21 39.53
C ARG J 24 9.22 -25.25 38.23
N TYR J 28 5.11 -19.45 36.05
CA TYR J 28 4.04 -18.47 35.86
C TYR J 28 4.33 -17.58 34.64
N PRO J 29 3.48 -17.67 33.60
CA PRO J 29 3.63 -16.84 32.42
C PRO J 29 2.79 -15.56 32.47
N GLY J 30 2.48 -15.09 33.66
CA GLY J 30 1.55 -13.96 33.83
C GLY J 30 0.11 -14.43 33.86
N PRO J 31 -0.83 -13.52 34.14
CA PRO J 31 -2.23 -13.88 34.23
C PRO J 31 -2.89 -14.12 32.87
N THR J 32 -3.91 -14.96 32.87
CA THR J 32 -4.75 -15.21 31.69
C THR J 32 -6.24 -15.00 32.06
N LYS J 33 -7.14 -15.14 31.09
CA LYS J 33 -8.58 -15.07 31.35
C LYS J 33 -9.04 -16.24 32.22
N ASP J 34 -8.36 -17.38 32.06
CA ASP J 34 -8.64 -18.57 32.86
C ASP J 34 -8.02 -18.53 34.25
N ASP J 35 -6.97 -17.73 34.40
CA ASP J 35 -6.22 -17.62 35.65
C ASP J 35 -5.90 -16.15 35.92
N PRO J 36 -6.94 -15.34 36.20
CA PRO J 36 -6.75 -13.91 36.42
C PRO J 36 -6.11 -13.58 37.76
N LEU J 37 -5.68 -12.33 37.91
CA LEU J 37 -4.95 -11.89 39.09
C LEU J 37 -5.46 -10.56 39.58
N THR J 38 -5.58 -10.40 40.90
CA THR J 38 -5.94 -9.13 41.49
C THR J 38 -4.68 -8.49 42.08
N VAL J 39 -4.44 -7.24 41.69
CA VAL J 39 -3.33 -6.47 42.22
C VAL J 39 -3.89 -5.35 43.08
N THR J 40 -3.44 -5.27 44.33
CA THR J 40 -3.85 -4.17 45.21
C THR J 40 -2.79 -3.07 45.11
N LEU J 41 -3.24 -1.83 44.91
CA LEU J 41 -2.37 -0.67 44.76
C LEU J 41 -2.63 0.36 45.85
N GLY J 42 -1.57 0.97 46.35
CA GLY J 42 -1.67 2.12 47.26
C GLY J 42 -0.50 3.05 47.02
N PHE J 43 -0.76 4.36 47.02
CA PHE J 43 0.27 5.34 46.80
C PHE J 43 0.59 6.11 48.08
N THR J 44 1.88 6.41 48.24
CA THR J 44 2.38 7.26 49.30
C THR J 44 3.06 8.44 48.61
N LEU J 45 2.49 9.64 48.69
CA LEU J 45 3.07 10.81 48.03
C LEU J 45 4.15 11.44 48.91
N GLN J 46 5.39 11.50 48.40
CA GLN J 46 6.52 12.02 49.16
C GLN J 46 6.75 13.49 48.91
N ASP J 47 6.57 13.90 47.66
CA ASP J 47 6.88 15.28 47.28
C ASP J 47 6.32 15.62 45.90
N ILE J 48 5.78 16.82 45.78
CA ILE J 48 5.61 17.45 44.47
C ILE J 48 6.88 18.28 44.30
N VAL J 49 7.77 17.83 43.43
CA VAL J 49 9.09 18.46 43.29
C VAL J 49 9.01 19.71 42.43
N LYS J 50 8.30 19.63 41.31
CA LYS J 50 8.32 20.68 40.31
C LYS J 50 6.98 20.81 39.60
N ALA J 51 6.57 22.05 39.32
CA ALA J 51 5.38 22.32 38.50
C ALA J 51 5.76 23.29 37.38
N ASP J 52 5.66 22.81 36.13
CA ASP J 52 6.12 23.57 34.96
C ASP J 52 4.94 24.06 34.15
N SER J 53 4.67 25.35 34.25
CA SER J 53 3.55 25.98 33.57
C SER J 53 3.87 26.40 32.14
N SER J 54 5.11 26.18 31.70
CA SER J 54 5.47 26.44 30.30
C SER J 54 5.23 25.19 29.43
N THR J 55 5.19 24.03 30.07
CA THR J 55 4.92 22.76 29.39
C THR J 55 3.73 21.98 29.97
N ASN J 56 3.16 22.48 31.07
CA ASN J 56 2.14 21.76 31.85
C ASN J 56 2.54 20.31 32.14
N GLU J 57 3.65 20.20 32.87
CA GLU J 57 4.15 18.94 33.42
C GLU J 57 4.42 19.15 34.91
N VAL J 58 4.09 18.13 35.70
CA VAL J 58 4.38 18.16 37.13
C VAL J 58 5.14 16.89 37.48
N ASP J 59 6.11 17.02 38.38
CA ASP J 59 6.97 15.90 38.79
C ASP J 59 6.64 15.49 40.22
N LEU J 60 6.32 14.20 40.42
CA LEU J 60 6.02 13.65 41.74
C LEU J 60 7.07 12.64 42.14
N VAL J 61 7.38 12.58 43.44
CA VAL J 61 8.09 11.46 44.04
C VAL J 61 7.07 10.75 44.94
N TYR J 62 6.98 9.42 44.81
CA TYR J 62 5.97 8.62 45.52
C TYR J 62 6.41 7.16 45.60
N TYR J 63 5.78 6.37 46.49
CA TYR J 63 5.85 4.89 46.43
C TYR J 63 4.57 4.33 45.87
N GLU J 64 4.74 3.21 45.17
CA GLU J 64 3.61 2.44 44.70
C GLU J 64 3.66 1.09 45.40
N GLN J 65 2.87 0.93 46.46
CA GLN J 65 2.75 -0.37 47.13
C GLN J 65 1.90 -1.29 46.25
N GLN J 66 2.48 -2.43 45.89
CA GLN J 66 1.82 -3.44 45.08
C GLN J 66 1.78 -4.78 45.83
N ARG J 67 0.59 -5.39 45.86
CA ARG J 67 0.39 -6.70 46.48
CA ARG J 67 0.39 -6.69 46.49
C ARG J 67 -0.41 -7.59 45.55
N TRP J 68 0.06 -8.83 45.38
CA TRP J 68 -0.65 -9.85 44.60
C TRP J 68 -0.29 -11.22 45.19
N LYS J 69 -0.96 -12.28 44.71
CA LYS J 69 -0.75 -13.63 45.26
C LYS J 69 -0.76 -14.69 44.16
N LEU J 70 0.21 -15.60 44.23
CA LEU J 70 0.34 -16.70 43.27
C LEU J 70 0.40 -18.06 43.96
N ASN J 71 -0.39 -19.00 43.48
CA ASN J 71 -0.32 -20.38 43.98
C ASN J 71 1.02 -21.02 43.68
N SER J 72 1.66 -20.61 42.59
CA SER J 72 2.98 -21.12 42.20
C SER J 72 4.10 -20.71 43.18
N LEU J 73 3.86 -19.69 43.99
CA LEU J 73 4.85 -19.24 44.98
C LEU J 73 4.52 -19.70 46.41
N MET J 74 3.58 -20.62 46.56
CA MET J 74 3.23 -21.17 47.88
C MET J 74 4.21 -22.24 48.32
N TRP J 75 4.41 -22.34 49.64
CA TRP J 75 5.16 -23.45 50.22
C TRP J 75 4.74 -23.71 51.66
N ASP J 76 5.15 -24.87 52.18
CA ASP J 76 4.93 -25.24 53.57
C ASP J 76 6.18 -24.89 54.39
N PRO J 77 6.07 -23.92 55.31
CA PRO J 77 7.19 -23.53 56.17
C PRO J 77 7.90 -24.70 56.85
N ASN J 78 7.15 -25.70 57.31
CA ASN J 78 7.71 -26.87 57.98
C ASN J 78 8.66 -27.70 57.12
N GLU J 79 8.43 -27.72 55.81
CA GLU J 79 9.30 -28.44 54.87
C GLU J 79 10.61 -27.71 54.63
N TYR J 80 10.70 -26.44 55.05
CA TYR J 80 11.87 -25.59 54.77
C TYR J 80 12.36 -24.84 56.00
N GLY J 81 12.49 -25.54 57.11
CA GLY J 81 13.07 -24.98 58.34
C GLY J 81 12.27 -23.88 59.01
N ASN J 82 10.96 -23.91 58.85
CA ASN J 82 10.06 -22.94 59.45
C ASN J 82 10.29 -21.51 58.90
N ILE J 83 10.67 -21.42 57.63
CA ILE J 83 10.82 -20.15 56.91
C ILE J 83 9.43 -19.74 56.41
N THR J 84 9.04 -18.50 56.67
CA THR J 84 7.70 -18.03 56.33
C THR J 84 7.68 -16.96 55.23
N ASP J 85 8.83 -16.34 54.97
CA ASP J 85 8.95 -15.36 53.90
C ASP J 85 10.41 -15.22 53.43
N PHE J 86 10.61 -14.52 52.31
CA PHE J 86 11.95 -14.14 51.88
C PHE J 86 11.99 -12.88 51.01
N ARG J 87 13.15 -12.22 51.02
CA ARG J 87 13.45 -11.12 50.11
C ARG J 87 14.01 -11.70 48.82
N THR J 88 13.59 -11.14 47.69
CA THR J 88 14.09 -11.57 46.39
C THR J 88 14.06 -10.43 45.38
N SER J 89 15.06 -10.39 44.51
CA SER J 89 15.09 -9.46 43.40
C SER J 89 13.75 -9.46 42.67
N ALA J 90 13.25 -8.29 42.31
CA ALA J 90 12.02 -8.20 41.52
C ALA J 90 12.16 -8.90 40.16
N ALA J 91 13.39 -9.02 39.66
CA ALA J 91 13.68 -9.72 38.40
C ALA J 91 13.50 -11.23 38.49
N ASP J 92 13.64 -11.77 39.70
CA ASP J 92 13.53 -13.21 39.91
C ASP J 92 12.10 -13.72 39.81
N ILE J 93 11.14 -12.81 39.80
CA ILE J 93 9.71 -13.14 39.82
C ILE J 93 8.94 -12.33 38.80
N TRP J 94 7.71 -12.77 38.52
CA TRP J 94 6.79 -12.01 37.71
C TRP J 94 6.32 -10.81 38.53
N THR J 95 6.28 -9.64 37.90
CA THR J 95 5.72 -8.45 38.50
C THR J 95 4.75 -7.83 37.51
N PRO J 96 3.71 -7.15 38.03
CA PRO J 96 2.72 -6.52 37.16
C PRO J 96 3.24 -5.29 36.42
N ASP J 97 2.72 -5.07 35.22
CA ASP J 97 3.16 -4.00 34.35
C ASP J 97 2.35 -2.74 34.60
N ILE J 98 2.33 -2.29 35.85
CA ILE J 98 1.54 -1.13 36.25
C ILE J 98 2.21 0.14 35.74
N THR J 99 1.45 0.93 34.99
CA THR J 99 1.97 2.05 34.21
C THR J 99 1.07 3.27 34.39
N ALA J 100 1.67 4.46 34.42
CA ALA J 100 0.90 5.71 34.36
C ALA J 100 0.46 5.98 32.92
N TYR J 101 -0.78 6.42 32.75
CA TYR J 101 -1.36 6.65 31.43
C TYR J 101 -0.80 7.90 30.76
N SER J 102 -0.50 8.91 31.58
CA SER J 102 -0.19 10.25 31.09
C SER J 102 1.20 10.76 31.52
N SER J 103 2.17 9.84 31.61
CA SER J 103 3.55 10.26 31.82
C SER J 103 4.05 10.98 30.58
N THR J 104 5.04 11.85 30.78
CA THR J 104 5.68 12.58 29.68
C THR J 104 7.16 12.22 29.53
N ARG J 105 7.74 11.56 30.54
CA ARG J 105 9.08 11.00 30.46
CA ARG J 105 9.09 11.02 30.50
C ARG J 105 9.07 9.60 31.06
N PRO J 106 10.10 8.78 30.75
CA PRO J 106 10.17 7.51 31.46
C PRO J 106 10.32 7.69 32.97
N VAL J 107 9.64 6.84 33.72
CA VAL J 107 9.73 6.83 35.18
C VAL J 107 11.17 6.55 35.63
N GLN J 108 11.58 7.23 36.69
CA GLN J 108 12.90 7.04 37.26
C GLN J 108 12.75 6.31 38.60
N VAL J 109 13.45 5.20 38.73
CA VAL J 109 13.34 4.36 39.90
C VAL J 109 14.32 4.82 40.98
N LEU J 110 13.80 5.06 42.18
CA LEU J 110 14.57 5.64 43.28
C LEU J 110 14.94 4.64 44.39
N SER J 111 14.45 3.40 44.28
CA SER J 111 14.69 2.40 45.33
C SER J 111 15.13 1.07 44.74
N PRO J 112 15.76 0.22 45.57
CA PRO J 112 16.11 -1.14 45.17
C PRO J 112 14.89 -1.92 44.66
N GLN J 113 15.13 -2.74 43.64
CA GLN J 113 14.07 -3.56 43.06
CA GLN J 113 14.09 -3.56 43.04
C GLN J 113 14.08 -4.94 43.71
N ILE J 114 13.54 -4.98 44.91
CA ILE J 114 13.49 -6.19 45.73
C ILE J 114 12.09 -6.31 46.30
N ALA J 115 11.54 -7.52 46.23
CA ALA J 115 10.19 -7.81 46.73
C ALA J 115 10.27 -8.82 47.86
N VAL J 116 9.16 -8.97 48.58
CA VAL J 116 9.06 -9.98 49.64
C VAL J 116 7.95 -10.99 49.30
N VAL J 117 8.30 -12.26 49.27
CA VAL J 117 7.36 -13.35 49.02
C VAL J 117 7.09 -14.05 50.34
N THR J 118 5.80 -14.26 50.65
CA THR J 118 5.38 -14.98 51.86
C THR J 118 4.90 -16.40 51.49
N HIS J 119 4.87 -17.29 52.48
CA HIS J 119 4.59 -18.73 52.24
C HIS J 119 3.20 -19.05 51.66
N ASP J 120 2.24 -18.14 51.84
CA ASP J 120 0.90 -18.30 51.24
C ASP J 120 0.85 -17.86 49.76
N GLY J 121 2.02 -17.57 49.18
CA GLY J 121 2.13 -17.19 47.78
C GLY J 121 2.00 -15.70 47.51
N SER J 122 1.76 -14.92 48.57
CA SER J 122 1.56 -13.49 48.44
C SER J 122 2.89 -12.75 48.27
N VAL J 123 2.87 -11.69 47.49
CA VAL J 123 4.06 -10.90 47.19
C VAL J 123 3.77 -9.43 47.50
N MET J 124 4.74 -8.74 48.11
CA MET J 124 4.64 -7.29 48.23
C MET J 124 5.88 -6.59 47.65
N PHE J 125 5.63 -5.50 46.94
CA PHE J 125 6.67 -4.76 46.24
C PHE J 125 6.34 -3.27 46.35
N ILE J 126 7.29 -2.48 46.82
CA ILE J 126 7.06 -1.07 47.11
C ILE J 126 8.16 -0.18 46.51
N PRO J 127 8.16 0.00 45.18
CA PRO J 127 9.16 0.83 44.52
C PRO J 127 8.91 2.32 44.70
N ALA J 128 9.98 3.09 44.93
CA ALA J 128 9.91 4.56 44.90
C ALA J 128 10.27 5.02 43.50
N GLN J 129 9.54 6.03 43.03
CA GLN J 129 9.64 6.50 41.64
C GLN J 129 9.57 8.01 41.57
N ARG J 130 10.25 8.60 40.58
CA ARG J 130 9.93 9.96 40.14
C ARG J 130 9.17 9.89 38.81
N LEU J 131 8.07 10.65 38.71
CA LEU J 131 7.21 10.66 37.53
C LEU J 131 6.92 12.08 37.07
N SER J 132 7.14 12.36 35.78
CA SER J 132 6.62 13.56 35.13
C SER J 132 5.35 13.18 34.38
N PHE J 133 4.26 13.90 34.64
CA PHE J 133 2.99 13.59 34.02
C PHE J 133 2.29 14.89 33.62
N MET J 134 1.26 14.76 32.80
CA MET J 134 0.54 15.91 32.24
C MET J 134 -0.33 16.55 33.29
N CYS J 135 -0.06 17.83 33.56
CA CYS J 135 -0.70 18.56 34.64
C CYS J 135 -0.57 20.08 34.43
N ASP J 136 -1.71 20.75 34.35
CA ASP J 136 -1.76 22.21 34.27
C ASP J 136 -1.83 22.81 35.67
N PRO J 137 -0.72 23.41 36.15
CA PRO J 137 -0.66 23.94 37.51
C PRO J 137 -1.31 25.33 37.70
N THR J 138 -2.09 25.78 36.73
CA THR J 138 -2.74 27.09 36.84
C THR J 138 -3.56 27.18 38.13
N GLY J 139 -3.33 28.24 38.90
CA GLY J 139 -4.00 28.42 40.19
C GLY J 139 -3.26 27.85 41.39
N VAL J 140 -2.10 27.25 41.17
CA VAL J 140 -1.27 26.77 42.27
C VAL J 140 -0.85 27.94 43.17
N ASP J 141 -0.82 29.14 42.59
CA ASP J 141 -0.52 30.39 43.32
C ASP J 141 -1.77 31.07 43.88
N SER J 142 -2.79 30.27 44.22
CA SER J 142 -4.01 30.79 44.82
C SER J 142 -4.39 29.92 46.01
N GLU J 143 -5.36 30.39 46.79
CA GLU J 143 -5.87 29.63 47.94
C GLU J 143 -6.57 28.36 47.46
N GLU J 144 -7.21 28.48 46.30
CA GLU J 144 -7.90 27.35 45.65
C GLU J 144 -6.94 26.23 45.33
N GLY J 145 -5.78 26.59 44.78
CA GLY J 145 -4.77 25.62 44.37
C GLY J 145 -5.05 25.06 43.00
N ALA J 146 -4.18 24.16 42.54
CA ALA J 146 -4.36 23.47 41.27
C ALA J 146 -4.81 22.03 41.51
N THR J 147 -5.47 21.44 40.52
CA THR J 147 -5.89 20.04 40.59
C THR J 147 -5.37 19.28 39.39
N CYS J 148 -4.82 18.10 39.64
CA CYS J 148 -4.32 17.24 38.58
C CYS J 148 -4.59 15.79 38.90
N ALA J 149 -4.65 14.97 37.86
CA ALA J 149 -4.98 13.57 37.97
C ALA J 149 -4.11 12.76 37.04
N VAL J 150 -3.76 11.56 37.47
CA VAL J 150 -3.03 10.61 36.67
C VAL J 150 -3.47 9.19 37.08
N LYS J 151 -3.84 8.38 36.09
CA LYS J 151 -4.34 7.03 36.35
C LYS J 151 -3.26 6.00 36.05
N PHE J 152 -3.30 4.93 36.82
CA PHE J 152 -2.30 3.88 36.79
C PHE J 152 -2.99 2.55 36.50
N GLY J 153 -2.35 1.72 35.69
CA GLY J 153 -2.95 0.44 35.33
C GLY J 153 -2.03 -0.45 34.54
N SER J 154 -2.46 -1.68 34.33
CA SER J 154 -1.74 -2.58 33.48
C SER J 154 -1.81 -2.03 32.06
N TRP J 155 -0.67 -1.98 31.37
CA TRP J 155 -0.64 -1.51 30.00
C TRP J 155 -1.29 -2.54 29.09
N VAL J 156 -1.00 -3.82 29.28
CA VAL J 156 -1.41 -4.84 28.31
C VAL J 156 -2.47 -5.83 28.80
N TYR J 157 -2.78 -5.85 30.09
CA TYR J 157 -3.81 -6.78 30.61
C TYR J 157 -5.13 -6.07 30.90
N SER J 158 -6.21 -6.60 30.30
CA SER J 158 -7.55 -6.07 30.53
C SER J 158 -8.10 -6.51 31.89
N GLY J 159 -9.27 -5.98 32.23
CA GLY J 159 -10.00 -6.36 33.45
C GLY J 159 -10.36 -7.83 33.58
N PHE J 160 -10.33 -8.56 32.47
CA PHE J 160 -10.48 -10.01 32.48
C PHE J 160 -9.22 -10.75 32.96
N GLU J 161 -8.06 -10.10 32.89
CA GLU J 161 -6.78 -10.71 33.24
C GLU J 161 -6.22 -10.19 34.56
N ILE J 162 -6.19 -8.87 34.70
CA ILE J 162 -5.80 -8.23 35.95
C ILE J 162 -6.95 -7.36 36.47
N ASP J 163 -7.30 -7.56 37.74
CA ASP J 163 -8.18 -6.64 38.44
C ASP J 163 -7.35 -5.77 39.38
N LEU J 164 -7.76 -4.52 39.56
CA LEU J 164 -7.08 -3.62 40.48
C LEU J 164 -7.98 -3.34 41.66
N LYS J 165 -7.41 -3.25 42.85
CA LYS J 165 -8.15 -2.74 43.98
C LYS J 165 -7.28 -1.86 44.86
N THR J 166 -7.95 -1.06 45.67
CA THR J 166 -7.31 -0.24 46.69
C THR J 166 -7.85 -0.70 48.04
N ASP J 167 -7.06 -0.52 49.09
CA ASP J 167 -7.55 -0.74 50.46
C ASP J 167 -8.20 0.52 51.04
N THR J 168 -7.82 1.68 50.52
CA THR J 168 -8.40 2.95 50.94
C THR J 168 -8.40 3.90 49.76
N ASP J 169 -9.30 4.87 49.75
CA ASP J 169 -9.28 5.88 48.71
C ASP J 169 -8.41 7.09 49.07
N GLN J 170 -7.79 7.06 50.25
CA GLN J 170 -6.88 8.11 50.69
C GLN J 170 -5.45 7.74 50.37
N VAL J 171 -4.77 8.63 49.66
CA VAL J 171 -3.34 8.52 49.43
C VAL J 171 -2.63 8.78 50.76
N ASP J 172 -1.60 7.98 51.05
CA ASP J 172 -0.86 8.15 52.28
C ASP J 172 0.01 9.40 52.20
N LEU J 173 -0.28 10.37 53.06
CA LEU J 173 0.42 11.65 53.11
C LEU J 173 1.28 11.80 54.37
N SER J 174 1.43 10.73 55.14
CA SER J 174 2.11 10.80 56.44
C SER J 174 3.61 11.00 56.31
N SER J 175 4.11 10.83 55.10
CA SER J 175 5.53 10.93 54.82
C SER J 175 5.80 12.05 53.78
N TYR J 176 4.82 12.93 53.55
CA TYR J 176 4.99 14.03 52.59
C TYR J 176 5.98 15.07 53.12
N TYR J 177 6.89 15.50 52.26
CA TYR J 177 7.99 16.39 52.66
C TYR J 177 7.44 17.71 53.17
N ALA J 178 7.70 18.00 54.44
CA ALA J 178 7.08 19.14 55.12
C ALA J 178 7.56 20.52 54.63
N SER J 179 8.71 20.57 53.97
CA SER J 179 9.21 21.83 53.41
C SER J 179 9.22 21.83 51.87
N SER J 180 8.32 21.06 51.27
CA SER J 180 8.11 21.07 49.82
C SER J 180 7.68 22.46 49.37
N LYS J 181 7.91 22.80 48.11
CA LYS J 181 7.41 24.07 47.56
C LYS J 181 5.89 24.08 47.49
N TYR J 182 5.28 22.89 47.48
CA TYR J 182 3.83 22.74 47.34
C TYR J 182 3.26 21.94 48.50
N GLU J 183 2.22 22.47 49.13
CA GLU J 183 1.47 21.75 50.15
C GLU J 183 0.25 21.06 49.54
N ILE J 184 -0.06 19.87 50.05
CA ILE J 184 -1.16 19.04 49.57
C ILE J 184 -2.46 19.41 50.28
N LEU J 185 -3.46 19.77 49.49
CA LEU J 185 -4.80 20.06 50.02
C LEU J 185 -5.58 18.74 50.15
N SER J 186 -5.53 17.92 49.11
CA SER J 186 -6.06 16.55 49.17
C SER J 186 -5.40 15.62 48.17
N ALA J 187 -5.46 14.32 48.44
CA ALA J 187 -4.92 13.32 47.51
C ALA J 187 -5.70 12.01 47.67
N THR J 188 -6.38 11.61 46.60
CA THR J 188 -7.24 10.43 46.62
C THR J 188 -6.84 9.43 45.53
N GLN J 189 -7.14 8.16 45.77
CA GLN J 189 -6.85 7.07 44.82
C GLN J 189 -8.13 6.25 44.62
N THR J 190 -8.62 6.21 43.38
CA THR J 190 -9.94 5.66 43.08
C THR J 190 -9.89 4.70 41.89
N ARG J 191 -10.39 3.48 42.10
CA ARG J 191 -10.52 2.48 41.05
C ARG J 191 -11.56 2.90 40.00
N GLN J 192 -11.18 2.78 38.72
CA GLN J 192 -12.10 3.05 37.61
C GLN J 192 -12.05 1.93 36.55
N VAL J 193 -13.06 1.92 35.69
CA VAL J 193 -13.15 0.99 34.57
C VAL J 193 -13.40 1.80 33.32
N GLN J 194 -12.66 1.49 32.26
CA GLN J 194 -12.73 2.28 31.02
C GLN J 194 -12.42 1.44 29.79
N HIS J 195 -12.89 1.94 28.65
CA HIS J 195 -12.60 1.36 27.34
C HIS J 195 -11.47 2.09 26.64
N TYR J 196 -10.70 1.35 25.85
CA TYR J 196 -9.64 1.92 25.02
C TYR J 196 -9.78 1.41 23.57
N SER J 197 -9.32 2.20 22.61
CA SER J 197 -9.59 1.94 21.18
C SER J 197 -9.10 0.59 20.66
N CYS J 198 -7.95 0.15 21.17
CA CYS J 198 -7.31 -1.08 20.72
C CYS J 198 -8.18 -2.32 20.85
N CYS J 199 -9.08 -2.27 21.84
CA CYS J 199 -9.57 -3.47 22.49
C CYS J 199 -11.04 -3.35 22.87
N PRO J 200 -11.81 -4.46 22.71
CA PRO J 200 -13.18 -4.48 23.19
C PRO J 200 -13.30 -4.61 24.72
N GLU J 201 -12.35 -5.26 25.38
CA GLU J 201 -12.41 -5.50 26.82
C GLU J 201 -12.03 -4.24 27.60
N PRO J 202 -12.78 -3.90 28.66
CA PRO J 202 -12.39 -2.75 29.47
C PRO J 202 -11.17 -2.99 30.34
N TYR J 203 -10.46 -1.91 30.64
CA TYR J 203 -9.24 -1.96 31.44
C TYR J 203 -9.48 -1.25 32.78
N ILE J 204 -8.85 -1.77 33.82
CA ILE J 204 -8.97 -1.18 35.16
C ILE J 204 -7.81 -0.22 35.42
N ASP J 205 -8.14 0.88 36.11
CA ASP J 205 -7.13 1.81 36.60
C ASP J 205 -7.42 2.27 38.02
N VAL J 206 -6.37 2.71 38.72
CA VAL J 206 -6.52 3.50 39.95
C VAL J 206 -6.12 4.95 39.63
N ASN J 207 -7.09 5.84 39.75
CA ASN J 207 -6.91 7.25 39.41
C ASN J 207 -6.48 8.05 40.65
N LEU J 208 -5.30 8.63 40.57
CA LEU J 208 -4.73 9.44 41.63
C LEU J 208 -5.07 10.91 41.35
N VAL J 209 -5.88 11.52 42.22
CA VAL J 209 -6.27 12.95 42.09
C VAL J 209 -5.66 13.79 43.23
N VAL J 210 -4.81 14.76 42.86
CA VAL J 210 -4.06 15.56 43.82
C VAL J 210 -4.43 17.03 43.68
N LYS J 211 -4.80 17.66 44.80
CA LYS J 211 -5.03 19.10 44.83
C LYS J 211 -3.94 19.74 45.68
N PHE J 212 -3.29 20.75 45.13
CA PHE J 212 -2.10 21.32 45.74
C PHE J 212 -1.99 22.81 45.44
N ARG J 213 -1.20 23.51 46.26
CA ARG J 213 -0.90 24.92 46.04
C ARG J 213 0.49 25.24 46.59
N GLU J 214 0.98 26.43 46.26
CA GLU J 214 2.26 26.90 46.78
C GLU J 214 2.21 27.13 48.29
N ARG J 215 3.24 26.68 48.97
CA ARG J 215 3.37 26.79 50.43
CA ARG J 215 3.35 26.79 50.43
C ARG J 215 3.62 28.25 50.82
N ARG J 216 2.89 28.74 51.83
CA ARG J 216 3.10 30.07 52.41
C ARG J 216 2.93 30.04 53.92
O1 LOB K . -23.83 -3.96 -6.17
C3 LOB K . -24.40 -3.89 -5.10
C1 LOB K . -24.12 -2.70 -4.20
C2 LOB K . -23.18 -1.75 -4.59
C5 LOB K . -22.91 -0.64 -3.79
C6 LOB K . -23.57 -0.48 -2.57
C7 LOB K . -24.51 -1.42 -2.17
C4 LOB K . -24.79 -2.52 -2.98
C8 LOB K . -25.39 -5.00 -4.75
C9 LOB K . -24.80 -6.39 -4.50
C12 LOB K . -23.75 -6.80 -5.51
C15 LOB K . -23.37 -8.24 -5.25
C13 LOB K . -24.51 -9.14 -5.67
C11 LOB K . -25.89 -8.73 -5.13
N1 LOB K . -25.92 -7.38 -4.52
C22 LOB K . -26.75 -7.32 -3.32
C14 LOB K . -26.94 -8.79 -6.25
C16 LOB K . -28.38 -8.83 -5.71
O2 LOB K . -28.94 -7.52 -5.83
C17 LOB K . -29.28 -9.79 -6.41
C18 LOB K . -29.34 -9.89 -7.79
C20 LOB K . -30.21 -10.80 -8.41
C21 LOB K . -31.03 -11.62 -7.63
C10 LOB K . -30.99 -11.51 -6.24
C19 LOB K . -30.12 -10.60 -5.64
O1 LOB L . -44.74 -5.61 -24.74
C3 LOB L . -45.94 -5.57 -24.94
C1 LOB L . -46.80 -4.61 -24.15
C2 LOB L . -46.20 -3.82 -23.16
C5 LOB L . -46.94 -2.92 -22.41
C6 LOB L . -48.31 -2.80 -22.62
C7 LOB L . -48.92 -3.57 -23.60
C4 LOB L . -48.17 -4.47 -24.36
C8 LOB L . -46.51 -6.47 -26.03
C9 LOB L . -46.52 -7.98 -25.75
C12 LOB L . -45.22 -8.50 -25.17
C15 LOB L . -45.35 -9.97 -24.99
C13 LOB L . -45.30 -10.65 -26.34
C11 LOB L . -46.18 -10.02 -27.42
N1 LOB L . -46.74 -8.67 -27.05
C22 LOB L . -48.14 -8.54 -27.47
C14 LOB L . -45.42 -9.94 -28.75
C16 LOB L . -46.34 -9.65 -29.94
O2 LOB L . -46.33 -8.25 -30.13
C17 LOB L . -45.99 -10.24 -31.26
C18 LOB L . -44.72 -10.12 -31.80
C20 LOB L . -44.44 -10.66 -33.05
C21 LOB L . -45.43 -11.32 -33.78
C10 LOB L . -46.70 -11.42 -33.25
C19 LOB L . -46.98 -10.87 -32.00
O1 LOB M . -33.64 -1.11 -50.15
C3 LOB M . -33.95 -0.84 -51.30
C1 LOB M . -34.98 0.25 -51.54
C2 LOB M . -35.70 0.77 -50.45
C5 LOB M . -36.65 1.77 -50.64
C6 LOB M . -36.89 2.28 -51.92
C7 LOB M . -36.19 1.78 -53.00
C4 LOB M . -35.23 0.78 -52.81
C8 LOB M . -33.25 -1.51 -52.47
C9 LOB M . -33.48 -3.01 -52.68
C12 LOB M . -33.61 -3.81 -51.42
C15 LOB M . -33.70 -5.25 -51.81
C13 LOB M . -32.33 -5.72 -52.24
C11 LOB M . -31.70 -4.86 -53.33
N1 LOB M . -32.30 -3.50 -53.46
C22 LOB M . -32.36 -3.04 -54.85
C14 LOB M . -30.20 -4.72 -53.07
C16 LOB M . -29.46 -4.07 -54.25
O2 LOB M . -29.38 -2.67 -54.02
C17 LOB M . -28.11 -4.65 -54.50
C18 LOB M . -27.20 -4.82 -53.46
C20 LOB M . -25.94 -5.36 -53.74
C21 LOB M . -25.59 -5.72 -55.04
C10 LOB M . -26.50 -5.53 -56.07
C19 LOB M . -27.76 -4.99 -55.80
O1 LOB N . -6.17 3.07 -47.44
C3 LOB N . -5.11 3.50 -47.87
C1 LOB N . -5.14 4.75 -48.72
C2 LOB N . -6.37 5.40 -48.95
C5 LOB N . -6.44 6.56 -49.73
C6 LOB N . -5.28 7.10 -50.28
C7 LOB N . -4.05 6.47 -50.06
C4 LOB N . -3.99 5.31 -49.27
C8 LOB N . -3.85 2.77 -47.46
C9 LOB N . -3.59 1.42 -48.16
C12 LOB N . -4.81 0.52 -48.13
C15 LOB N . -4.41 -0.85 -48.60
C13 LOB N . -3.54 -1.49 -47.54
C11 LOB N . -2.32 -0.67 -47.13
N1 LOB N . -2.44 0.78 -47.48
C22 LOB N . -1.17 1.33 -47.96
C14 LOB N . -2.10 -0.83 -45.63
C16 LOB N . -0.74 -0.30 -45.17
O2 LOB N . -0.93 1.02 -44.71
C17 LOB N . -0.05 -1.11 -44.12
C18 LOB N . -0.70 -1.67 -43.04
C20 LOB N . 0.02 -2.42 -42.11
C21 LOB N . 1.40 -2.61 -42.25
C10 LOB N . 2.05 -2.04 -43.33
C19 LOB N . 1.33 -1.30 -44.25
O1 LOB O . -0.31 1.66 -20.03
C3 LOB O . 0.55 1.98 -19.21
C1 LOB O . 1.21 3.34 -19.32
C2 LOB O . 0.90 4.17 -20.41
C5 LOB O . 1.50 5.43 -20.52
C6 LOB O . 2.39 5.87 -19.55
C7 LOB O . 2.70 5.07 -18.47
C4 LOB O . 2.11 3.81 -18.36
C8 LOB O . 0.89 1.03 -18.07
C9 LOB O . 1.44 -0.37 -18.42
C12 LOB O . 0.99 -0.93 -19.75
C15 LOB O . 1.67 -2.28 -19.89
C13 LOB O . 1.00 -3.24 -18.93
C11 LOB O . 0.98 -2.78 -17.48
N1 LOB O . 1.05 -1.30 -17.34
C22 LOB O . 1.71 -0.92 -16.09
C14 LOB O . -0.32 -3.30 -16.82
C16 LOB O . -0.34 -3.12 -15.29
O2 LOB O . -0.96 -1.87 -15.01
C17 LOB O . -1.08 -4.19 -14.56
C18 LOB O . -2.31 -4.67 -14.97
C20 LOB O . -2.96 -5.66 -14.25
C21 LOB O . -2.38 -6.20 -13.10
C10 LOB O . -1.16 -5.70 -12.67
C19 LOB O . -0.51 -4.71 -13.40
O1 LOB P . 9.71 -2.10 50.34
C3 LOB P . 9.58 -2.46 51.50
C1 LOB P . 8.91 -3.79 51.79
C2 LOB P . 8.59 -4.64 50.72
C5 LOB P . 7.97 -5.87 50.96
C6 LOB P . 7.67 -6.26 52.26
C7 LOB P . 7.99 -5.42 53.32
C4 LOB P . 8.60 -4.19 53.09
C8 LOB P . 10.15 -1.58 52.59
C9 LOB P . 9.48 -0.21 52.80
C12 LOB P . 9.16 0.51 51.51
C15 LOB P . 8.55 1.85 51.85
C13 LOB P . 9.65 2.76 52.36
C11 LOB P . 10.51 2.14 53.47
N1 LOB P . 10.41 0.65 53.57
C22 LOB P . 10.51 0.21 54.96
C14 LOB P . 11.97 2.56 53.23
C16 LOB P . 12.88 2.28 54.44
O2 LOB P . 13.54 1.03 54.24
C17 LOB P . 13.90 3.34 54.69
C18 LOB P . 14.74 3.82 53.68
C20 LOB P . 15.68 4.80 53.95
C21 LOB P . 15.83 5.32 55.23
C10 LOB P . 15.01 4.83 56.25
C19 LOB P . 14.06 3.85 55.97
O1 LOB Q . 37.45 2.52 48.11
C3 LOB Q . 38.49 2.43 48.73
C1 LOB Q . 38.73 1.20 49.58
C2 LOB Q . 37.67 0.33 49.85
C5 LOB Q . 37.86 -0.82 50.63
C6 LOB Q . 39.11 -1.11 51.15
C7 LOB Q . 40.18 -0.25 50.88
C4 LOB Q . 39.99 0.89 50.11
C8 LOB Q . 39.53 3.53 48.58
C9 LOB Q . 39.18 4.94 49.09
C12 LOB Q . 37.75 5.38 48.84
C15 LOB Q . 37.65 6.81 49.31
C13 LOB Q . 38.37 7.72 48.33
C11 LOB Q . 39.77 7.25 47.93
N1 LOB Q . 40.09 5.87 48.39
C22 LOB Q . 41.48 5.72 48.80
C14 LOB Q . 39.95 7.32 46.40
C16 LOB Q . 41.43 7.33 45.99
O2 LOB Q . 41.79 6.02 45.55
C17 LOB Q . 41.82 8.28 44.91
C18 LOB Q . 41.07 8.45 43.75
C20 LOB Q . 41.49 9.35 42.77
C21 LOB Q . 42.66 10.07 42.92
C10 LOB Q . 43.42 9.89 44.07
C19 LOB Q . 43.00 9.00 45.06
O1 LOB R . 43.34 4.89 21.07
C3 LOB R . 44.23 4.83 20.22
C1 LOB R . 45.27 3.75 20.34
C2 LOB R . 45.28 2.91 21.46
C5 LOB R . 46.24 1.90 21.60
C6 LOB R . 47.20 1.72 20.59
C7 LOB R . 47.20 2.54 19.48
C4 LOB R . 46.24 3.54 19.35
C8 LOB R . 44.16 5.79 19.05
C9 LOB R . 44.50 7.25 19.32
C12 LOB R . 43.80 7.79 20.54
C15 LOB R . 43.96 9.28 20.58
C13 LOB R . 43.08 9.88 19.51
C11 LOB R . 43.33 9.31 18.12
N1 LOB R . 44.05 8.00 18.13
C22 LOB R . 44.95 7.84 16.99
C14 LOB R . 41.97 9.14 17.41
C16 LOB R . 42.08 9.00 15.89
O2 LOB R . 41.96 7.62 15.60
C17 LOB R . 41.05 9.76 15.11
C18 LOB R . 39.71 9.81 15.47
C20 LOB R . 38.79 10.54 14.72
C21 LOB R . 39.20 11.22 13.58
C10 LOB R . 40.54 11.17 13.19
C19 LOB R . 41.46 10.44 13.95
O1 LOB S . 19.65 2.38 6.11
C3 LOB S . 19.05 2.12 5.09
C1 LOB S . 19.60 1.09 4.14
C2 LOB S . 20.80 0.44 4.47
C5 LOB S . 21.35 -0.52 3.62
C6 LOB S . 20.69 -0.85 2.43
C7 LOB S . 19.50 -0.21 2.10
C4 LOB S . 18.95 0.75 2.95
C8 LOB S . 17.73 2.83 4.88
C9 LOB S . 17.83 4.28 4.47
C12 LOB S . 18.76 5.06 5.38
C15 LOB S . 18.54 6.53 5.14
C13 LOB S . 17.18 6.90 5.69
C11 LOB S . 16.03 6.11 5.06
N1 LOB S . 16.45 4.81 4.50
C22 LOB S . 15.72 4.48 3.27
C14 LOB S . 14.97 5.89 6.13
C16 LOB S . 13.66 5.34 5.56
O2 LOB S . 13.67 3.93 5.72
C17 LOB S . 12.43 5.95 6.16
C18 LOB S . 12.31 6.20 7.53
C20 LOB S . 11.14 6.80 8.02
C21 LOB S . 10.10 7.14 7.17
C10 LOB S . 10.21 6.89 5.81
C19 LOB S . 11.38 6.30 5.32
O1 LOB T . -0.96 -2.27 24.61
C3 LOB T . -2.09 -2.72 24.72
C1 LOB T . -2.46 -3.99 24.00
C2 LOB T . -1.55 -4.57 23.11
C5 LOB T . -1.85 -5.76 22.44
C6 LOB T . -3.08 -6.38 22.65
C7 LOB T . -3.99 -5.82 23.53
C4 LOB T . -3.69 -4.64 24.20
C8 LOB T . -3.07 -2.02 25.63
C9 LOB T . -3.46 -0.57 25.33
C12 LOB T . -2.35 0.26 24.73
C15 LOB T . -2.89 1.66 24.57
C13 LOB T . -2.97 2.29 25.94
C11 LOB T . -3.77 1.48 26.96
N1 LOB T . -3.91 0.04 26.59
C22 LOB T . -5.19 -0.52 27.03
C14 LOB T . -3.11 1.59 28.35
C16 LOB T . -3.99 1.13 29.50
O2 LOB T . -3.62 -0.21 29.82
C17 LOB T . -3.91 1.93 30.74
C18 LOB T . -2.72 2.44 31.25
C20 LOB T . -2.70 3.20 32.41
C21 LOB T . -3.88 3.46 33.09
C10 LOB T . -5.07 2.96 32.60
C19 LOB T . -5.09 2.21 31.44
#